data_5FIX
#
_entry.id   5FIX
#
_cell.length_a   74.734
_cell.length_b   205.219
_cell.length_c   146.071
_cell.angle_alpha   90.00
_cell.angle_beta   90.00
_cell.angle_gamma   90.00
#
_symmetry.space_group_name_H-M   'P 21 21 2'
#
loop_
_entity.id
_entity.type
_entity.pdbx_description
1 polymer BETA-FRUCTOFURANOSIDASE
2 branched alpha-D-mannopyranose-(1-2)-alpha-D-mannopyranose-(1-3)-[alpha-D-mannopyranose-(1-3)-alpha-D-mannopyranose-(1-6)]beta-D-mannopyranose-(1-4)-2-acetamido-2-deoxy-beta-D-glucopyranose-(1-4)-2-acetamido-2-deoxy-beta-D-glucopyranose
3 branched alpha-D-mannopyranose-(1-2)-alpha-D-mannopyranose-(1-2)-alpha-D-mannopyranose-(1-3)-[alpha-D-mannopyranose-(1-2)-alpha-D-mannopyranose-(1-6)-[alpha-D-mannopyranose-(1-3)]alpha-D-mannopyranose-(1-6)]beta-D-mannopyranose-(1-4)-2-acetamido-2-deoxy-beta-D-glucopyranose-(1-4)-2-acetamido-2-deoxy-beta-D-glucopyranose
4 branched 2-acetamido-2-deoxy-beta-D-glucopyranose-(1-4)-2-acetamido-2-deoxy-beta-D-glucopyranose
5 branched alpha-D-mannopyranose-(1-3)-alpha-D-mannopyranose-(1-6)-[alpha-D-mannopyranose-(1-3)]beta-D-mannopyranose-(1-4)-2-acetamido-2-deoxy-beta-D-glucopyranose-(1-4)-2-acetamido-2-deoxy-beta-D-glucopyranose
6 branched beta-D-fructofuranose-(2-1)-alpha-D-glucopyranose
7 non-polymer 2-acetamido-2-deoxy-beta-D-glucopyranose
8 water water
#
_entity_poly.entity_id   1
_entity_poly.type   'polypeptide(L)'
_entity_poly.pdbx_seq_one_letter_code
;MIAPLLKTLPFLAAAYAAELDLPNFSALNRRQDNSTSSSAGCSLDQTVAPGNLTLCGNATLFTTFRPKARFIAPEGWMNA
PMGLYQRADGSIHAGYQSHPKHIQWGNISQGAAYSSDFTSWTDFNGSEGYKTIWPSQIYDIRGVFDGSIIKEGIDGYPTI
LYTSTSFGPLGATLNEAEGTETQSLAYTTDDGASWIKLGYGAGQNPVIYEWPETNLTGFRDPYVFQSPRLEALLANTTSI
TNATGDHFATISGGVHGDGARLFLYRQHTTGEFIKWTYLGPLVTTGYKESYGEWSGNYGINFETAGVTRLNPAGAAWDNG
SDTTAVDFVTFGTEQGRADHQNHWPLWAAVDYEVRDNGSIEAVIAYSGVQDWGRSYAYASFPVEGYRQVSVGWIYEDDDN
VILAKQFGYQGAFTLFRDLFVKVVENVSPSTPGLFEQASWSTKNSTDGMSVTVTTLGQRVVPETLAAYKGNSTVSTLAPV
MLNESAAAYTPFSSQPTDRFYALTGSFEFGLNTTAKAGFRVLASEEEYTDIWFDPASENLTVVRTASSLIKSFGNDTELA
KVKLYEIVGAESKTLNLTVFVDGSVIEIYANDEVALSTRAYPWLANSTGAGLLADGTTAGDVVGVSGLELWDGLVDAWPA
RPANTSQGLVWDGPTAAMYGLFAGY
;
_entity_poly.pdbx_strand_id   A,B
#
loop_
_chem_comp.id
_chem_comp.type
_chem_comp.name
_chem_comp.formula
BMA D-saccharide, beta linking beta-D-mannopyranose 'C6 H12 O6'
FRU D-saccharide, beta linking beta-D-fructofuranose 'C6 H12 O6'
GLC D-saccharide, alpha linking alpha-D-glucopyranose 'C6 H12 O6'
MAN D-saccharide, alpha linking alpha-D-mannopyranose 'C6 H12 O6'
NAG D-saccharide, beta linking 2-acetamido-2-deoxy-beta-D-glucopyranose 'C8 H15 N O6'
#
# COMPACT_ATOMS: atom_id res chain seq x y z
N CYS A 42 -0.27 -33.20 26.98
CA CYS A 42 -0.15 -32.65 25.60
C CYS A 42 1.29 -32.36 25.23
N SER A 43 1.83 -33.17 24.32
CA SER A 43 3.15 -32.92 23.75
C SER A 43 2.94 -32.23 22.41
N LEU A 44 3.78 -31.23 22.14
CA LEU A 44 3.80 -30.55 20.84
C LEU A 44 5.01 -30.95 20.02
N ASP A 45 5.51 -32.17 20.23
CA ASP A 45 6.70 -32.66 19.54
C ASP A 45 6.27 -33.10 18.16
N GLN A 46 6.63 -32.31 17.16
CA GLN A 46 6.31 -32.62 15.76
C GLN A 46 7.37 -33.47 15.05
N THR A 47 8.32 -34.03 15.79
CA THR A 47 9.25 -35.02 15.25
C THR A 47 8.81 -36.45 15.56
N VAL A 48 7.76 -36.63 16.34
CA VAL A 48 7.19 -37.96 16.60
C VAL A 48 5.70 -37.93 16.30
N ALA A 49 5.09 -39.11 16.32
CA ALA A 49 3.67 -39.26 16.04
C ALA A 49 2.85 -38.41 17.01
N PRO A 50 1.70 -37.88 16.54
CA PRO A 50 0.89 -37.05 17.43
C PRO A 50 0.25 -37.83 18.56
N GLY A 51 0.23 -37.27 19.76
CA GLY A 51 -0.47 -37.88 20.86
C GLY A 51 -1.98 -37.66 20.76
N ASN A 52 -2.61 -37.64 21.92
CA ASN A 52 -4.02 -37.31 22.01
C ASN A 52 -4.08 -35.78 22.12
N LEU A 53 -4.31 -35.12 20.99
CA LEU A 53 -4.26 -33.65 20.95
C LEU A 53 -5.48 -32.99 21.60
N THR A 54 -6.56 -33.74 21.79
CA THR A 54 -7.73 -33.26 22.55
C THR A 54 -7.44 -32.94 24.02
N LEU A 55 -6.30 -33.41 24.55
CA LEU A 55 -5.84 -33.02 25.89
C LEU A 55 -5.14 -31.65 25.92
N CYS A 56 -4.79 -31.10 24.77
CA CYS A 56 -4.06 -29.84 24.71
C CYS A 56 -4.98 -28.70 25.13
N GLY A 57 -4.40 -27.66 25.69
CA GLY A 57 -5.15 -26.49 26.15
C GLY A 57 -5.63 -25.63 25.00
N ASN A 58 -6.42 -24.61 25.37
CA ASN A 58 -6.97 -23.67 24.40
C ASN A 58 -5.88 -22.93 23.66
N ALA A 59 -5.97 -22.87 22.33
CA ALA A 59 -4.99 -22.14 21.51
C ALA A 59 -3.52 -22.65 21.61
N THR A 60 -3.30 -23.87 22.11
CA THR A 60 -1.94 -24.44 22.16
C THR A 60 -1.47 -24.85 20.77
N LEU A 61 -2.41 -25.13 19.85
CA LEU A 61 -2.09 -25.37 18.45
C LEU A 61 -2.35 -24.14 17.56
N PHE A 62 -2.21 -22.94 18.10
CA PHE A 62 -2.56 -21.71 17.37
C PHE A 62 -1.74 -21.52 16.09
N THR A 63 -0.42 -21.63 16.19
CA THR A 63 0.44 -21.44 15.02
C THR A 63 0.70 -22.68 14.18
N THR A 64 0.37 -23.87 14.69
CA THR A 64 0.77 -25.15 14.07
C THR A 64 0.31 -25.31 12.62
N PHE A 65 -0.94 -24.99 12.35
CA PHE A 65 -1.52 -25.14 11.01
C PHE A 65 -1.98 -23.82 10.39
N ARG A 66 -1.57 -22.69 10.96
CA ARG A 66 -2.23 -21.42 10.70
C ARG A 66 -1.71 -20.75 9.42
N PRO A 67 -2.62 -20.33 8.51
CA PRO A 67 -2.17 -19.54 7.36
C PRO A 67 -1.49 -18.25 7.79
N LYS A 68 -0.46 -17.86 7.04
CA LYS A 68 0.29 -16.61 7.25
C LYS A 68 0.19 -15.60 6.09
N ALA A 69 -0.20 -16.06 4.90
CA ALA A 69 -0.09 -15.24 3.67
C ALA A 69 -1.42 -14.75 3.09
N ARG A 70 -2.48 -14.81 3.91
CA ARG A 70 -3.83 -14.50 3.45
C ARG A 70 -4.63 -13.80 4.54
N PHE A 71 -5.81 -13.33 4.16
CA PHE A 71 -6.72 -12.67 5.08
C PHE A 71 -7.27 -13.73 6.05
N ILE A 72 -7.13 -13.44 7.34
CA ILE A 72 -7.68 -14.24 8.42
C ILE A 72 -7.87 -13.32 9.63
N ALA A 73 -8.88 -13.60 10.43
CA ALA A 73 -9.12 -12.87 11.67
C ALA A 73 -7.94 -13.00 12.64
N PRO A 74 -7.78 -12.06 13.59
CA PRO A 74 -6.69 -12.25 14.59
C PRO A 74 -6.83 -13.53 15.42
N GLU A 75 -8.06 -13.93 15.73
CA GLU A 75 -8.35 -15.13 16.49
C GLU A 75 -9.84 -15.46 16.40
N GLY A 76 -10.19 -16.65 16.89
CA GLY A 76 -11.57 -17.04 17.04
C GLY A 76 -12.25 -17.40 15.73
N TRP A 77 -13.56 -17.29 15.75
CA TRP A 77 -14.39 -17.70 14.64
C TRP A 77 -14.55 -16.60 13.58
N MET A 78 -14.38 -16.96 12.32
CA MET A 78 -14.84 -16.13 11.19
C MET A 78 -15.59 -16.98 10.17
N ASN A 79 -16.47 -16.32 9.42
CA ASN A 79 -17.02 -16.92 8.22
C ASN A 79 -17.07 -15.90 7.06
N ALA A 80 -18.24 -15.61 6.51
CA ALA A 80 -18.40 -14.89 5.24
C ALA A 80 -17.71 -13.52 5.21
N PRO A 81 -17.03 -13.21 4.11
CA PRO A 81 -16.66 -11.83 3.83
C PRO A 81 -17.91 -10.96 3.74
N MET A 82 -17.76 -9.69 4.08
CA MET A 82 -18.87 -8.75 4.04
C MET A 82 -18.32 -7.34 3.93
N GLY A 83 -19.21 -6.41 3.57
CA GLY A 83 -18.89 -4.98 3.61
C GLY A 83 -17.68 -4.56 2.79
N LEU A 84 -17.45 -5.25 1.67
CA LEU A 84 -16.28 -5.03 0.86
C LEU A 84 -16.42 -3.77 0.01
N TYR A 85 -15.43 -2.89 0.07
CA TYR A 85 -15.41 -1.73 -0.83
C TYR A 85 -14.04 -1.13 -0.92
N GLN A 86 -13.79 -0.49 -2.05
CA GLN A 86 -12.58 0.31 -2.24
C GLN A 86 -12.85 1.71 -1.71
N ARG A 87 -12.05 2.12 -0.75
CA ARG A 87 -12.23 3.40 -0.07
C ARG A 87 -11.73 4.53 -0.97
N ALA A 88 -12.05 5.75 -0.60
CA ALA A 88 -11.69 6.96 -1.35
C ALA A 88 -10.18 7.09 -1.60
N ASP A 89 -9.36 6.62 -0.66
CA ASP A 89 -7.90 6.64 -0.81
C ASP A 89 -7.34 5.51 -1.67
N GLY A 90 -8.22 4.67 -2.20
CA GLY A 90 -7.81 3.56 -3.05
C GLY A 90 -7.58 2.26 -2.30
N SER A 91 -7.54 2.28 -0.97
CA SER A 91 -7.33 1.07 -0.18
C SER A 91 -8.60 0.21 -0.20
N ILE A 92 -8.44 -1.05 0.17
CA ILE A 92 -9.55 -2.01 0.21
C ILE A 92 -9.98 -2.19 1.67
N HIS A 93 -11.26 -1.97 1.94
CA HIS A 93 -11.88 -2.31 3.22
C HIS A 93 -12.52 -3.68 3.09
N ALA A 94 -12.15 -4.60 3.97
CA ALA A 94 -12.74 -5.92 4.02
C ALA A 94 -13.31 -6.18 5.40
N GLY A 95 -14.60 -6.49 5.42
CA GLY A 95 -15.25 -6.97 6.61
C GLY A 95 -15.42 -8.48 6.58
N TYR A 96 -15.76 -9.04 7.74
CA TYR A 96 -16.07 -10.47 7.83
C TYR A 96 -16.93 -10.80 9.02
N GLN A 97 -17.78 -11.81 8.84
CA GLN A 97 -18.56 -12.35 9.92
C GLN A 97 -17.57 -12.89 11.00
N SER A 98 -17.72 -12.44 12.24
CA SER A 98 -16.73 -12.63 13.29
C SER A 98 -17.36 -12.93 14.63
N HIS A 99 -16.77 -13.89 15.36
CA HIS A 99 -17.11 -14.15 16.77
C HIS A 99 -15.82 -14.35 17.55
N PRO A 100 -15.20 -13.25 18.02
CA PRO A 100 -13.97 -13.34 18.79
C PRO A 100 -14.07 -14.19 20.07
N LYS A 101 -12.96 -14.84 20.41
CA LYS A 101 -12.81 -15.62 21.66
C LYS A 101 -13.79 -16.79 21.75
N HIS A 102 -14.27 -17.24 20.59
CA HIS A 102 -15.11 -18.41 20.45
C HIS A 102 -14.61 -19.15 19.22
N ILE A 103 -14.97 -20.44 19.11
CA ILE A 103 -14.65 -21.24 17.93
C ILE A 103 -15.85 -21.86 17.23
N GLN A 104 -17.05 -21.44 17.65
CA GLN A 104 -18.26 -21.64 16.88
C GLN A 104 -18.94 -20.29 16.65
N TRP A 105 -19.81 -20.26 15.66
CA TRP A 105 -20.58 -19.07 15.28
C TRP A 105 -21.46 -18.54 16.43
N GLY A 106 -21.63 -17.23 16.48
CA GLY A 106 -22.54 -16.60 17.43
C GLY A 106 -22.30 -15.11 17.54
N ASN A 107 -23.26 -14.39 18.13
CA ASN A 107 -23.21 -12.93 18.28
C ASN A 107 -22.60 -12.27 17.06
N ILE A 108 -23.05 -12.69 15.89
CA ILE A 108 -22.19 -12.53 14.73
C ILE A 108 -22.07 -11.02 14.42
N SER A 109 -20.84 -10.61 14.17
CA SER A 109 -20.46 -9.21 14.09
C SER A 109 -19.57 -9.01 12.86
N GLN A 110 -19.38 -7.75 12.47
CA GLN A 110 -18.39 -7.43 11.43
C GLN A 110 -17.04 -7.14 12.06
N GLY A 111 -16.07 -8.00 11.81
CA GLY A 111 -14.65 -7.68 12.01
C GLY A 111 -14.16 -6.99 10.74
N ALA A 112 -13.13 -6.17 10.84
CA ALA A 112 -12.64 -5.46 9.68
C ALA A 112 -11.16 -5.18 9.67
N ALA A 113 -10.66 -5.02 8.46
CA ALA A 113 -9.27 -4.64 8.20
C ALA A 113 -9.17 -3.93 6.85
N TYR A 114 -8.01 -3.35 6.58
CA TYR A 114 -7.75 -2.67 5.33
C TYR A 114 -6.38 -2.99 4.72
N SER A 115 -6.27 -2.78 3.41
CA SER A 115 -5.06 -3.08 2.65
C SER A 115 -4.97 -2.18 1.44
N SER A 116 -3.76 -1.81 1.04
CA SER A 116 -3.59 -1.08 -0.20
C SER A 116 -3.31 -1.99 -1.41
N ASP A 117 -3.15 -3.29 -1.21
CA ASP A 117 -2.74 -4.19 -2.31
C ASP A 117 -3.38 -5.59 -2.26
N PHE A 118 -4.50 -5.73 -1.54
CA PHE A 118 -5.16 -7.02 -1.28
C PHE A 118 -4.35 -8.04 -0.48
N THR A 119 -3.11 -7.70 -0.10
CA THR A 119 -2.14 -8.72 0.28
C THR A 119 -1.58 -8.53 1.68
N SER A 120 -1.12 -7.31 1.97
CA SER A 120 -0.68 -6.92 3.29
C SER A 120 -1.78 -6.11 3.98
N TRP A 121 -2.21 -6.55 5.16
CA TRP A 121 -3.40 -6.03 5.83
C TRP A 121 -3.07 -5.43 7.18
N THR A 122 -3.94 -4.54 7.62
CA THR A 122 -3.91 -3.96 8.96
C THR A 122 -5.29 -3.99 9.59
N ASP A 123 -5.37 -4.48 10.83
CA ASP A 123 -6.62 -4.56 11.56
C ASP A 123 -7.10 -3.17 11.98
N PHE A 124 -8.40 -2.95 11.99
CA PHE A 124 -8.95 -1.81 12.72
C PHE A 124 -8.83 -2.13 14.20
N ASN A 125 -8.68 -1.09 15.02
CA ASN A 125 -8.63 -1.19 16.47
C ASN A 125 -9.46 -0.06 17.06
N GLY A 126 -10.58 -0.40 17.65
CA GLY A 126 -11.50 0.56 18.27
C GLY A 126 -11.91 0.05 19.64
N SER A 127 -13.00 0.59 20.15
CA SER A 127 -13.49 0.21 21.47
C SER A 127 -13.90 -1.27 21.56
N GLU A 128 -14.25 -1.89 20.42
CA GLU A 128 -14.56 -3.33 20.40
C GLU A 128 -13.48 -4.11 19.66
N GLY A 129 -12.24 -3.69 19.81
CA GLY A 129 -11.11 -4.36 19.20
C GLY A 129 -11.13 -4.23 17.69
N TYR A 130 -11.19 -5.37 17.00
CA TYR A 130 -11.21 -5.37 15.55
C TYR A 130 -12.65 -5.46 14.98
N LYS A 131 -13.65 -5.48 15.86
CA LYS A 131 -15.05 -5.37 15.41
C LYS A 131 -15.38 -3.93 15.09
N THR A 132 -16.24 -3.74 14.09
CA THR A 132 -16.79 -2.41 13.76
C THR A 132 -18.32 -2.33 13.72
N ILE A 133 -19.01 -3.46 13.63
CA ILE A 133 -20.46 -3.52 13.78
C ILE A 133 -20.79 -4.78 14.57
N TRP A 134 -21.72 -4.66 15.53
CA TRP A 134 -22.08 -5.74 16.42
C TRP A 134 -23.55 -5.66 16.77
N PRO A 135 -24.15 -6.79 17.21
CA PRO A 135 -25.51 -6.76 17.69
C PRO A 135 -25.69 -5.75 18.82
N SER A 136 -26.66 -4.85 18.66
CA SER A 136 -26.91 -3.79 19.65
C SER A 136 -28.36 -3.30 19.81
N GLN A 137 -29.27 -3.76 18.96
CA GLN A 137 -30.64 -3.27 18.92
C GLN A 137 -31.57 -4.46 18.82
N ILE A 138 -32.82 -4.29 19.23
CA ILE A 138 -33.80 -5.37 19.13
C ILE A 138 -33.84 -6.01 17.73
N TYR A 139 -33.68 -5.19 16.69
CA TYR A 139 -33.76 -5.63 15.30
C TYR A 139 -32.54 -6.42 14.79
N ASP A 140 -31.36 -6.23 15.41
CA ASP A 140 -30.17 -6.99 15.02
C ASP A 140 -29.46 -7.76 16.17
N ILE A 141 -30.12 -7.90 17.32
CA ILE A 141 -29.44 -8.45 18.51
C ILE A 141 -29.04 -9.92 18.33
N ARG A 142 -29.70 -10.64 17.43
CA ARG A 142 -29.43 -12.05 17.18
C ARG A 142 -28.27 -12.24 16.23
N GLY A 143 -27.80 -11.16 15.60
CA GLY A 143 -26.65 -11.22 14.70
C GLY A 143 -26.71 -10.14 13.62
N VAL A 144 -25.56 -9.51 13.38
CA VAL A 144 -25.29 -8.67 12.25
C VAL A 144 -24.75 -9.57 11.14
N PHE A 145 -25.65 -10.00 10.26
CA PHE A 145 -25.35 -10.94 9.18
C PHE A 145 -24.71 -10.16 8.01
N ASP A 146 -24.51 -10.84 6.87
CA ASP A 146 -23.85 -10.28 5.69
C ASP A 146 -24.52 -9.00 5.20
N GLY A 147 -23.71 -8.10 4.67
CA GLY A 147 -24.18 -6.87 4.04
C GLY A 147 -23.19 -6.37 3.03
N SER A 148 -23.59 -5.35 2.28
CA SER A 148 -22.81 -4.80 1.20
C SER A 148 -22.92 -3.27 1.19
N ILE A 149 -22.06 -2.64 0.40
CA ILE A 149 -21.78 -1.23 0.56
C ILE A 149 -22.42 -0.39 -0.55
N ILE A 150 -23.14 0.64 -0.12
CA ILE A 150 -23.50 1.77 -0.95
C ILE A 150 -22.40 2.82 -0.77
N LYS A 151 -21.61 3.07 -1.82
CA LYS A 151 -20.43 3.93 -1.65
C LYS A 151 -20.76 5.39 -1.37
N GLU A 152 -21.80 5.91 -2.01
CA GLU A 152 -22.32 7.25 -1.71
C GLU A 152 -23.71 7.19 -1.16
N GLY A 153 -23.80 7.03 0.15
CA GLY A 153 -25.05 6.71 0.83
C GLY A 153 -25.48 7.85 1.71
N ILE A 154 -25.87 7.52 2.93
CA ILE A 154 -26.43 8.48 3.88
C ILE A 154 -25.47 9.66 4.04
N ASP A 155 -25.96 10.88 3.77
CA ASP A 155 -25.15 12.11 3.84
C ASP A 155 -23.87 12.06 3.02
N GLY A 156 -23.88 11.30 1.92
CA GLY A 156 -22.70 11.09 1.09
C GLY A 156 -21.67 10.08 1.58
N TYR A 157 -21.90 9.45 2.73
CA TYR A 157 -20.91 8.53 3.31
C TYR A 157 -21.10 7.07 2.87
N PRO A 158 -20.01 6.28 2.90
CA PRO A 158 -20.21 4.86 2.65
C PRO A 158 -21.19 4.27 3.65
N THR A 159 -22.09 3.44 3.16
CA THR A 159 -23.25 2.99 3.88
C THR A 159 -23.39 1.50 3.62
N ILE A 160 -23.63 0.75 4.70
CA ILE A 160 -23.82 -0.69 4.58
C ILE A 160 -25.30 -1.01 4.72
N LEU A 161 -25.79 -1.86 3.83
CA LEU A 161 -27.10 -2.46 3.97
C LEU A 161 -26.82 -3.89 4.36
N TYR A 162 -27.32 -4.31 5.51
CA TYR A 162 -26.99 -5.63 6.09
C TYR A 162 -28.21 -6.33 6.63
N THR A 163 -28.11 -7.65 6.77
CA THR A 163 -29.20 -8.39 7.39
C THR A 163 -29.12 -8.29 8.91
N SER A 164 -30.12 -7.62 9.49
CA SER A 164 -30.30 -7.49 10.91
C SER A 164 -31.24 -8.59 11.35
N THR A 165 -30.80 -9.43 12.29
CA THR A 165 -31.60 -10.57 12.75
C THR A 165 -32.05 -10.39 14.20
N SER A 166 -33.25 -10.90 14.47
CA SER A 166 -33.83 -10.90 15.80
C SER A 166 -34.24 -12.34 16.15
N PHE A 167 -35.13 -12.50 17.13
N PHE A 167 -35.12 -12.51 17.14
CA PHE A 167 -35.45 -13.80 17.68
CA PHE A 167 -35.44 -13.85 17.67
C PHE A 167 -36.33 -14.63 16.74
C PHE A 167 -36.30 -14.64 16.72
N GLY A 168 -36.33 -15.94 16.98
CA GLY A 168 -37.26 -16.86 16.35
C GLY A 168 -36.48 -17.89 15.57
N PRO A 169 -37.14 -18.98 15.17
CA PRO A 169 -36.49 -19.94 14.28
C PRO A 169 -35.95 -19.25 13.02
N LEU A 170 -34.71 -19.59 12.66
CA LEU A 170 -34.02 -19.00 11.54
C LEU A 170 -33.27 -20.13 10.82
N GLY A 171 -33.65 -20.38 9.57
CA GLY A 171 -32.97 -21.38 8.77
C GLY A 171 -33.85 -21.95 7.69
N ALA A 172 -33.21 -22.41 6.62
CA ALA A 172 -33.90 -22.93 5.46
C ALA A 172 -34.69 -24.21 5.74
N THR A 173 -34.28 -24.99 6.74
CA THR A 173 -35.00 -26.20 7.13
C THR A 173 -35.94 -25.99 8.32
N LEU A 174 -36.06 -24.76 8.83
CA LEU A 174 -36.92 -24.45 9.96
C LEU A 174 -38.11 -23.64 9.48
N ASN A 175 -39.03 -23.34 10.39
CA ASN A 175 -40.22 -22.58 10.06
C ASN A 175 -40.01 -21.13 10.48
N GLU A 176 -39.24 -20.40 9.68
CA GLU A 176 -38.92 -19.02 9.96
C GLU A 176 -40.15 -18.13 9.70
N ALA A 177 -40.24 -17.05 10.45
CA ALA A 177 -41.32 -16.09 10.29
C ALA A 177 -40.75 -14.71 9.98
N GLU A 178 -41.60 -13.91 9.37
CA GLU A 178 -41.31 -12.53 9.04
C GLU A 178 -40.85 -11.74 10.26
N GLY A 179 -39.84 -10.89 10.07
CA GLY A 179 -39.27 -10.10 11.16
C GLY A 179 -37.97 -10.67 11.73
N THR A 180 -37.80 -11.99 11.70
CA THR A 180 -36.58 -12.62 12.21
C THR A 180 -35.36 -12.15 11.42
N GLU A 181 -35.50 -12.00 10.10
CA GLU A 181 -34.46 -11.42 9.26
C GLU A 181 -35.01 -10.19 8.57
N THR A 182 -34.40 -9.04 8.83
CA THR A 182 -34.73 -7.79 8.17
C THR A 182 -33.46 -7.17 7.63
N GLN A 183 -33.56 -6.03 6.96
CA GLN A 183 -32.39 -5.39 6.38
C GLN A 183 -32.31 -3.95 6.86
N SER A 184 -31.12 -3.55 7.28
CA SER A 184 -30.88 -2.30 7.98
C SER A 184 -29.68 -1.59 7.43
N LEU A 185 -29.61 -0.29 7.70
CA LEU A 185 -28.53 0.56 7.25
C LEU A 185 -27.66 1.09 8.37
N ALA A 186 -26.37 1.23 8.05
CA ALA A 186 -25.46 1.99 8.88
C ALA A 186 -24.50 2.71 7.96
N TYR A 187 -23.91 3.81 8.44
CA TYR A 187 -22.94 4.55 7.63
C TYR A 187 -21.70 4.90 8.44
N THR A 188 -20.59 5.15 7.73
CA THR A 188 -19.34 5.48 8.39
C THR A 188 -18.85 6.87 8.01
N THR A 189 -18.49 7.66 9.02
CA THR A 189 -17.85 8.96 8.82
C THR A 189 -16.33 8.94 8.97
N ASP A 190 -15.76 7.76 9.22
CA ASP A 190 -14.32 7.64 9.48
C ASP A 190 -13.71 6.48 8.68
N ASP A 191 -14.21 6.28 7.47
CA ASP A 191 -13.66 5.29 6.54
C ASP A 191 -13.63 3.85 7.09
N GLY A 192 -14.66 3.48 7.86
CA GLY A 192 -14.83 2.11 8.32
C GLY A 192 -14.28 1.81 9.71
N ALA A 193 -13.70 2.79 10.40
CA ALA A 193 -13.30 2.60 11.82
C ALA A 193 -14.51 2.40 12.72
N SER A 194 -15.63 3.05 12.40
CA SER A 194 -16.89 2.87 13.12
C SER A 194 -18.07 3.07 12.17
N TRP A 195 -19.22 2.56 12.58
CA TRP A 195 -20.46 2.71 11.81
C TRP A 195 -21.56 3.20 12.74
N ILE A 196 -22.40 4.09 12.22
CA ILE A 196 -23.58 4.60 12.93
C ILE A 196 -24.83 4.06 12.26
N LYS A 197 -25.62 3.32 13.03
CA LYS A 197 -26.86 2.74 12.52
C LYS A 197 -27.93 3.82 12.53
N LEU A 198 -28.84 3.78 11.56
CA LEU A 198 -30.05 4.61 11.66
C LEU A 198 -30.82 4.17 12.90
N GLY A 199 -31.66 5.05 13.43
CA GLY A 199 -32.48 4.71 14.59
C GLY A 199 -33.45 3.59 14.30
N TYR A 200 -33.92 2.92 15.36
CA TYR A 200 -34.99 1.96 15.21
C TYR A 200 -36.32 2.70 15.10
N GLY A 201 -37.11 2.33 14.10
CA GLY A 201 -38.52 2.75 14.07
C GLY A 201 -39.07 2.98 12.69
N ALA A 202 -40.29 3.54 12.67
CA ALA A 202 -41.03 3.81 11.44
C ALA A 202 -40.27 4.79 10.61
N GLY A 203 -40.04 4.43 9.35
CA GLY A 203 -39.27 5.29 8.44
C GLY A 203 -37.78 5.25 8.67
N GLN A 204 -37.29 4.35 9.53
CA GLN A 204 -35.85 4.23 9.82
C GLN A 204 -35.53 2.73 9.78
N ASN A 205 -34.62 2.25 10.64
CA ASN A 205 -34.30 0.83 10.65
C ASN A 205 -35.37 -0.05 11.29
N PRO A 206 -35.54 -1.27 10.81
CA PRO A 206 -34.98 -1.76 9.56
C PRO A 206 -35.75 -1.17 8.37
N VAL A 207 -35.06 -1.04 7.24
CA VAL A 207 -35.62 -0.43 6.04
C VAL A 207 -36.33 -1.42 5.13
N ILE A 208 -35.97 -2.71 5.20
CA ILE A 208 -36.70 -3.74 4.49
C ILE A 208 -37.03 -4.84 5.48
N TYR A 209 -38.33 -5.11 5.65
CA TYR A 209 -38.84 -6.05 6.64
C TYR A 209 -39.96 -6.95 6.14
N GLU A 210 -40.74 -6.50 5.17
CA GLU A 210 -41.82 -7.31 4.63
C GLU A 210 -41.29 -8.38 3.69
N TRP A 211 -41.73 -9.61 3.91
CA TRP A 211 -41.43 -10.70 3.02
C TRP A 211 -42.15 -10.49 1.68
N PRO A 212 -41.41 -10.61 0.57
CA PRO A 212 -42.07 -10.42 -0.74
C PRO A 212 -43.01 -11.56 -1.13
N GLU A 213 -42.81 -12.76 -0.58
CA GLU A 213 -43.71 -13.91 -0.81
C GLU A 213 -43.80 -14.64 0.54
N THR A 214 -44.79 -15.54 0.71
CA THR A 214 -44.93 -16.25 1.98
C THR A 214 -43.99 -17.47 2.06
N ASN A 215 -43.82 -17.99 3.26
CA ASN A 215 -43.09 -19.25 3.49
C ASN A 215 -41.67 -19.25 2.92
N LEU A 216 -40.94 -18.15 3.14
CA LEU A 216 -39.56 -18.08 2.73
C LEU A 216 -38.70 -19.06 3.53
N THR A 217 -37.72 -19.63 2.85
CA THR A 217 -36.67 -20.41 3.48
C THR A 217 -35.59 -19.49 4.04
N GLY A 218 -35.51 -18.26 3.52
CA GLY A 218 -34.51 -17.31 3.98
C GLY A 218 -34.73 -15.96 3.37
N PHE A 219 -34.14 -14.93 3.97
CA PHE A 219 -34.35 -13.55 3.54
C PHE A 219 -33.19 -12.70 4.01
N ARG A 220 -32.07 -12.81 3.31
CA ARG A 220 -30.84 -12.20 3.79
C ARG A 220 -29.79 -11.93 2.71
N ASP A 221 -28.71 -11.30 3.16
CA ASP A 221 -27.51 -11.06 2.38
C ASP A 221 -27.76 -10.07 1.25
N PRO A 222 -28.20 -8.86 1.60
CA PRO A 222 -28.49 -7.86 0.58
C PRO A 222 -27.26 -7.44 -0.17
N TYR A 223 -27.36 -7.48 -1.50
CA TYR A 223 -26.26 -7.12 -2.36
C TYR A 223 -26.67 -5.88 -3.14
N VAL A 224 -26.05 -4.74 -2.83
CA VAL A 224 -26.38 -3.47 -3.44
C VAL A 224 -25.42 -3.22 -4.60
N PHE A 225 -25.95 -2.78 -5.73
CA PHE A 225 -25.13 -2.56 -6.92
C PHE A 225 -25.80 -1.53 -7.86
N GLN A 226 -24.96 -0.83 -8.61
CA GLN A 226 -25.42 0.03 -9.69
C GLN A 226 -25.36 -0.79 -10.97
N SER A 227 -26.24 -0.46 -11.91
CA SER A 227 -26.35 -1.21 -13.15
C SER A 227 -27.00 -0.38 -14.25
N PRO A 228 -26.18 0.29 -15.07
CA PRO A 228 -26.68 0.91 -16.31
C PRO A 228 -27.47 -0.07 -17.18
N ARG A 229 -27.02 -1.33 -17.21
CA ARG A 229 -27.72 -2.40 -17.90
C ARG A 229 -29.17 -2.54 -17.44
N LEU A 230 -29.37 -2.78 -16.14
CA LEU A 230 -30.73 -2.93 -15.62
C LEU A 230 -31.53 -1.64 -15.71
N GLU A 231 -30.89 -0.48 -15.52
CA GLU A 231 -31.59 0.80 -15.69
C GLU A 231 -32.13 0.99 -17.13
N ALA A 232 -31.33 0.63 -18.13
CA ALA A 232 -31.75 0.70 -19.53
C ALA A 232 -32.92 -0.23 -19.80
N LEU A 233 -32.86 -1.46 -19.28
CA LEU A 233 -33.93 -2.43 -19.46
C LEU A 233 -35.25 -2.03 -18.82
N LEU A 234 -35.20 -1.33 -17.69
CA LEU A 234 -36.40 -0.96 -16.95
C LEU A 234 -36.92 0.44 -17.26
N ALA A 235 -36.18 1.22 -18.05
CA ALA A 235 -36.49 2.64 -18.29
C ALA A 235 -37.89 2.87 -18.87
N ASN A 236 -38.39 1.96 -19.68
CA ASN A 236 -39.76 2.07 -20.22
C ASN A 236 -40.88 1.61 -19.31
N THR A 237 -40.54 1.07 -18.14
CA THR A 237 -41.52 0.53 -17.19
C THR A 237 -41.60 1.29 -15.85
N THR A 238 -40.87 2.39 -15.67
CA THR A 238 -40.81 3.03 -14.36
C THR A 238 -42.13 3.65 -13.91
N SER A 239 -43.04 3.95 -14.84
CA SER A 239 -44.43 4.33 -14.50
C SER A 239 -45.16 3.25 -13.74
N ILE A 240 -44.87 1.99 -14.02
CA ILE A 240 -45.60 0.90 -13.38
C ILE A 240 -45.24 0.78 -11.90
N THR A 241 -43.95 0.93 -11.58
CA THR A 241 -43.43 0.70 -10.22
C THR A 241 -43.07 1.97 -9.47
N ASN A 242 -42.87 3.08 -10.18
CA ASN A 242 -42.33 4.33 -9.64
C ASN A 242 -40.90 4.30 -9.08
N ALA A 243 -40.20 3.17 -9.26
CA ALA A 243 -38.84 3.02 -8.74
C ALA A 243 -37.84 3.48 -9.80
N THR A 244 -37.14 4.56 -9.52
CA THR A 244 -36.23 5.19 -10.47
C THR A 244 -34.82 5.42 -9.94
N GLY A 245 -34.50 4.86 -8.77
CA GLY A 245 -33.16 5.02 -8.20
C GLY A 245 -32.05 4.36 -9.00
N ASP A 246 -30.83 4.81 -8.76
CA ASP A 246 -29.65 4.28 -9.44
C ASP A 246 -28.99 3.08 -8.72
N HIS A 247 -29.55 2.63 -7.59
CA HIS A 247 -29.08 1.40 -6.92
C HIS A 247 -30.14 0.32 -6.95
N PHE A 248 -29.68 -0.90 -7.18
CA PHE A 248 -30.48 -2.11 -7.03
C PHE A 248 -29.97 -2.91 -5.82
N ALA A 249 -30.80 -3.82 -5.32
CA ALA A 249 -30.38 -4.73 -4.28
C ALA A 249 -31.07 -6.07 -4.49
N THR A 250 -30.29 -7.15 -4.44
CA THR A 250 -30.87 -8.47 -4.35
C THR A 250 -30.87 -8.94 -2.91
N ILE A 251 -31.85 -9.78 -2.57
CA ILE A 251 -31.91 -10.46 -1.29
C ILE A 251 -32.08 -11.95 -1.59
N SER A 252 -31.27 -12.77 -0.91
CA SER A 252 -31.16 -14.19 -1.15
C SER A 252 -32.11 -14.99 -0.29
N GLY A 253 -32.76 -15.97 -0.89
CA GLY A 253 -33.67 -16.82 -0.15
C GLY A 253 -34.23 -17.96 -0.96
N GLY A 254 -35.52 -18.23 -0.77
CA GLY A 254 -36.21 -19.35 -1.40
C GLY A 254 -37.59 -19.50 -0.81
N VAL A 255 -38.33 -20.50 -1.27
CA VAL A 255 -39.70 -20.76 -0.83
C VAL A 255 -39.77 -22.23 -0.45
N HIS A 256 -40.34 -22.50 0.71
CA HIS A 256 -40.40 -23.85 1.26
C HIS A 256 -41.04 -24.80 0.27
N GLY A 257 -40.36 -25.92 0.02
CA GLY A 257 -40.81 -26.92 -0.92
C GLY A 257 -40.65 -26.61 -2.39
N ASP A 258 -40.29 -25.36 -2.75
CA ASP A 258 -40.35 -24.91 -4.14
C ASP A 258 -39.09 -24.21 -4.68
N GLY A 259 -37.95 -24.44 -4.03
CA GLY A 259 -36.67 -23.99 -4.53
C GLY A 259 -36.25 -22.59 -4.12
N ALA A 260 -35.04 -22.25 -4.53
CA ALA A 260 -34.39 -20.98 -4.20
C ALA A 260 -34.91 -19.81 -5.01
N ARG A 261 -34.69 -18.61 -4.48
CA ARG A 261 -35.11 -17.36 -5.09
C ARG A 261 -34.09 -16.29 -4.80
N LEU A 262 -33.76 -15.49 -5.81
CA LEU A 262 -33.06 -14.24 -5.60
C LEU A 262 -34.05 -13.12 -5.91
N PHE A 263 -34.36 -12.30 -4.91
CA PHE A 263 -35.37 -11.24 -5.03
C PHE A 263 -34.72 -9.92 -5.41
N LEU A 264 -35.29 -9.21 -6.38
CA LEU A 264 -34.71 -7.95 -6.84
C LEU A 264 -35.52 -6.78 -6.31
N TYR A 265 -34.80 -5.81 -5.73
CA TYR A 265 -35.35 -4.55 -5.27
C TYR A 265 -34.65 -3.45 -6.01
N ARG A 266 -35.34 -2.32 -6.14
CA ARG A 266 -34.73 -1.13 -6.67
C ARG A 266 -34.98 0.01 -5.72
N GLN A 267 -33.91 0.77 -5.46
CA GLN A 267 -33.98 2.02 -4.73
C GLN A 267 -35.07 2.89 -5.36
N HIS A 268 -35.99 3.38 -4.54
CA HIS A 268 -37.16 4.06 -5.08
C HIS A 268 -36.80 5.40 -5.71
N THR A 269 -35.95 6.17 -5.04
CA THR A 269 -35.54 7.49 -5.50
C THR A 269 -34.07 7.70 -5.28
N THR A 270 -33.38 8.17 -6.32
CA THR A 270 -31.96 8.48 -6.26
C THR A 270 -31.67 9.42 -5.10
N GLY A 271 -30.58 9.14 -4.38
CA GLY A 271 -30.16 9.94 -3.24
C GLY A 271 -30.96 9.73 -1.97
N GLU A 272 -31.90 8.79 -1.96
CA GLU A 272 -32.69 8.48 -0.78
C GLU A 272 -32.59 6.99 -0.52
N PHE A 273 -32.37 6.59 0.74
CA PHE A 273 -31.95 5.22 1.04
C PHE A 273 -32.87 4.42 1.95
N ILE A 274 -34.01 5.00 2.31
CA ILE A 274 -34.97 4.32 3.16
C ILE A 274 -35.89 3.40 2.35
N LYS A 275 -36.38 3.90 1.22
CA LYS A 275 -37.41 3.18 0.46
C LYS A 275 -36.80 2.34 -0.68
N TRP A 276 -37.03 1.03 -0.63
CA TRP A 276 -36.57 0.07 -1.61
C TRP A 276 -37.81 -0.67 -2.10
N THR A 277 -38.00 -0.69 -3.42
CA THR A 277 -39.22 -1.25 -4.00
C THR A 277 -38.95 -2.63 -4.54
N TYR A 278 -39.71 -3.61 -4.09
CA TYR A 278 -39.62 -4.97 -4.59
C TYR A 278 -40.13 -5.00 -6.04
N LEU A 279 -39.29 -5.46 -6.96
CA LEU A 279 -39.71 -5.61 -8.36
C LEU A 279 -40.28 -7.00 -8.63
N GLY A 280 -39.50 -8.01 -8.27
CA GLY A 280 -39.88 -9.40 -8.50
C GLY A 280 -38.70 -10.33 -8.32
N PRO A 281 -38.92 -11.65 -8.46
CA PRO A 281 -37.81 -12.62 -8.42
C PRO A 281 -36.91 -12.49 -9.64
N LEU A 282 -35.61 -12.41 -9.41
CA LEU A 282 -34.63 -12.28 -10.46
C LEU A 282 -34.23 -13.67 -10.95
N VAL A 283 -33.91 -14.54 -10.00
CA VAL A 283 -33.56 -15.93 -10.30
C VAL A 283 -34.51 -16.83 -9.53
N THR A 284 -35.07 -17.81 -10.24
CA THR A 284 -35.97 -18.80 -9.68
C THR A 284 -35.46 -20.15 -10.14
N THR A 285 -35.11 -21.02 -9.20
CA THR A 285 -34.69 -22.37 -9.51
C THR A 285 -35.57 -23.34 -8.76
N GLY A 286 -35.51 -24.61 -9.15
CA GLY A 286 -36.37 -25.65 -8.61
C GLY A 286 -35.79 -26.31 -7.37
N TYR A 287 -36.66 -26.94 -6.59
CA TYR A 287 -36.24 -27.67 -5.37
C TYR A 287 -35.21 -28.76 -5.70
N LYS A 288 -33.97 -28.52 -5.27
CA LYS A 288 -32.82 -29.38 -5.57
C LYS A 288 -32.59 -29.67 -7.06
N GLU A 289 -32.98 -28.74 -7.92
CA GLU A 289 -32.69 -28.79 -9.36
C GLU A 289 -31.18 -28.74 -9.59
N SER A 290 -30.70 -29.49 -10.57
CA SER A 290 -29.30 -29.45 -10.99
C SER A 290 -29.23 -29.26 -12.50
N TYR A 291 -28.34 -28.38 -12.93
CA TYR A 291 -28.06 -28.20 -14.37
C TYR A 291 -27.05 -29.25 -14.87
N GLY A 292 -26.45 -30.03 -13.96
CA GLY A 292 -25.66 -31.18 -14.35
C GLY A 292 -24.35 -31.27 -13.62
N GLU A 293 -23.51 -32.17 -14.10
CA GLU A 293 -22.23 -32.55 -13.49
C GLU A 293 -21.23 -31.39 -13.36
N TRP A 294 -21.36 -30.38 -14.22
CA TRP A 294 -20.46 -29.23 -14.22
C TRP A 294 -21.00 -28.04 -13.42
N SER A 295 -22.16 -28.21 -12.76
CA SER A 295 -22.93 -27.08 -12.27
C SER A 295 -23.43 -27.20 -10.82
N GLY A 296 -22.94 -28.18 -10.06
CA GLY A 296 -23.41 -28.42 -8.70
C GLY A 296 -24.91 -28.67 -8.65
N ASN A 297 -25.56 -28.08 -7.65
CA ASN A 297 -26.98 -28.28 -7.41
C ASN A 297 -27.57 -27.01 -6.77
N TYR A 298 -28.73 -26.59 -7.25
CA TYR A 298 -29.34 -25.35 -6.80
C TYR A 298 -30.03 -25.43 -5.42
N GLY A 299 -30.06 -26.60 -4.80
CA GLY A 299 -30.49 -26.73 -3.40
C GLY A 299 -31.88 -26.19 -3.15
N ILE A 300 -32.11 -25.67 -1.96
CA ILE A 300 -33.43 -25.19 -1.53
C ILE A 300 -33.48 -23.70 -1.18
N ASN A 301 -32.33 -23.05 -1.13
CA ASN A 301 -32.21 -21.71 -0.60
C ASN A 301 -30.89 -21.12 -1.07
N PHE A 302 -30.93 -19.86 -1.51
CA PHE A 302 -29.72 -19.12 -1.90
C PHE A 302 -29.20 -18.32 -0.73
N GLU A 303 -27.89 -18.09 -0.76
CA GLU A 303 -27.21 -17.24 0.19
C GLU A 303 -26.11 -16.46 -0.52
N THR A 304 -25.75 -15.33 0.08
CA THR A 304 -24.66 -14.45 -0.36
C THR A 304 -24.64 -14.22 -1.87
N ALA A 305 -25.80 -14.03 -2.49
CA ALA A 305 -25.84 -13.84 -3.94
C ALA A 305 -25.46 -12.42 -4.35
N GLY A 306 -24.76 -12.31 -5.49
CA GLY A 306 -24.39 -11.05 -6.08
C GLY A 306 -24.65 -11.04 -7.57
N VAL A 307 -24.67 -9.84 -8.14
CA VAL A 307 -24.94 -9.61 -9.55
C VAL A 307 -23.80 -8.78 -10.09
N THR A 308 -23.22 -9.19 -11.22
CA THR A 308 -22.18 -8.43 -11.87
C THR A 308 -22.33 -8.49 -13.40
N ARG A 309 -21.50 -7.73 -14.08
CA ARG A 309 -21.44 -7.71 -15.55
C ARG A 309 -20.00 -7.59 -15.94
N LEU A 310 -19.54 -8.53 -16.76
CA LEU A 310 -18.12 -8.66 -17.05
C LEU A 310 -17.90 -8.69 -18.57
N ASN A 311 -16.68 -8.37 -18.98
CA ASN A 311 -16.26 -8.55 -20.35
C ASN A 311 -14.87 -9.18 -20.30
N PRO A 312 -14.23 -9.42 -21.45
CA PRO A 312 -12.95 -10.12 -21.37
C PRO A 312 -11.87 -9.43 -20.51
N ALA A 313 -11.92 -8.11 -20.39
CA ALA A 313 -10.92 -7.37 -19.60
C ALA A 313 -11.23 -7.32 -18.09
N GLY A 314 -12.48 -7.47 -17.69
CA GLY A 314 -12.86 -7.36 -16.28
C GLY A 314 -14.30 -6.95 -16.10
N ALA A 315 -14.53 -5.91 -15.32
CA ALA A 315 -15.89 -5.40 -15.09
C ALA A 315 -16.35 -4.59 -16.30
N ALA A 316 -17.64 -4.70 -16.61
CA ALA A 316 -18.25 -3.98 -17.71
C ALA A 316 -19.37 -3.13 -17.15
N TRP A 317 -19.32 -1.83 -17.44
CA TRP A 317 -20.32 -0.87 -16.95
C TRP A 317 -21.17 -0.23 -18.07
N ASP A 318 -21.29 -0.94 -19.20
CA ASP A 318 -22.10 -0.47 -20.31
C ASP A 318 -23.58 -0.74 -20.07
N ASN A 319 -24.43 -0.09 -20.85
CA ASN A 319 -25.88 -0.24 -20.77
C ASN A 319 -26.47 -1.41 -21.57
N GLY A 320 -25.63 -2.33 -22.04
CA GLY A 320 -26.04 -3.38 -22.98
C GLY A 320 -25.36 -3.27 -24.33
N SER A 321 -24.78 -2.11 -24.64
CA SER A 321 -24.12 -1.86 -25.93
C SER A 321 -22.83 -2.66 -26.20
N ASP A 322 -22.12 -3.07 -25.16
CA ASP A 322 -20.92 -3.90 -25.33
C ASP A 322 -21.36 -5.33 -25.60
N THR A 323 -21.18 -5.78 -26.85
CA THR A 323 -21.54 -7.14 -27.25
C THR A 323 -20.59 -8.19 -26.71
N THR A 324 -19.42 -7.80 -26.17
CA THR A 324 -18.53 -8.76 -25.51
C THR A 324 -18.87 -8.99 -24.02
N ALA A 325 -19.82 -8.23 -23.48
CA ALA A 325 -20.14 -8.29 -22.05
C ALA A 325 -21.20 -9.36 -21.74
N VAL A 326 -21.10 -9.96 -20.56
CA VAL A 326 -21.98 -11.03 -20.12
C VAL A 326 -22.46 -10.71 -18.70
N ASP A 327 -23.76 -10.91 -18.46
CA ASP A 327 -24.35 -10.73 -17.13
C ASP A 327 -24.20 -12.01 -16.33
N PHE A 328 -23.72 -11.88 -15.09
CA PHE A 328 -23.49 -13.04 -14.23
C PHE A 328 -24.15 -12.84 -12.87
N VAL A 329 -24.59 -13.94 -12.29
CA VAL A 329 -25.00 -13.98 -10.89
C VAL A 329 -24.09 -14.99 -10.21
N THR A 330 -23.59 -14.65 -9.01
CA THR A 330 -22.86 -15.60 -8.16
C THR A 330 -23.70 -15.82 -6.93
N PHE A 331 -23.72 -17.05 -6.41
CA PHE A 331 -24.63 -17.40 -5.33
C PHE A 331 -24.24 -18.71 -4.68
N GLY A 332 -24.49 -18.80 -3.37
CA GLY A 332 -24.38 -20.06 -2.63
C GLY A 332 -25.73 -20.76 -2.60
N THR A 333 -25.71 -22.08 -2.55
CA THR A 333 -26.93 -22.85 -2.36
C THR A 333 -26.77 -23.78 -1.16
N GLU A 334 -27.89 -24.06 -0.49
CA GLU A 334 -27.95 -24.92 0.67
C GLU A 334 -28.80 -26.17 0.41
N GLN A 335 -28.40 -27.26 1.04
CA GLN A 335 -29.15 -28.52 1.08
C GLN A 335 -29.27 -29.22 -0.27
N GLY A 336 -28.33 -28.95 -1.18
CA GLY A 336 -28.23 -29.65 -2.44
C GLY A 336 -26.94 -30.43 -2.56
N ARG A 337 -26.31 -30.75 -1.44
CA ARG A 337 -25.03 -31.40 -1.45
C ARG A 337 -24.90 -32.29 -0.23
N ALA A 338 -24.34 -33.48 -0.42
CA ALA A 338 -24.24 -34.48 0.63
C ALA A 338 -23.13 -34.20 1.62
N ASP A 339 -22.18 -33.34 1.27
CA ASP A 339 -21.02 -33.04 2.10
C ASP A 339 -20.65 -31.57 1.89
N HIS A 340 -19.46 -31.13 2.31
CA HIS A 340 -19.06 -29.73 2.20
C HIS A 340 -20.13 -28.81 2.84
N GLN A 341 -20.55 -29.21 4.05
CA GLN A 341 -21.52 -28.45 4.84
C GLN A 341 -22.81 -28.13 4.06
N ASN A 342 -23.20 -29.06 3.18
CA ASN A 342 -24.38 -28.92 2.31
C ASN A 342 -24.41 -27.66 1.42
N HIS A 343 -23.22 -27.15 1.08
CA HIS A 343 -23.05 -25.83 0.47
C HIS A 343 -22.30 -25.85 -0.87
N TRP A 344 -22.92 -25.31 -1.91
CA TRP A 344 -22.29 -25.13 -3.23
C TRP A 344 -22.11 -23.63 -3.49
N PRO A 345 -20.87 -23.15 -3.74
CA PRO A 345 -20.72 -21.80 -4.27
C PRO A 345 -20.71 -21.83 -5.79
N LEU A 346 -21.76 -21.25 -6.39
CA LEU A 346 -22.05 -21.38 -7.81
C LEU A 346 -22.03 -20.03 -8.49
N TRP A 347 -22.12 -20.08 -9.83
CA TRP A 347 -22.31 -18.90 -10.65
C TRP A 347 -23.10 -19.28 -11.90
N ALA A 348 -23.77 -18.29 -12.47
CA ALA A 348 -24.51 -18.50 -13.71
C ALA A 348 -24.43 -17.27 -14.60
N ALA A 349 -24.27 -17.52 -15.90
CA ALA A 349 -24.43 -16.49 -16.91
C ALA A 349 -25.93 -16.40 -17.16
N VAL A 350 -26.45 -15.18 -17.26
CA VAL A 350 -27.90 -14.99 -17.38
C VAL A 350 -28.25 -14.05 -18.51
N ASP A 351 -29.42 -14.25 -19.10
CA ASP A 351 -30.00 -13.33 -20.08
C ASP A 351 -31.20 -12.67 -19.43
N TYR A 352 -31.18 -11.34 -19.32
CA TYR A 352 -32.27 -10.61 -18.68
C TYR A 352 -33.47 -10.42 -19.61
N GLU A 353 -34.67 -10.71 -19.13
CA GLU A 353 -35.93 -10.37 -19.80
C GLU A 353 -36.73 -9.44 -18.91
N VAL A 354 -37.38 -8.45 -19.52
CA VAL A 354 -38.23 -7.50 -18.79
C VAL A 354 -39.66 -8.05 -18.73
N ARG A 355 -40.21 -8.17 -17.52
CA ARG A 355 -41.59 -8.60 -17.35
C ARG A 355 -42.54 -7.41 -17.52
N ASP A 356 -43.80 -7.70 -17.79
CA ASP A 356 -44.83 -6.65 -17.95
C ASP A 356 -45.07 -5.81 -16.69
N ASN A 357 -44.84 -6.39 -15.51
CA ASN A 357 -44.97 -5.61 -14.25
C ASN A 357 -43.77 -4.75 -13.87
N GLY A 358 -42.81 -4.57 -14.78
CA GLY A 358 -41.64 -3.70 -14.52
C GLY A 358 -40.59 -4.36 -13.64
N SER A 359 -40.39 -5.66 -13.83
CA SER A 359 -39.39 -6.44 -13.11
C SER A 359 -38.53 -7.19 -14.13
N ILE A 360 -37.52 -7.92 -13.63
CA ILE A 360 -36.53 -8.58 -14.48
C ILE A 360 -36.49 -10.06 -14.15
N GLU A 361 -36.53 -10.91 -15.18
CA GLU A 361 -36.24 -12.32 -15.04
C GLU A 361 -34.86 -12.54 -15.59
N ALA A 362 -33.99 -13.14 -14.77
CA ALA A 362 -32.66 -13.55 -15.21
C ALA A 362 -32.73 -15.02 -15.58
N VAL A 363 -32.71 -15.29 -16.88
CA VAL A 363 -32.80 -16.63 -17.41
C VAL A 363 -31.40 -17.21 -17.49
N ILE A 364 -31.18 -18.34 -16.83
CA ILE A 364 -29.86 -18.97 -16.80
C ILE A 364 -29.48 -19.52 -18.18
N ALA A 365 -28.35 -19.05 -18.70
CA ALA A 365 -27.84 -19.46 -20.03
C ALA A 365 -26.84 -20.60 -19.91
N TYR A 366 -25.99 -20.54 -18.91
CA TYR A 366 -25.15 -21.65 -18.51
C TYR A 366 -24.71 -21.41 -17.07
N SER A 367 -24.22 -22.45 -16.40
CA SER A 367 -24.15 -22.44 -14.96
C SER A 367 -22.96 -23.26 -14.50
N GLY A 368 -22.13 -22.66 -13.66
CA GLY A 368 -20.93 -23.31 -13.15
C GLY A 368 -20.73 -23.23 -11.65
N VAL A 369 -19.51 -23.56 -11.24
CA VAL A 369 -19.09 -23.66 -9.86
C VAL A 369 -17.94 -22.67 -9.67
N GLN A 370 -18.03 -21.86 -8.61
CA GLN A 370 -17.00 -20.83 -8.35
C GLN A 370 -15.76 -21.45 -7.67
N ASP A 371 -16.00 -22.44 -6.82
CA ASP A 371 -14.92 -23.18 -6.17
C ASP A 371 -15.49 -24.56 -5.79
N TRP A 372 -14.71 -25.60 -6.03
CA TRP A 372 -15.18 -27.00 -5.89
C TRP A 372 -14.87 -27.61 -4.52
N GLY A 373 -14.16 -26.88 -3.65
CA GLY A 373 -13.74 -27.42 -2.38
C GLY A 373 -14.44 -26.81 -1.17
N ARG A 374 -13.71 -26.74 -0.07
CA ARG A 374 -14.23 -26.29 1.23
C ARG A 374 -14.25 -24.77 1.33
N SER A 375 -14.97 -24.13 0.41
CA SER A 375 -15.17 -22.69 0.45
C SER A 375 -16.59 -22.34 0.09
N TYR A 376 -17.00 -21.14 0.49
CA TYR A 376 -18.38 -20.69 0.38
C TYR A 376 -18.45 -19.19 0.64
N ALA A 377 -19.60 -18.60 0.36
CA ALA A 377 -19.91 -17.22 0.74
C ALA A 377 -19.01 -16.26 0.01
N TYR A 378 -18.90 -16.46 -1.31
CA TYR A 378 -18.17 -15.54 -2.16
C TYR A 378 -18.91 -14.20 -2.28
N ALA A 379 -18.16 -13.12 -2.08
CA ALA A 379 -18.65 -11.77 -2.28
C ALA A 379 -17.80 -11.13 -3.39
N SER A 380 -18.42 -10.34 -4.26
CA SER A 380 -17.65 -9.57 -5.25
C SER A 380 -17.93 -8.08 -5.13
N PHE A 381 -16.94 -7.27 -5.52
CA PHE A 381 -17.03 -5.83 -5.37
C PHE A 381 -16.23 -5.11 -6.46
N PRO A 382 -16.66 -3.91 -6.84
CA PRO A 382 -15.94 -3.22 -7.91
C PRO A 382 -14.66 -2.59 -7.43
N VAL A 383 -13.66 -2.61 -8.29
CA VAL A 383 -12.35 -2.03 -8.01
C VAL A 383 -11.96 -1.18 -9.22
N GLU A 384 -11.34 -0.04 -8.96
CA GLU A 384 -11.04 0.93 -10.02
C GLU A 384 -10.16 0.29 -11.08
N GLY A 385 -10.30 0.78 -12.31
CA GLY A 385 -9.66 0.18 -13.48
C GLY A 385 -10.51 -0.93 -14.10
N TYR A 386 -11.83 -0.83 -13.93
CA TYR A 386 -12.75 -1.76 -14.57
C TYR A 386 -12.51 -3.19 -14.12
N ARG A 387 -12.46 -3.38 -12.80
CA ARG A 387 -12.29 -4.69 -12.22
C ARG A 387 -13.47 -5.05 -11.34
N GLN A 388 -13.74 -6.35 -11.24
CA GLN A 388 -14.67 -6.91 -10.25
C GLN A 388 -13.88 -7.99 -9.55
N VAL A 389 -13.75 -7.87 -8.22
CA VAL A 389 -12.88 -8.74 -7.42
C VAL A 389 -13.74 -9.56 -6.48
N SER A 390 -13.44 -10.85 -6.37
CA SER A 390 -14.25 -11.81 -5.64
C SER A 390 -13.38 -12.49 -4.59
N VAL A 391 -13.96 -12.74 -3.43
CA VAL A 391 -13.27 -13.41 -2.34
C VAL A 391 -14.30 -14.19 -1.52
N GLY A 392 -13.88 -15.33 -1.02
CA GLY A 392 -14.76 -16.23 -0.28
C GLY A 392 -14.13 -16.65 1.03
N TRP A 393 -14.81 -17.58 1.69
CA TRP A 393 -14.42 -18.08 3.00
C TRP A 393 -14.07 -19.55 2.88
N ILE A 394 -12.90 -19.91 3.41
CA ILE A 394 -12.47 -21.30 3.48
C ILE A 394 -12.67 -21.76 4.93
N TYR A 395 -13.57 -22.72 5.10
CA TYR A 395 -13.81 -23.29 6.43
C TYR A 395 -12.73 -24.35 6.72
N GLU A 396 -12.63 -24.76 7.98
CA GLU A 396 -11.68 -25.80 8.37
C GLU A 396 -12.24 -27.18 7.93
N ASP A 397 -11.48 -28.24 8.15
CA ASP A 397 -12.00 -29.61 7.93
C ASP A 397 -11.98 -30.36 9.25
N ASP A 398 -12.76 -29.84 10.19
CA ASP A 398 -12.89 -30.39 11.53
C ASP A 398 -14.35 -30.25 11.93
N ASP A 399 -15.23 -30.84 11.13
CA ASP A 399 -16.67 -30.64 11.28
C ASP A 399 -17.28 -31.17 12.59
N ASN A 400 -16.61 -32.11 13.26
CA ASN A 400 -17.02 -32.54 14.60
C ASN A 400 -16.43 -31.73 15.74
N VAL A 401 -15.68 -30.66 15.42
CA VAL A 401 -15.21 -29.69 16.40
C VAL A 401 -14.31 -30.34 17.45
N ILE A 402 -13.39 -31.19 16.97
CA ILE A 402 -12.53 -31.98 17.86
C ILE A 402 -11.32 -31.20 18.33
N LEU A 403 -10.69 -30.41 17.45
CA LEU A 403 -9.51 -29.63 17.81
C LEU A 403 -9.69 -28.10 17.69
N ALA A 404 -10.94 -27.64 17.53
CA ALA A 404 -11.20 -26.21 17.33
C ALA A 404 -10.70 -25.36 18.49
N LYS A 405 -10.96 -25.81 19.72
CA LYS A 405 -10.49 -25.08 20.90
C LYS A 405 -8.98 -25.04 21.00
N GLN A 406 -8.36 -26.14 20.60
CA GLN A 406 -6.90 -26.21 20.59
C GLN A 406 -6.31 -25.27 19.54
N PHE A 407 -6.94 -25.16 18.38
CA PHE A 407 -6.57 -24.10 17.38
C PHE A 407 -6.69 -22.72 18.01
N GLY A 408 -7.83 -22.44 18.63
CA GLY A 408 -8.13 -21.08 19.11
C GLY A 408 -8.67 -20.15 18.02
N TYR A 409 -8.99 -20.71 16.86
CA TYR A 409 -9.55 -19.98 15.72
C TYR A 409 -10.19 -20.95 14.75
N GLN A 410 -11.05 -20.43 13.89
CA GLN A 410 -11.62 -21.18 12.78
C GLN A 410 -11.81 -20.26 11.58
N GLY A 411 -11.32 -20.68 10.41
CA GLY A 411 -11.63 -20.05 9.15
C GLY A 411 -10.56 -19.12 8.61
N ALA A 412 -10.59 -18.93 7.29
CA ALA A 412 -9.80 -17.90 6.61
C ALA A 412 -10.54 -17.48 5.35
N PHE A 413 -10.03 -16.45 4.69
CA PHE A 413 -10.51 -16.15 3.33
C PHE A 413 -9.78 -16.99 2.29
N THR A 414 -10.35 -17.03 1.09
CA THR A 414 -9.63 -17.42 -0.11
C THR A 414 -8.72 -16.27 -0.47
N LEU A 415 -7.96 -16.44 -1.55
CA LEU A 415 -7.29 -15.30 -2.16
C LEU A 415 -8.32 -14.45 -2.90
N PHE A 416 -7.95 -13.20 -3.15
CA PHE A 416 -8.79 -12.28 -3.87
C PHE A 416 -8.61 -12.55 -5.37
N ARG A 417 -9.71 -12.61 -6.10
CA ARG A 417 -9.71 -13.07 -7.48
C ARG A 417 -10.33 -12.02 -8.39
N ASP A 418 -9.66 -11.69 -9.48
CA ASP A 418 -10.26 -10.89 -10.54
C ASP A 418 -11.21 -11.79 -11.32
N LEU A 419 -12.43 -11.31 -11.51
CA LEU A 419 -13.38 -11.92 -12.41
C LEU A 419 -13.33 -11.24 -13.80
N PHE A 420 -13.53 -12.04 -14.83
CA PHE A 420 -13.55 -11.58 -16.22
C PHE A 420 -14.25 -12.66 -17.07
N VAL A 421 -14.57 -12.31 -18.31
CA VAL A 421 -15.09 -13.29 -19.28
C VAL A 421 -13.92 -13.99 -19.92
N LYS A 422 -13.75 -15.29 -19.65
CA LYS A 422 -12.71 -16.08 -20.29
C LYS A 422 -13.18 -16.46 -21.69
N VAL A 423 -12.39 -16.10 -22.69
CA VAL A 423 -12.68 -16.41 -24.10
C VAL A 423 -11.56 -17.28 -24.65
N VAL A 424 -11.88 -18.47 -25.14
CA VAL A 424 -10.90 -19.33 -25.78
C VAL A 424 -11.25 -19.40 -27.26
N GLU A 425 -10.33 -18.95 -28.10
CA GLU A 425 -10.54 -18.93 -29.54
C GLU A 425 -9.95 -20.16 -30.20
N ASN A 426 -10.44 -20.45 -31.39
CA ASN A 426 -9.94 -21.54 -32.23
C ASN A 426 -9.99 -22.89 -31.56
N VAL A 427 -11.10 -23.17 -30.88
CA VAL A 427 -11.30 -24.45 -30.22
C VAL A 427 -11.74 -25.47 -31.27
N SER A 428 -11.14 -26.65 -31.20
CA SER A 428 -11.47 -27.78 -32.06
C SER A 428 -12.89 -28.31 -31.75
N PRO A 429 -13.74 -28.44 -32.78
CA PRO A 429 -15.03 -29.09 -32.60
C PRO A 429 -14.99 -30.52 -32.08
N SER A 430 -13.85 -31.20 -32.18
CA SER A 430 -13.73 -32.56 -31.65
C SER A 430 -13.31 -32.61 -30.18
N THR A 431 -13.23 -31.47 -29.50
CA THR A 431 -13.04 -31.47 -28.04
C THR A 431 -14.19 -32.25 -27.40
N PRO A 432 -13.90 -33.31 -26.64
CA PRO A 432 -14.97 -34.12 -26.08
C PRO A 432 -15.95 -33.33 -25.21
N GLY A 433 -17.25 -33.60 -25.38
CA GLY A 433 -18.31 -32.97 -24.59
C GLY A 433 -18.51 -31.48 -24.81
N LEU A 434 -17.92 -30.92 -25.88
CA LEU A 434 -17.92 -29.47 -26.06
C LEU A 434 -19.30 -28.85 -26.22
N PHE A 435 -20.21 -29.55 -26.89
CA PHE A 435 -21.53 -28.98 -27.21
C PHE A 435 -22.60 -29.31 -26.19
N GLU A 436 -22.20 -29.94 -25.08
CA GLU A 436 -23.02 -29.93 -23.90
C GLU A 436 -23.25 -28.46 -23.47
N GLN A 437 -22.30 -27.55 -23.70
CA GLN A 437 -22.41 -26.13 -23.28
C GLN A 437 -22.90 -26.04 -21.78
N ALA A 438 -22.29 -26.87 -20.94
CA ALA A 438 -22.67 -26.98 -19.49
C ALA A 438 -22.37 -25.69 -18.69
N SER A 439 -21.12 -25.39 -18.39
CA SER A 439 -20.72 -24.15 -17.72
C SER A 439 -19.95 -23.22 -18.67
N TRP A 440 -20.28 -23.29 -19.96
CA TRP A 440 -19.69 -22.41 -20.98
C TRP A 440 -20.67 -22.31 -22.13
N SER A 441 -20.39 -21.36 -23.01
CA SER A 441 -21.10 -21.21 -24.25
C SER A 441 -20.17 -21.44 -25.44
N THR A 442 -20.74 -21.87 -26.57
CA THR A 442 -19.99 -22.08 -27.81
C THR A 442 -20.61 -21.26 -28.92
N LYS A 443 -19.75 -20.68 -29.75
CA LYS A 443 -20.15 -19.97 -30.97
C LYS A 443 -19.30 -20.53 -32.12
N ASN A 444 -19.95 -21.20 -33.06
CA ASN A 444 -19.29 -21.72 -34.25
C ASN A 444 -18.76 -20.62 -35.17
N SER A 445 -17.60 -20.84 -35.76
CA SER A 445 -17.15 -20.01 -36.90
C SER A 445 -18.12 -20.18 -38.08
N THR A 446 -18.14 -19.20 -38.98
CA THR A 446 -18.96 -19.28 -40.19
C THR A 446 -18.80 -20.60 -40.93
N ASP A 447 -17.57 -21.07 -41.08
CA ASP A 447 -17.29 -22.33 -41.79
C ASP A 447 -17.42 -23.63 -40.96
N GLY A 448 -17.72 -23.50 -39.66
CA GLY A 448 -17.92 -24.67 -38.80
C GLY A 448 -16.69 -25.47 -38.39
N MET A 449 -15.50 -24.99 -38.74
CA MET A 449 -14.24 -25.71 -38.45
C MET A 449 -13.62 -25.35 -37.09
N SER A 450 -14.10 -24.25 -36.49
CA SER A 450 -13.66 -23.86 -35.15
C SER A 450 -14.78 -23.23 -34.33
N VAL A 451 -14.54 -23.18 -33.02
CA VAL A 451 -15.51 -22.69 -32.04
C VAL A 451 -14.84 -21.68 -31.14
N THR A 452 -15.58 -20.63 -30.77
CA THR A 452 -15.18 -19.73 -29.70
C THR A 452 -15.93 -20.15 -28.41
N VAL A 453 -15.17 -20.43 -27.35
CA VAL A 453 -15.73 -20.81 -26.06
C VAL A 453 -15.71 -19.61 -25.11
N THR A 454 -16.84 -19.38 -24.42
CA THR A 454 -16.99 -18.31 -23.43
C THR A 454 -17.39 -18.92 -22.08
N THR A 455 -16.69 -18.53 -21.02
CA THR A 455 -17.06 -18.91 -19.66
C THR A 455 -16.61 -17.83 -18.65
N LEU A 456 -16.87 -18.07 -17.37
CA LEU A 456 -16.39 -17.19 -16.31
C LEU A 456 -14.91 -17.46 -16.08
N GLY A 457 -14.11 -16.40 -16.13
CA GLY A 457 -12.70 -16.49 -15.74
C GLY A 457 -12.50 -16.01 -14.32
N GLN A 458 -11.56 -16.66 -13.63
CA GLN A 458 -11.13 -16.27 -12.30
C GLN A 458 -9.63 -16.39 -12.21
N ARG A 459 -8.96 -15.34 -11.76
CA ARG A 459 -7.52 -15.41 -11.51
C ARG A 459 -7.15 -14.60 -10.29
N VAL A 460 -6.08 -15.02 -9.62
CA VAL A 460 -5.66 -14.35 -8.41
C VAL A 460 -5.26 -12.95 -8.82
N VAL A 461 -5.67 -11.95 -8.04
CA VAL A 461 -5.32 -10.56 -8.32
C VAL A 461 -3.80 -10.41 -8.49
N PRO A 462 -3.38 -9.65 -9.50
CA PRO A 462 -1.92 -9.57 -9.80
C PRO A 462 -1.07 -8.95 -8.70
N GLU A 463 -1.66 -8.10 -7.88
CA GLU A 463 -0.96 -7.50 -6.75
C GLU A 463 -0.44 -8.59 -5.81
N THR A 464 -1.24 -9.64 -5.61
CA THR A 464 -0.90 -10.73 -4.70
C THR A 464 0.17 -11.62 -5.34
N LEU A 465 0.01 -11.95 -6.63
CA LEU A 465 0.99 -12.77 -7.34
C LEU A 465 2.37 -12.09 -7.36
N ALA A 466 2.39 -10.78 -7.62
CA ALA A 466 3.65 -10.01 -7.62
C ALA A 466 4.29 -9.96 -6.25
N ALA A 467 3.50 -9.69 -5.21
CA ALA A 467 4.04 -9.61 -3.86
C ALA A 467 4.54 -10.98 -3.38
N TYR A 468 3.74 -12.03 -3.61
CA TYR A 468 4.14 -13.40 -3.27
C TYR A 468 5.49 -13.77 -3.90
N LYS A 469 5.58 -13.60 -5.21
CA LYS A 469 6.79 -13.94 -5.94
C LYS A 469 7.99 -13.12 -5.46
N GLY A 470 7.79 -11.81 -5.33
CA GLY A 470 8.89 -10.91 -4.97
C GLY A 470 9.43 -11.07 -3.56
N ASN A 471 8.58 -11.53 -2.64
CA ASN A 471 8.99 -11.78 -1.27
C ASN A 471 9.48 -13.22 -1.04
N SER A 472 9.29 -14.10 -2.01
CA SER A 472 9.69 -15.49 -1.91
C SER A 472 11.11 -15.74 -2.42
N THR A 473 11.70 -16.85 -2.01
CA THR A 473 12.84 -17.44 -2.71
C THR A 473 12.28 -18.23 -3.88
N VAL A 474 12.53 -17.75 -5.10
CA VAL A 474 11.98 -18.33 -6.30
C VAL A 474 12.98 -19.31 -6.89
N SER A 475 12.55 -20.55 -7.14
CA SER A 475 13.37 -21.54 -7.85
C SER A 475 12.66 -21.86 -9.15
N THR A 476 13.29 -21.48 -10.26
CA THR A 476 12.79 -21.81 -11.60
C THR A 476 13.31 -23.21 -11.91
N LEU A 477 12.41 -24.14 -12.18
CA LEU A 477 12.78 -25.56 -12.28
C LEU A 477 12.83 -25.98 -13.74
N ALA A 478 13.75 -26.89 -14.05
CA ALA A 478 13.92 -27.42 -15.40
C ALA A 478 12.67 -28.23 -15.79
N PRO A 479 12.28 -28.21 -17.09
CA PRO A 479 11.14 -29.03 -17.51
C PRO A 479 11.38 -30.51 -17.25
N VAL A 480 10.29 -31.26 -17.05
CA VAL A 480 10.36 -32.68 -16.76
C VAL A 480 9.43 -33.42 -17.71
N MET A 481 9.96 -34.40 -18.44
CA MET A 481 9.16 -35.34 -19.23
C MET A 481 8.83 -36.52 -18.35
N LEU A 482 7.53 -36.75 -18.16
CA LEU A 482 7.07 -37.91 -17.40
C LEU A 482 6.75 -39.04 -18.38
N ASN A 483 7.54 -40.11 -18.32
CA ASN A 483 7.42 -41.26 -19.25
C ASN A 483 7.56 -42.57 -18.47
N GLU A 484 8.03 -43.65 -19.11
CA GLU A 484 8.21 -44.95 -18.45
C GLU A 484 9.16 -44.91 -17.25
N SER A 485 10.12 -43.99 -17.28
CA SER A 485 11.10 -43.85 -16.18
C SER A 485 10.58 -43.10 -14.94
N ALA A 486 9.42 -42.47 -15.03
CA ALA A 486 8.91 -41.59 -13.96
C ALA A 486 8.53 -42.41 -12.75
N ALA A 487 9.03 -42.03 -11.58
CA ALA A 487 8.51 -42.59 -10.33
C ALA A 487 7.08 -42.08 -10.07
N ALA A 488 6.41 -42.67 -9.08
CA ALA A 488 5.06 -42.23 -8.71
C ALA A 488 5.11 -40.77 -8.24
N TYR A 489 6.11 -40.49 -7.41
CA TYR A 489 6.39 -39.16 -6.88
C TYR A 489 7.85 -38.81 -7.12
N THR A 490 8.08 -37.62 -7.70
CA THR A 490 9.41 -37.12 -7.96
C THR A 490 9.58 -35.74 -7.29
N PRO A 491 10.30 -35.67 -6.16
CA PRO A 491 10.53 -34.38 -5.50
C PRO A 491 11.13 -33.33 -6.43
N PHE A 492 10.74 -32.06 -6.27
CA PHE A 492 11.36 -30.99 -7.04
C PHE A 492 12.83 -30.83 -6.65
N SER A 493 13.64 -30.32 -7.59
CA SER A 493 15.07 -30.11 -7.35
C SER A 493 15.36 -29.09 -6.25
N SER A 494 14.43 -28.16 -6.03
CA SER A 494 14.44 -27.30 -4.84
C SER A 494 13.19 -27.61 -4.03
N GLN A 495 13.31 -27.54 -2.71
CA GLN A 495 12.24 -27.86 -1.80
C GLN A 495 11.79 -26.66 -0.99
N PRO A 496 10.51 -26.65 -0.57
CA PRO A 496 10.07 -25.61 0.36
C PRO A 496 10.79 -25.72 1.69
N THR A 497 10.81 -24.64 2.47
CA THR A 497 11.37 -24.64 3.82
C THR A 497 10.32 -24.57 4.92
N ASP A 498 9.04 -24.46 4.56
CA ASP A 498 7.95 -24.35 5.55
C ASP A 498 6.64 -24.57 4.81
N ARG A 499 5.49 -24.32 5.45
CA ARG A 499 4.17 -24.57 4.86
C ARG A 499 3.56 -23.38 4.13
N PHE A 500 4.42 -22.56 3.52
CA PHE A 500 4.00 -21.33 2.88
C PHE A 500 4.72 -21.23 1.54
N TYR A 501 4.04 -21.70 0.49
CA TYR A 501 4.63 -21.69 -0.82
C TYR A 501 3.63 -21.78 -1.95
N ALA A 502 4.09 -21.43 -3.15
CA ALA A 502 3.31 -21.57 -4.36
C ALA A 502 4.06 -22.41 -5.40
N LEU A 503 3.29 -23.14 -6.22
CA LEU A 503 3.80 -23.93 -7.32
C LEU A 503 3.08 -23.52 -8.57
N THR A 504 3.80 -23.49 -9.69
CA THR A 504 3.20 -23.34 -11.01
C THR A 504 3.72 -24.45 -11.90
N GLY A 505 2.89 -24.91 -12.84
CA GLY A 505 3.30 -25.90 -13.84
C GLY A 505 2.31 -25.99 -14.96
N SER A 506 2.81 -26.29 -16.16
CA SER A 506 1.99 -26.56 -17.34
C SER A 506 2.18 -28.01 -17.74
N PHE A 507 1.10 -28.77 -17.73
CA PHE A 507 1.11 -30.18 -18.00
C PHE A 507 0.55 -30.40 -19.39
N GLU A 508 1.40 -30.88 -20.30
CA GLU A 508 1.00 -31.12 -21.69
C GLU A 508 0.69 -32.60 -21.87
N PHE A 509 -0.55 -32.89 -22.25
CA PHE A 509 -1.03 -34.25 -22.40
C PHE A 509 -1.34 -34.55 -23.87
N GLY A 510 -1.14 -35.81 -24.27
CA GLY A 510 -1.66 -36.29 -25.55
C GLY A 510 -3.19 -36.25 -25.59
N LEU A 511 -3.75 -36.02 -26.77
CA LEU A 511 -5.20 -35.94 -26.92
C LEU A 511 -5.97 -37.22 -26.52
N ASN A 512 -5.31 -38.38 -26.50
CA ASN A 512 -5.98 -39.61 -26.09
C ASN A 512 -5.27 -40.25 -24.93
N THR A 513 -4.65 -39.43 -24.08
CA THR A 513 -3.92 -39.95 -22.93
C THR A 513 -4.85 -40.67 -21.95
N THR A 514 -4.28 -41.62 -21.23
CA THR A 514 -4.91 -42.17 -20.05
C THR A 514 -3.99 -42.00 -18.86
N ALA A 515 -2.95 -41.18 -19.02
CA ALA A 515 -2.00 -40.94 -17.93
C ALA A 515 -2.59 -39.90 -16.99
N LYS A 516 -2.12 -39.90 -15.74
CA LYS A 516 -2.46 -38.89 -14.75
C LYS A 516 -1.18 -38.22 -14.28
N ALA A 517 -1.28 -36.93 -13.98
CA ALA A 517 -0.16 -36.21 -13.37
C ALA A 517 -0.64 -35.05 -12.51
N GLY A 518 0.25 -34.56 -11.66
CA GLY A 518 -0.04 -33.40 -10.85
C GLY A 518 1.06 -33.11 -9.86
N PHE A 519 0.66 -32.61 -8.69
CA PHE A 519 1.58 -32.16 -7.65
C PHE A 519 1.27 -32.83 -6.35
N ARG A 520 2.31 -33.28 -5.66
CA ARG A 520 2.20 -33.67 -4.26
C ARG A 520 2.74 -32.51 -3.43
N VAL A 521 2.06 -32.20 -2.33
CA VAL A 521 2.41 -31.07 -1.45
C VAL A 521 2.30 -31.47 0.01
N LEU A 522 2.90 -30.66 0.88
CA LEU A 522 2.93 -30.90 2.32
C LEU A 522 3.34 -32.35 2.61
N ALA A 523 4.47 -32.72 2.02
CA ALA A 523 4.88 -34.11 1.90
C ALA A 523 6.12 -34.43 2.70
N SER A 524 6.01 -35.47 3.51
CA SER A 524 7.15 -36.24 4.00
C SER A 524 6.86 -37.68 3.53
N GLU A 525 7.64 -38.64 4.02
CA GLU A 525 7.41 -40.04 3.70
C GLU A 525 6.07 -40.54 4.24
N GLU A 526 5.67 -40.07 5.42
CA GLU A 526 4.43 -40.54 6.07
C GLU A 526 3.17 -39.70 5.86
N GLU A 527 3.32 -38.42 5.53
CA GLU A 527 2.16 -37.55 5.28
C GLU A 527 2.33 -36.82 3.98
N TYR A 528 1.26 -36.72 3.20
CA TYR A 528 1.31 -36.00 1.93
C TYR A 528 -0.07 -35.83 1.39
N THR A 529 -0.21 -34.84 0.49
CA THR A 529 -1.47 -34.53 -0.14
C THR A 529 -1.24 -34.51 -1.63
N ASP A 530 -2.05 -35.25 -2.38
CA ASP A 530 -1.80 -35.48 -3.80
C ASP A 530 -2.85 -34.79 -4.61
N ILE A 531 -2.40 -33.95 -5.54
CA ILE A 531 -3.29 -33.23 -6.45
C ILE A 531 -3.07 -33.83 -7.83
N TRP A 532 -4.11 -34.49 -8.36
CA TRP A 532 -4.04 -35.26 -9.61
C TRP A 532 -4.95 -34.62 -10.63
N PHE A 533 -4.54 -34.60 -11.89
CA PHE A 533 -5.48 -34.41 -12.96
C PHE A 533 -5.46 -35.64 -13.85
N ASP A 534 -6.65 -36.01 -14.31
CA ASP A 534 -6.89 -37.25 -15.05
C ASP A 534 -7.70 -36.86 -16.28
N PRO A 535 -7.01 -36.49 -17.37
CA PRO A 535 -7.69 -35.97 -18.55
C PRO A 535 -8.78 -36.89 -19.13
N ALA A 536 -8.61 -38.19 -19.00
CA ALA A 536 -9.59 -39.16 -19.55
C ALA A 536 -10.96 -39.01 -18.87
N SER A 537 -10.96 -38.80 -17.56
CA SER A 537 -12.21 -38.54 -16.81
C SER A 537 -12.58 -37.06 -16.67
N GLU A 538 -11.65 -36.16 -17.01
CA GLU A 538 -11.79 -34.71 -16.84
C GLU A 538 -11.87 -34.29 -15.36
N ASN A 539 -11.29 -35.08 -14.47
CA ASN A 539 -11.40 -34.86 -13.03
C ASN A 539 -10.08 -34.40 -12.45
N LEU A 540 -10.12 -33.27 -11.76
CA LEU A 540 -9.03 -32.79 -10.90
C LEU A 540 -9.38 -33.24 -9.49
N THR A 541 -8.51 -34.03 -8.86
CA THR A 541 -8.77 -34.53 -7.52
C THR A 541 -7.69 -34.14 -6.53
N VAL A 542 -8.09 -34.05 -5.25
CA VAL A 542 -7.14 -33.91 -4.16
C VAL A 542 -7.39 -35.08 -3.24
N VAL A 543 -6.41 -35.98 -3.18
CA VAL A 543 -6.49 -37.20 -2.40
C VAL A 543 -5.83 -36.92 -1.07
N ARG A 544 -6.56 -37.15 0.01
CA ARG A 544 -6.15 -36.75 1.34
C ARG A 544 -6.11 -37.88 2.36
N THR A 545 -6.12 -39.13 1.88
CA THR A 545 -6.05 -40.31 2.75
C THR A 545 -4.78 -40.35 3.59
N ALA A 546 -3.70 -39.76 3.10
CA ALA A 546 -2.46 -39.65 3.85
C ALA A 546 -2.08 -38.21 4.28
N SER A 547 -3.00 -37.25 4.13
CA SER A 547 -2.69 -35.84 4.43
C SER A 547 -2.19 -35.64 5.86
N SER A 548 -2.70 -36.40 6.81
CA SER A 548 -2.29 -36.25 8.20
C SER A 548 -2.35 -37.53 9.02
N LEU A 549 -1.41 -37.67 9.95
CA LEU A 549 -1.47 -38.70 10.99
C LEU A 549 -2.56 -38.44 12.04
N ILE A 550 -3.04 -37.20 12.13
CA ILE A 550 -4.14 -36.85 13.04
C ILE A 550 -5.43 -37.29 12.38
N LYS A 551 -6.11 -38.26 12.96
CA LYS A 551 -7.24 -38.93 12.28
C LYS A 551 -8.58 -38.19 12.32
N SER A 552 -8.71 -37.20 13.19
CA SER A 552 -9.97 -36.47 13.37
C SER A 552 -10.32 -35.48 12.25
N PHE A 553 -9.34 -35.08 11.43
CA PHE A 553 -9.58 -34.15 10.31
C PHE A 553 -10.17 -34.86 9.11
N GLY A 554 -10.88 -34.11 8.27
CA GLY A 554 -11.49 -34.69 7.07
C GLY A 554 -10.44 -35.26 6.15
N ASN A 555 -10.78 -36.36 5.49
CA ASN A 555 -9.86 -37.02 4.57
C ASN A 555 -10.50 -37.44 3.25
N ASP A 556 -11.69 -36.90 2.97
CA ASP A 556 -12.38 -37.22 1.73
C ASP A 556 -11.67 -36.59 0.55
N THR A 557 -11.88 -37.18 -0.62
CA THR A 557 -11.23 -36.75 -1.85
C THR A 557 -12.00 -35.60 -2.47
N GLU A 558 -11.30 -34.49 -2.72
CA GLU A 558 -11.91 -33.34 -3.36
C GLU A 558 -11.93 -33.63 -4.86
N LEU A 559 -12.88 -33.03 -5.56
CA LEU A 559 -13.03 -33.25 -7.00
C LEU A 559 -13.57 -32.01 -7.70
N ALA A 560 -12.92 -31.65 -8.80
CA ALA A 560 -13.41 -30.61 -9.72
C ALA A 560 -13.41 -31.15 -11.14
N LYS A 561 -14.35 -30.71 -11.94
CA LYS A 561 -14.34 -30.96 -13.39
C LYS A 561 -13.55 -29.85 -14.05
N VAL A 562 -12.64 -30.22 -14.96
CA VAL A 562 -11.88 -29.26 -15.77
C VAL A 562 -11.97 -29.67 -17.24
N LYS A 563 -12.48 -28.77 -18.07
CA LYS A 563 -12.56 -28.98 -19.51
C LYS A 563 -11.30 -28.42 -20.17
N LEU A 564 -10.46 -29.30 -20.72
CA LEU A 564 -9.35 -28.86 -21.54
C LEU A 564 -9.85 -28.63 -22.97
N TYR A 565 -10.06 -27.36 -23.33
CA TYR A 565 -10.54 -26.99 -24.65
C TYR A 565 -9.39 -27.20 -25.61
N GLU A 566 -9.54 -28.11 -26.56
CA GLU A 566 -8.47 -28.47 -27.48
C GLU A 566 -8.42 -27.45 -28.59
N ILE A 567 -7.23 -27.00 -28.96
CA ILE A 567 -7.06 -25.94 -29.95
C ILE A 567 -6.88 -26.55 -31.34
N VAL A 568 -7.49 -25.92 -32.34
CA VAL A 568 -7.43 -26.40 -33.74
C VAL A 568 -5.96 -26.53 -34.15
N GLY A 569 -5.61 -27.70 -34.65
CA GLY A 569 -4.25 -27.98 -35.10
C GLY A 569 -3.28 -28.43 -34.04
N ALA A 570 -3.68 -28.46 -32.77
CA ALA A 570 -2.79 -28.90 -31.71
C ALA A 570 -2.83 -30.41 -31.64
N GLU A 571 -1.71 -31.01 -31.28
CA GLU A 571 -1.64 -32.46 -31.07
C GLU A 571 -1.49 -32.80 -29.59
N SER A 572 -1.84 -31.83 -28.74
CA SER A 572 -1.80 -32.02 -27.30
C SER A 572 -2.81 -31.10 -26.65
N LYS A 573 -3.00 -31.29 -25.35
CA LYS A 573 -3.87 -30.40 -24.55
C LYS A 573 -3.19 -30.11 -23.23
N THR A 574 -3.35 -28.89 -22.74
CA THR A 574 -2.55 -28.39 -21.63
C THR A 574 -3.38 -27.92 -20.41
N LEU A 575 -2.93 -28.35 -19.24
CA LEU A 575 -3.45 -27.90 -17.95
C LEU A 575 -2.40 -27.00 -17.31
N ASN A 576 -2.74 -25.73 -17.12
CA ASN A 576 -1.92 -24.81 -16.33
C ASN A 576 -2.41 -24.77 -14.88
N LEU A 577 -1.60 -25.28 -13.97
CA LEU A 577 -1.95 -25.46 -12.58
C LEU A 577 -1.12 -24.51 -11.73
N THR A 578 -1.79 -23.74 -10.87
CA THR A 578 -1.14 -22.97 -9.81
C THR A 578 -1.69 -23.42 -8.46
N VAL A 579 -0.79 -23.70 -7.51
CA VAL A 579 -1.17 -24.19 -6.19
C VAL A 579 -0.53 -23.33 -5.12
N PHE A 580 -1.36 -22.86 -4.16
CA PHE A 580 -0.91 -22.13 -2.99
C PHE A 580 -1.07 -23.01 -1.76
N VAL A 581 0.00 -23.14 -1.00
CA VAL A 581 0.05 -23.87 0.25
C VAL A 581 0.31 -22.82 1.31
N ASP A 582 -0.59 -22.71 2.28
CA ASP A 582 -0.56 -21.63 3.25
C ASP A 582 -1.08 -22.13 4.59
N GLY A 583 -0.17 -22.69 5.39
CA GLY A 583 -0.52 -23.30 6.65
C GLY A 583 -1.20 -24.61 6.34
N SER A 584 -2.51 -24.64 6.53
CA SER A 584 -3.37 -25.77 6.20
C SER A 584 -4.15 -25.57 4.91
N VAL A 585 -4.14 -24.36 4.35
CA VAL A 585 -4.89 -24.12 3.13
C VAL A 585 -4.10 -24.65 1.94
N ILE A 586 -4.80 -25.36 1.06
CA ILE A 586 -4.30 -25.71 -0.27
C ILE A 586 -5.32 -25.14 -1.24
N GLU A 587 -4.89 -24.17 -2.04
CA GLU A 587 -5.80 -23.47 -2.94
C GLU A 587 -5.28 -23.63 -4.35
N ILE A 588 -6.10 -24.25 -5.21
CA ILE A 588 -5.68 -24.68 -6.53
C ILE A 588 -6.43 -23.90 -7.59
N TYR A 589 -5.70 -23.42 -8.59
CA TYR A 589 -6.26 -22.72 -9.75
C TYR A 589 -5.84 -23.44 -11.02
N ALA A 590 -6.78 -23.69 -11.92
CA ALA A 590 -6.50 -24.30 -13.22
C ALA A 590 -6.97 -23.39 -14.34
N ASN A 591 -6.06 -23.06 -15.25
CA ASN A 591 -6.40 -22.35 -16.50
C ASN A 591 -7.19 -21.06 -16.32
N ASP A 592 -6.95 -20.37 -15.21
CA ASP A 592 -7.68 -19.12 -14.88
C ASP A 592 -9.20 -19.30 -14.95
N GLU A 593 -9.68 -20.42 -14.45
CA GLU A 593 -11.06 -20.83 -14.64
C GLU A 593 -11.57 -21.62 -13.45
N VAL A 594 -10.89 -22.71 -13.12
CA VAL A 594 -11.33 -23.63 -12.08
C VAL A 594 -10.55 -23.37 -10.79
N ALA A 595 -11.26 -23.33 -9.67
CA ALA A 595 -10.65 -23.13 -8.36
C ALA A 595 -11.12 -24.24 -7.44
N LEU A 596 -10.23 -24.71 -6.59
CA LEU A 596 -10.55 -25.73 -5.59
C LEU A 596 -9.73 -25.42 -4.35
N SER A 597 -10.41 -25.08 -3.25
CA SER A 597 -9.77 -24.79 -1.96
C SER A 597 -10.00 -25.94 -1.02
N THR A 598 -8.98 -26.37 -0.30
CA THR A 598 -9.18 -27.46 0.66
C THR A 598 -8.18 -27.31 1.80
N ARG A 599 -8.17 -28.30 2.70
CA ARG A 599 -7.39 -28.25 3.92
C ARG A 599 -6.58 -29.53 4.14
N ALA A 600 -5.38 -29.37 4.68
CA ALA A 600 -4.56 -30.52 5.12
C ALA A 600 -3.80 -30.13 6.35
N TYR A 601 -3.79 -31.03 7.33
CA TYR A 601 -3.20 -30.76 8.63
C TYR A 601 -2.14 -31.79 9.05
N PRO A 602 -1.09 -32.00 8.23
CA PRO A 602 -0.03 -32.93 8.65
C PRO A 602 0.63 -32.52 9.96
N TRP A 603 0.91 -33.48 10.82
CA TRP A 603 1.51 -33.21 12.12
C TRP A 603 3.01 -32.97 12.05
N LEU A 604 3.71 -33.75 11.24
CA LEU A 604 5.18 -33.78 11.29
C LEU A 604 5.77 -32.48 10.77
N ALA A 605 6.78 -31.96 11.47
CA ALA A 605 7.46 -30.72 11.06
C ALA A 605 8.03 -30.77 9.65
N ASN A 606 8.42 -31.97 9.21
CA ASN A 606 9.02 -32.13 7.89
C ASN A 606 8.02 -32.50 6.78
N SER A 607 6.72 -32.47 7.06
CA SER A 607 5.73 -32.68 6.00
C SER A 607 5.46 -31.36 5.25
N THR A 608 6.51 -30.84 4.61
CA THR A 608 6.48 -29.60 3.84
C THR A 608 6.92 -29.77 2.38
N GLY A 609 7.39 -30.97 2.00
CA GLY A 609 7.94 -31.18 0.66
C GLY A 609 6.93 -31.16 -0.46
N ALA A 610 7.45 -31.08 -1.68
CA ALA A 610 6.62 -31.05 -2.86
C ALA A 610 7.34 -31.59 -4.11
N GLY A 611 6.53 -32.07 -5.05
CA GLY A 611 7.08 -32.57 -6.30
C GLY A 611 5.99 -33.00 -7.26
N LEU A 612 6.41 -33.73 -8.30
CA LEU A 612 5.54 -34.14 -9.37
C LEU A 612 4.96 -35.53 -9.12
N LEU A 613 3.71 -35.70 -9.55
CA LEU A 613 3.02 -36.99 -9.51
C LEU A 613 2.83 -37.48 -10.93
N ALA A 614 2.94 -38.80 -11.11
CA ALA A 614 2.81 -39.46 -12.41
C ALA A 614 2.16 -40.83 -12.23
N ASP A 615 1.17 -41.14 -13.07
CA ASP A 615 0.52 -42.44 -13.06
C ASP A 615 0.16 -42.82 -14.48
N GLY A 616 0.58 -44.01 -14.90
CA GLY A 616 0.34 -44.49 -16.26
C GLY A 616 1.08 -43.73 -17.33
N THR A 617 2.21 -43.09 -16.97
CA THR A 617 3.08 -42.49 -17.98
C THR A 617 4.02 -43.59 -18.51
N THR A 618 4.09 -43.70 -19.82
CA THR A 618 4.86 -44.72 -20.51
C THR A 618 5.73 -44.06 -21.58
N ALA A 619 6.50 -44.87 -22.31
CA ALA A 619 7.28 -44.39 -23.44
C ALA A 619 6.39 -43.74 -24.50
N GLY A 620 5.20 -44.28 -24.70
CA GLY A 620 4.24 -43.79 -25.69
C GLY A 620 3.23 -42.77 -25.14
N ASP A 621 2.89 -42.86 -23.85
CA ASP A 621 1.89 -41.95 -23.23
C ASP A 621 2.66 -41.06 -22.24
N VAL A 622 3.09 -39.92 -22.75
CA VAL A 622 4.04 -39.07 -22.07
C VAL A 622 3.34 -37.78 -21.60
N VAL A 623 3.75 -37.26 -20.45
CA VAL A 623 3.26 -35.97 -19.95
C VAL A 623 4.45 -35.02 -19.81
N GLY A 624 4.42 -33.95 -20.60
CA GLY A 624 5.47 -32.95 -20.61
C GLY A 624 5.13 -31.85 -19.62
N VAL A 625 5.98 -31.66 -18.62
CA VAL A 625 5.78 -30.63 -17.62
C VAL A 625 6.81 -29.52 -17.82
N SER A 626 6.30 -28.29 -18.00
CA SER A 626 7.16 -27.12 -18.19
C SER A 626 6.60 -25.94 -17.39
N GLY A 627 7.26 -24.79 -17.47
CA GLY A 627 6.89 -23.60 -16.70
C GLY A 627 6.87 -23.85 -15.20
N LEU A 628 7.73 -24.74 -14.71
CA LEU A 628 7.76 -25.13 -13.30
C LEU A 628 8.46 -24.09 -12.46
N GLU A 629 7.81 -23.67 -11.39
CA GLU A 629 8.38 -22.69 -10.48
C GLU A 629 7.88 -22.91 -9.06
N LEU A 630 8.80 -22.85 -8.10
CA LEU A 630 8.49 -22.87 -6.68
C LEU A 630 8.74 -21.48 -6.13
N TRP A 631 7.75 -20.92 -5.42
CA TRP A 631 7.91 -19.68 -4.65
C TRP A 631 7.85 -20.04 -3.18
N ASP A 632 9.01 -20.05 -2.51
CA ASP A 632 9.07 -20.41 -1.09
C ASP A 632 8.99 -19.15 -0.19
N GLY A 633 7.95 -19.10 0.65
CA GLY A 633 7.82 -18.10 1.69
C GLY A 633 6.57 -17.24 1.59
N LEU A 634 6.20 -16.86 0.38
CA LEU A 634 5.07 -15.96 0.14
C LEU A 634 5.28 -14.62 0.91
N VAL A 635 4.20 -14.04 1.45
CA VAL A 635 4.24 -12.77 2.15
C VAL A 635 3.66 -12.96 3.53
N ASP A 636 4.20 -12.23 4.49
CA ASP A 636 3.60 -12.10 5.81
C ASP A 636 2.41 -11.11 5.70
N ALA A 637 1.19 -11.63 5.59
CA ALA A 637 0.01 -10.81 5.28
C ALA A 637 -0.42 -9.86 6.41
N TRP A 638 0.01 -10.14 7.64
CA TRP A 638 -0.36 -9.34 8.81
C TRP A 638 0.89 -8.90 9.58
N PRO A 639 1.69 -8.00 8.98
CA PRO A 639 2.99 -7.66 9.57
C PRO A 639 2.94 -7.10 10.97
N ALA A 640 1.87 -6.37 11.34
CA ALA A 640 1.79 -5.83 12.70
C ALA A 640 1.41 -6.85 13.76
N ARG A 641 0.85 -8.00 13.36
CA ARG A 641 0.40 -8.98 14.32
C ARG A 641 1.58 -9.81 14.80
N PRO A 642 1.67 -10.06 16.12
CA PRO A 642 2.60 -11.12 16.56
C PRO A 642 2.13 -12.51 16.08
N ALA A 643 3.00 -13.52 16.26
CA ALA A 643 2.70 -14.89 15.82
C ALA A 643 1.45 -15.46 16.48
N ASN A 644 1.29 -15.18 17.77
CA ASN A 644 0.14 -15.65 18.53
C ASN A 644 -0.75 -14.48 18.93
N THR A 645 -1.86 -14.33 18.21
CA THR A 645 -2.85 -13.27 18.50
C THR A 645 -4.07 -13.79 19.25
N SER A 646 -3.99 -15.01 19.80
CA SER A 646 -5.03 -15.48 20.70
C SER A 646 -5.22 -14.55 21.90
N GLN A 647 -6.47 -14.39 22.33
CA GLN A 647 -6.78 -13.73 23.58
C GLN A 647 -7.50 -14.68 24.52
N GLY A 648 -7.36 -15.99 24.27
CA GLY A 648 -8.08 -16.98 25.05
C GLY A 648 -9.48 -17.17 24.53
N LEU A 649 -10.13 -18.21 25.03
CA LEU A 649 -11.51 -18.54 24.66
C LEU A 649 -12.39 -18.44 25.89
N VAL A 650 -13.66 -18.12 25.67
CA VAL A 650 -14.62 -17.97 26.77
C VAL A 650 -15.87 -18.77 26.46
N TRP A 651 -16.60 -19.07 27.53
CA TRP A 651 -17.88 -19.76 27.45
C TRP A 651 -18.98 -18.77 27.84
N ASP A 652 -20.08 -18.80 27.09
CA ASP A 652 -21.22 -17.90 27.35
C ASP A 652 -22.00 -18.29 28.62
N GLY A 653 -21.78 -19.50 29.10
CA GLY A 653 -22.42 -19.96 30.32
C GLY A 653 -23.72 -20.69 30.01
N PRO A 654 -24.46 -21.08 31.06
CA PRO A 654 -25.69 -21.85 30.90
C PRO A 654 -26.82 -21.14 30.14
N THR A 655 -26.80 -19.79 30.07
CA THR A 655 -27.86 -19.08 29.32
C THR A 655 -27.77 -19.32 27.82
N ALA A 656 -26.63 -19.74 27.30
CA ALA A 656 -26.53 -19.98 25.87
C ALA A 656 -27.56 -21.01 25.43
N ALA A 657 -27.68 -22.11 26.18
CA ALA A 657 -28.67 -23.13 25.88
C ALA A 657 -30.10 -22.65 26.14
N MET A 658 -30.27 -21.79 27.15
CA MET A 658 -31.60 -21.21 27.42
C MET A 658 -32.10 -20.35 26.27
N TYR A 659 -31.25 -19.45 25.76
CA TYR A 659 -31.64 -18.60 24.65
C TYR A 659 -31.74 -19.40 23.36
N GLY A 660 -30.87 -20.40 23.19
CA GLY A 660 -30.94 -21.32 22.06
C GLY A 660 -30.48 -20.74 20.72
N LEU A 661 -29.74 -19.64 20.75
CA LEU A 661 -29.35 -18.94 19.52
C LEU A 661 -27.95 -19.27 19.05
N PHE A 662 -27.04 -19.38 19.99
CA PHE A 662 -25.62 -19.59 19.75
C PHE A 662 -25.15 -20.81 20.54
N ALA A 663 -24.17 -21.54 20.01
CA ALA A 663 -23.60 -22.68 20.73
C ALA A 663 -23.07 -22.28 22.10
N GLY A 664 -22.41 -21.12 22.18
CA GLY A 664 -21.91 -20.58 23.44
C GLY A 664 -20.41 -20.66 23.65
N TYR A 665 -19.70 -21.24 22.69
CA TYR A 665 -18.26 -21.41 22.81
C TYR A 665 -17.65 -21.28 21.42
N CYS B 42 -10.20 40.28 -10.49
CA CYS B 42 -9.34 39.06 -10.65
C CYS B 42 -9.86 38.15 -11.75
N SER B 43 -9.12 38.09 -12.87
CA SER B 43 -9.39 37.14 -13.94
C SER B 43 -8.48 35.94 -13.74
N LEU B 44 -9.02 34.74 -13.95
CA LEU B 44 -8.25 33.51 -13.91
C LEU B 44 -8.07 32.94 -15.32
N ASP B 45 -8.10 33.82 -16.32
CA ASP B 45 -7.94 33.42 -17.72
C ASP B 45 -6.46 33.15 -17.98
N GLN B 46 -6.12 31.87 -18.09
CA GLN B 46 -4.74 31.45 -18.36
C GLN B 46 -4.40 31.33 -19.86
N THR B 47 -5.30 31.81 -20.74
CA THR B 47 -4.99 31.95 -22.16
C THR B 47 -4.50 33.35 -22.52
N VAL B 48 -4.53 34.29 -21.58
CA VAL B 48 -3.98 35.63 -21.80
C VAL B 48 -3.00 35.97 -20.69
N ALA B 49 -2.30 37.09 -20.85
CA ALA B 49 -1.34 37.56 -19.85
C ALA B 49 -2.00 37.72 -18.48
N PRO B 50 -1.24 37.50 -17.39
CA PRO B 50 -1.83 37.62 -16.06
C PRO B 50 -2.13 39.06 -15.68
N GLY B 51 -3.26 39.30 -15.04
CA GLY B 51 -3.56 40.62 -14.52
C GLY B 51 -2.81 40.91 -13.23
N ASN B 52 -3.40 41.74 -12.40
CA ASN B 52 -2.92 41.98 -11.06
C ASN B 52 -3.52 40.89 -10.17
N LEU B 53 -2.74 39.85 -9.91
CA LEU B 53 -3.24 38.69 -9.15
C LEU B 53 -3.38 38.95 -7.64
N THR B 54 -2.73 40.00 -7.14
CA THR B 54 -2.95 40.44 -5.75
C THR B 54 -4.37 40.89 -5.44
N LEU B 55 -5.18 41.16 -6.46
CA LEU B 55 -6.61 41.44 -6.28
C LEU B 55 -7.46 40.18 -6.10
N CYS B 56 -6.91 39.01 -6.37
CA CYS B 56 -7.66 37.76 -6.24
C CYS B 56 -7.92 37.42 -4.77
N GLY B 57 -9.02 36.72 -4.51
CA GLY B 57 -9.40 36.33 -3.16
C GLY B 57 -8.53 35.21 -2.59
N ASN B 58 -8.78 34.89 -1.33
CA ASN B 58 -8.05 33.84 -0.62
C ASN B 58 -8.26 32.48 -1.30
N ALA B 59 -7.18 31.76 -1.56
CA ALA B 59 -7.26 30.41 -2.16
C ALA B 59 -7.91 30.36 -3.55
N THR B 60 -8.00 31.49 -4.26
CA THR B 60 -8.52 31.48 -5.63
C THR B 60 -7.50 30.88 -6.59
N LEU B 61 -6.22 30.91 -6.23
CA LEU B 61 -5.17 30.24 -7.00
C LEU B 61 -4.73 28.90 -6.37
N PHE B 62 -5.64 28.21 -5.69
CA PHE B 62 -5.30 27.01 -4.93
C PHE B 62 -4.75 25.90 -5.82
N THR B 63 -5.44 25.59 -6.91
CA THR B 63 -5.00 24.49 -7.80
C THR B 63 -4.04 24.91 -8.92
N THR B 64 -3.89 26.21 -9.16
CA THR B 64 -3.15 26.74 -10.33
C THR B 64 -1.71 26.23 -10.45
N PHE B 65 -0.98 26.26 -9.34
CA PHE B 65 0.43 25.87 -9.31
C PHE B 65 0.70 24.67 -8.39
N ARG B 66 -0.34 23.97 -7.98
CA ARG B 66 -0.24 23.08 -6.83
C ARG B 66 0.30 21.70 -7.22
N PRO B 67 1.35 21.21 -6.52
CA PRO B 67 1.78 19.81 -6.75
C PRO B 67 0.66 18.80 -6.48
N LYS B 68 0.63 17.74 -7.28
CA LYS B 68 -0.33 16.63 -7.17
C LYS B 68 0.31 15.27 -6.84
N ALA B 69 1.61 15.11 -7.08
CA ALA B 69 2.24 13.80 -7.07
C ALA B 69 3.19 13.56 -5.90
N ARG B 70 3.07 14.40 -4.87
CA ARG B 70 3.99 14.39 -3.74
C ARG B 70 3.29 14.71 -2.44
N PHE B 71 4.03 14.53 -1.36
CA PHE B 71 3.52 14.84 -0.04
C PHE B 71 3.38 16.36 0.12
N ILE B 72 2.18 16.78 0.52
CA ILE B 72 1.86 18.17 0.79
C ILE B 72 0.68 18.18 1.76
N ALA B 73 0.61 19.18 2.63
CA ALA B 73 -0.51 19.36 3.55
C ALA B 73 -1.82 19.60 2.79
N PRO B 74 -2.98 19.34 3.42
CA PRO B 74 -4.24 19.63 2.72
C PRO B 74 -4.41 21.12 2.37
N GLU B 75 -3.89 21.99 3.23
CA GLU B 75 -3.95 23.43 3.00
C GLU B 75 -3.05 24.14 3.98
N GLY B 76 -2.87 25.44 3.76
CA GLY B 76 -2.16 26.28 4.72
C GLY B 76 -0.67 26.08 4.71
N TRP B 77 -0.06 26.44 5.82
CA TRP B 77 1.38 26.46 5.95
C TRP B 77 1.93 25.10 6.39
N MET B 78 2.99 24.66 5.72
CA MET B 78 3.83 23.57 6.24
C MET B 78 5.31 23.92 6.12
N ASN B 79 6.13 23.32 6.98
CA ASN B 79 7.56 23.32 6.77
C ASN B 79 8.16 21.93 7.03
N ALA B 80 9.08 21.81 7.98
CA ALA B 80 9.91 20.63 8.15
C ALA B 80 9.14 19.31 8.32
N PRO B 81 9.58 18.24 7.65
CA PRO B 81 9.18 16.90 8.05
C PRO B 81 9.57 16.63 9.49
N MET B 82 8.80 15.78 10.15
CA MET B 82 9.04 15.40 11.53
C MET B 82 8.36 14.07 11.84
N GLY B 83 8.76 13.46 12.95
CA GLY B 83 8.12 12.27 13.45
C GLY B 83 8.03 11.11 12.48
N LEU B 84 9.05 10.96 11.64
CA LEU B 84 9.07 9.93 10.61
C LEU B 84 9.39 8.56 11.18
N TYR B 85 8.54 7.57 10.87
CA TYR B 85 8.86 6.19 11.23
C TYR B 85 8.03 5.20 10.43
N GLN B 86 8.60 4.03 10.26
CA GLN B 86 7.89 2.91 9.67
C GLN B 86 7.12 2.21 10.78
N ARG B 87 5.81 2.13 10.61
CA ARG B 87 4.93 1.55 11.63
C ARG B 87 5.02 0.02 11.60
N ALA B 88 4.46 -0.61 12.62
CA ALA B 88 4.50 -2.09 12.76
C ALA B 88 3.91 -2.83 11.55
N ASP B 89 2.91 -2.25 10.89
CA ASP B 89 2.30 -2.85 9.69
C ASP B 89 3.09 -2.63 8.41
N GLY B 90 4.23 -1.96 8.51
CA GLY B 90 5.07 -1.68 7.37
C GLY B 90 4.80 -0.37 6.68
N SER B 91 3.70 0.32 7.03
CA SER B 91 3.39 1.61 6.42
C SER B 91 4.32 2.71 6.98
N ILE B 92 4.37 3.83 6.28
CA ILE B 92 5.21 4.97 6.67
C ILE B 92 4.33 6.05 7.31
N HIS B 93 4.66 6.45 8.53
CA HIS B 93 4.06 7.61 9.18
C HIS B 93 4.95 8.82 8.93
N ALA B 94 4.37 9.87 8.37
CA ALA B 94 5.08 11.13 8.14
C ALA B 94 4.34 12.26 8.83
N GLY B 95 5.06 12.95 9.70
CA GLY B 95 4.59 14.18 10.29
C GLY B 95 5.22 15.37 9.59
N TYR B 96 4.66 16.54 9.88
CA TYR B 96 5.22 17.78 9.38
C TYR B 96 4.81 18.97 10.21
N GLN B 97 5.70 19.95 10.31
CA GLN B 97 5.40 21.25 10.90
C GLN B 97 4.26 21.89 10.12
N SER B 98 3.19 22.27 10.82
CA SER B 98 1.92 22.63 10.20
C SER B 98 1.24 23.79 10.90
N HIS B 99 0.68 24.72 10.11
CA HIS B 99 -0.17 25.80 10.61
C HIS B 99 -1.37 25.95 9.69
N PRO B 100 -2.44 25.16 9.93
CA PRO B 100 -3.63 25.21 9.09
C PRO B 100 -4.30 26.58 9.03
N LYS B 101 -4.89 26.90 7.88
CA LYS B 101 -5.69 28.11 7.68
C LYS B 101 -4.89 29.40 7.85
N HIS B 102 -3.57 29.30 7.70
CA HIS B 102 -2.65 30.41 7.71
C HIS B 102 -1.66 30.15 6.59
N ILE B 103 -0.98 31.20 6.13
CA ILE B 103 0.08 31.05 5.12
C ILE B 103 1.45 31.54 5.58
N GLN B 104 1.57 31.83 6.87
CA GLN B 104 2.85 31.99 7.52
C GLN B 104 2.91 31.10 8.75
N TRP B 105 4.12 30.84 9.21
CA TRP B 105 4.40 30.00 10.35
C TRP B 105 3.74 30.51 11.64
N GLY B 106 3.37 29.58 12.52
CA GLY B 106 2.83 29.91 13.84
C GLY B 106 2.10 28.73 14.47
N ASN B 107 1.86 28.81 15.77
CA ASN B 107 1.23 27.75 16.57
C ASN B 107 1.68 26.39 16.09
N ILE B 108 2.99 26.22 15.92
CA ILE B 108 3.43 25.21 15.01
C ILE B 108 3.13 23.84 15.64
N SER B 109 2.57 22.96 14.82
CA SER B 109 1.98 21.70 15.24
C SER B 109 2.45 20.58 14.32
N GLN B 110 2.22 19.33 14.72
CA GLN B 110 2.46 18.21 13.83
C GLN B 110 1.18 17.85 13.07
N GLY B 111 1.20 18.06 11.76
CA GLY B 111 0.23 17.42 10.85
C GLY B 111 0.77 16.06 10.47
N ALA B 112 -0.11 15.12 10.10
CA ALA B 112 0.35 13.76 9.81
C ALA B 112 -0.48 13.02 8.79
N ALA B 113 0.18 12.07 8.14
CA ALA B 113 -0.44 11.20 7.16
C ALA B 113 0.37 9.90 7.08
N TYR B 114 -0.20 8.91 6.39
CA TYR B 114 0.46 7.63 6.25
C TYR B 114 0.37 7.07 4.82
N SER B 115 1.28 6.17 4.49
CA SER B 115 1.40 5.59 3.17
C SER B 115 2.02 4.21 3.25
N SER B 116 1.59 3.30 2.39
CA SER B 116 2.25 2.00 2.31
C SER B 116 3.39 1.95 1.29
N ASP B 117 3.58 3.01 0.50
CA ASP B 117 4.56 2.98 -0.59
C ASP B 117 5.32 4.30 -0.84
N PHE B 118 5.36 5.17 0.18
CA PHE B 118 5.92 6.53 0.09
C PHE B 118 5.22 7.47 -0.90
N THR B 119 4.18 7.01 -1.61
CA THR B 119 3.75 7.66 -2.83
C THR B 119 2.29 8.08 -2.79
N SER B 120 1.41 7.14 -2.42
CA SER B 120 0.00 7.38 -2.23
C SER B 120 -0.26 7.52 -0.72
N TRP B 121 -0.83 8.65 -0.32
CA TRP B 121 -0.96 9.01 1.10
C TRP B 121 -2.41 9.19 1.52
N THR B 122 -2.64 9.02 2.81
CA THR B 122 -3.92 9.27 3.43
C THR B 122 -3.72 10.11 4.70
N ASP B 123 -4.52 11.17 4.84
CA ASP B 123 -4.46 12.05 6.01
C ASP B 123 -5.02 11.34 7.25
N PHE B 124 -4.44 11.62 8.41
CA PHE B 124 -5.13 11.34 9.67
C PHE B 124 -6.26 12.33 9.81
N ASN B 125 -7.35 11.91 10.44
CA ASN B 125 -8.52 12.76 10.74
C ASN B 125 -8.97 12.49 12.16
N GLY B 126 -8.78 13.46 13.04
CA GLY B 126 -9.13 13.35 14.44
C GLY B 126 -9.82 14.62 14.87
N SER B 127 -9.87 14.84 16.18
CA SER B 127 -10.55 16.00 16.74
C SER B 127 -9.93 17.33 16.28
N GLU B 128 -8.64 17.33 15.94
CA GLU B 128 -7.98 18.53 15.39
C GLU B 128 -7.68 18.38 13.91
N GLY B 129 -8.58 17.74 13.17
CA GLY B 129 -8.40 17.54 11.74
C GLY B 129 -7.22 16.63 11.44
N TYR B 130 -6.26 17.14 10.68
CA TYR B 130 -5.08 16.37 10.31
C TYR B 130 -3.90 16.61 11.26
N LYS B 131 -4.08 17.45 12.27
CA LYS B 131 -3.07 17.60 13.32
C LYS B 131 -3.13 16.43 14.29
N THR B 132 -1.96 16.03 14.80
CA THR B 132 -1.88 15.03 15.87
C THR B 132 -1.12 15.45 17.12
N ILE B 133 -0.33 16.51 17.04
CA ILE B 133 0.30 17.14 18.23
C ILE B 133 0.25 18.64 18.02
N TRP B 134 -0.09 19.37 19.08
CA TRP B 134 -0.27 20.83 19.00
C TRP B 134 0.16 21.45 20.32
N PRO B 135 0.48 22.76 20.30
CA PRO B 135 0.77 23.45 21.56
C PRO B 135 -0.40 23.34 22.56
N SER B 136 -0.12 22.88 23.78
CA SER B 136 -1.15 22.69 24.81
C SER B 136 -0.73 22.91 26.27
N GLN B 137 0.56 23.12 26.53
CA GLN B 137 1.10 23.17 27.88
C GLN B 137 2.07 24.34 27.96
N ILE B 138 2.31 24.82 29.18
CA ILE B 138 3.24 25.96 29.35
C ILE B 138 4.60 25.71 28.66
N TYR B 139 5.06 24.47 28.70
CA TYR B 139 6.36 24.09 28.14
C TYR B 139 6.41 24.01 26.61
N ASP B 140 5.27 23.81 25.93
CA ASP B 140 5.24 23.79 24.46
C ASP B 140 4.25 24.74 23.80
N ILE B 141 3.70 25.68 24.56
CA ILE B 141 2.62 26.54 24.03
C ILE B 141 3.04 27.45 22.88
N ARG B 142 4.33 27.74 22.78
CA ARG B 142 4.87 28.60 21.75
C ARG B 142 5.11 27.84 20.44
N GLY B 143 5.05 26.50 20.49
CA GLY B 143 5.21 25.68 19.30
C GLY B 143 5.74 24.30 19.63
N VAL B 144 5.17 23.31 18.96
CA VAL B 144 5.66 21.93 18.92
C VAL B 144 6.57 21.85 17.71
N PHE B 145 7.86 21.99 17.96
CA PHE B 145 8.90 22.03 16.92
C PHE B 145 9.24 20.60 16.49
N ASP B 146 10.29 20.44 15.68
CA ASP B 146 10.73 19.18 15.14
C ASP B 146 11.00 18.15 16.24
N GLY B 147 10.73 16.89 15.91
CA GLY B 147 11.05 15.77 16.80
C GLY B 147 11.21 14.49 16.01
N SER B 148 11.68 13.45 16.67
CA SER B 148 11.95 12.16 16.05
C SER B 148 11.50 11.02 16.96
N ILE B 149 11.47 9.83 16.40
CA ILE B 149 10.73 8.71 16.98
C ILE B 149 11.64 7.68 17.63
N ILE B 150 11.32 7.36 18.88
CA ILE B 150 11.79 6.17 19.56
C ILE B 150 10.74 5.09 19.29
N LYS B 151 11.09 4.06 18.51
CA LYS B 151 10.09 3.09 18.08
C LYS B 151 9.54 2.23 19.20
N GLU B 152 10.40 1.83 20.14
CA GLU B 152 9.97 1.13 21.35
C GLU B 152 10.25 1.97 22.58
N GLY B 153 9.28 2.82 22.91
CA GLY B 153 9.47 3.83 23.92
C GLY B 153 8.60 3.56 25.13
N ILE B 154 7.92 4.61 25.60
CA ILE B 154 7.14 4.56 26.82
C ILE B 154 6.11 3.41 26.71
N ASP B 155 6.16 2.49 27.67
CA ASP B 155 5.30 1.30 27.71
C ASP B 155 5.34 0.47 26.42
N GLY B 156 6.48 0.48 25.74
CA GLY B 156 6.64 -0.19 24.46
C GLY B 156 6.07 0.50 23.23
N TYR B 157 5.47 1.68 23.38
CA TYR B 157 4.80 2.37 22.27
C TYR B 157 5.74 3.32 21.52
N PRO B 158 5.45 3.56 20.23
CA PRO B 158 6.23 4.59 19.56
C PRO B 158 6.11 5.92 20.30
N THR B 159 7.24 6.60 20.43
CA THR B 159 7.39 7.73 21.32
C THR B 159 8.16 8.80 20.56
N ILE B 160 7.69 10.04 20.61
CA ILE B 160 8.34 11.15 19.96
C ILE B 160 9.08 11.96 21.02
N LEU B 161 10.33 12.31 20.73
CA LEU B 161 11.08 13.30 21.49
C LEU B 161 11.12 14.52 20.59
N TYR B 162 10.57 15.63 21.08
CA TYR B 162 10.37 16.85 20.26
C TYR B 162 10.78 18.10 21.01
N THR B 163 11.06 19.16 20.27
CA THR B 163 11.38 20.43 20.91
C THR B 163 10.09 21.15 21.30
N SER B 164 9.91 21.29 22.61
CA SER B 164 8.80 22.00 23.20
C SER B 164 9.28 23.41 23.48
N THR B 165 8.61 24.40 22.90
CA THR B 165 9.01 25.80 23.05
C THR B 165 8.00 26.59 23.90
N SER B 166 8.55 27.53 24.69
CA SER B 166 7.77 28.45 25.50
C SER B 166 8.16 29.90 25.15
N PHE B 167 7.88 30.84 26.04
N PHE B 167 7.87 30.86 26.03
CA PHE B 167 8.05 32.25 25.74
CA PHE B 167 8.05 32.28 25.72
C PHE B 167 9.52 32.69 25.75
C PHE B 167 9.52 32.68 25.73
N GLY B 168 9.78 33.83 25.11
CA GLY B 168 11.08 34.52 25.18
C GLY B 168 11.66 34.62 23.79
N PRO B 169 12.70 35.47 23.63
CA PRO B 169 13.39 35.53 22.35
C PRO B 169 13.90 34.14 21.94
N LEU B 170 13.68 33.79 20.68
CA LEU B 170 14.03 32.50 20.14
C LEU B 170 14.61 32.72 18.76
N GLY B 171 15.87 32.36 18.59
CA GLY B 171 16.53 32.48 17.28
C GLY B 171 18.02 32.64 17.40
N ALA B 172 18.71 32.20 16.34
CA ALA B 172 20.16 32.19 16.29
C ALA B 172 20.76 33.61 16.32
N THR B 173 20.02 34.59 15.84
CA THR B 173 20.48 35.98 15.85
C THR B 173 19.94 36.79 17.04
N LEU B 174 19.18 36.15 17.93
CA LEU B 174 18.59 36.83 19.09
C LEU B 174 19.31 36.38 20.35
N ASN B 175 18.93 36.94 21.48
CA ASN B 175 19.51 36.59 22.75
C ASN B 175 18.58 35.61 23.49
N GLU B 176 18.59 34.36 23.05
CA GLU B 176 17.75 33.32 23.63
C GLU B 176 18.26 32.93 25.01
N ALA B 177 17.35 32.55 25.88
CA ALA B 177 17.69 32.07 27.21
C ALA B 177 17.18 30.66 27.40
N GLU B 178 17.80 29.99 28.36
CA GLU B 178 17.48 28.63 28.79
C GLU B 178 15.99 28.51 29.17
N GLY B 179 15.35 27.42 28.76
CA GLY B 179 13.93 27.22 29.01
C GLY B 179 13.02 27.52 27.83
N THR B 180 13.41 28.47 27.00
CA THR B 180 12.61 28.79 25.81
C THR B 180 12.47 27.58 24.87
N GLU B 181 13.54 26.79 24.73
CA GLU B 181 13.51 25.55 23.97
C GLU B 181 13.93 24.42 24.87
N THR B 182 13.01 23.47 25.08
CA THR B 182 13.28 22.27 25.84
C THR B 182 12.87 21.06 25.01
N GLN B 183 13.09 19.85 25.53
CA GLN B 183 12.74 18.66 24.79
C GLN B 183 11.82 17.80 25.64
N SER B 184 10.76 17.31 25.00
CA SER B 184 9.66 16.63 25.68
C SER B 184 9.27 15.35 24.95
N LEU B 185 8.58 14.48 25.66
CA LEU B 185 8.13 13.21 25.13
C LEU B 185 6.62 13.12 25.02
N ALA B 186 6.18 12.40 23.99
CA ALA B 186 4.80 11.94 23.87
C ALA B 186 4.79 10.57 23.22
N TYR B 187 3.77 9.78 23.48
CA TYR B 187 3.69 8.43 22.91
C TYR B 187 2.32 8.18 22.30
N THR B 188 2.25 7.24 21.36
CA THR B 188 0.99 6.90 20.72
C THR B 188 0.58 5.46 20.97
N THR B 189 -0.68 5.26 21.38
CA THR B 189 -1.26 3.93 21.52
C THR B 189 -2.13 3.52 20.33
N ASP B 190 -2.20 4.35 19.30
CA ASP B 190 -3.06 4.10 18.15
C ASP B 190 -2.35 4.40 16.84
N ASP B 191 -1.05 4.07 16.81
CA ASP B 191 -0.25 4.14 15.58
C ASP B 191 -0.23 5.53 14.93
N GLY B 192 -0.21 6.57 15.76
CA GLY B 192 -0.06 7.94 15.28
C GLY B 192 -1.33 8.73 15.06
N ALA B 193 -2.51 8.15 15.32
CA ALA B 193 -3.76 8.91 15.26
C ALA B 193 -3.81 9.98 16.36
N SER B 194 -3.21 9.67 17.51
CA SER B 194 -3.11 10.62 18.61
C SER B 194 -1.83 10.37 19.42
N TRP B 195 -1.41 11.38 20.18
CA TRP B 195 -0.25 11.28 21.05
C TRP B 195 -0.61 11.76 22.44
N ILE B 196 -0.08 11.07 23.45
CA ILE B 196 -0.23 11.44 24.85
C ILE B 196 1.12 11.94 25.37
N LYS B 197 1.14 13.19 25.83
CA LYS B 197 2.35 13.80 26.37
C LYS B 197 2.51 13.31 27.80
N LEU B 198 3.75 13.13 28.25
CA LEU B 198 3.98 12.95 29.70
C LEU B 198 3.52 14.21 30.40
N GLY B 199 3.22 14.10 31.70
CA GLY B 199 2.80 15.25 32.48
C GLY B 199 3.90 16.31 32.59
N TYR B 200 3.51 17.54 32.90
CA TYR B 200 4.47 18.59 33.20
C TYR B 200 4.97 18.43 34.62
N GLY B 201 6.29 18.45 34.79
CA GLY B 201 6.87 18.57 36.13
C GLY B 201 8.17 17.84 36.34
N ALA B 202 8.58 17.81 37.60
CA ALA B 202 9.85 17.20 38.01
C ALA B 202 9.81 15.73 37.69
N GLY B 203 10.82 15.25 36.98
CA GLY B 203 10.89 13.85 36.59
C GLY B 203 9.96 13.49 35.45
N GLN B 204 9.35 14.49 34.80
CA GLN B 204 8.45 14.25 33.66
C GLN B 204 8.83 15.29 32.58
N ASN B 205 7.85 15.80 31.82
CA ASN B 205 8.16 16.78 30.79
C ASN B 205 8.45 18.18 31.35
N PRO B 206 9.33 18.93 30.70
CA PRO B 206 10.26 18.46 29.66
C PRO B 206 11.39 17.63 30.28
N VAL B 207 11.91 16.69 29.50
CA VAL B 207 12.93 15.75 29.96
C VAL B 207 14.36 16.27 29.74
N ILE B 208 14.55 17.15 28.77
CA ILE B 208 15.84 17.83 28.60
C ILE B 208 15.58 19.34 28.54
N TYR B 209 16.16 20.06 29.48
CA TYR B 209 15.93 21.51 29.65
C TYR B 209 17.21 22.33 29.93
N GLU B 210 18.22 21.72 30.54
CA GLU B 210 19.48 22.41 30.81
C GLU B 210 20.33 22.54 29.56
N TRP B 211 20.78 23.76 29.31
CA TRP B 211 21.73 24.02 28.23
C TRP B 211 23.08 23.37 28.56
N PRO B 212 23.65 22.59 27.61
CA PRO B 212 24.95 21.98 27.87
C PRO B 212 26.13 22.96 27.90
N GLU B 213 26.00 24.12 27.24
CA GLU B 213 27.01 25.18 27.27
C GLU B 213 26.25 26.50 27.28
N THR B 214 26.91 27.60 27.65
CA THR B 214 26.21 28.89 27.72
C THR B 214 26.09 29.55 26.35
N ASN B 215 25.23 30.55 26.26
CA ASN B 215 25.11 31.38 25.07
C ASN B 215 24.85 30.61 23.78
N LEU B 216 23.93 29.64 23.86
CA LEU B 216 23.55 28.89 22.67
C LEU B 216 22.81 29.78 21.69
N THR B 217 23.06 29.53 20.41
CA THR B 217 22.30 30.12 19.34
C THR B 217 20.98 29.35 19.13
N GLY B 218 20.94 28.10 19.58
CA GLY B 218 19.75 27.27 19.40
C GLY B 218 19.90 25.97 20.15
N PHE B 219 18.77 25.31 20.39
CA PHE B 219 18.75 24.09 21.20
C PHE B 219 17.49 23.29 20.85
N ARG B 220 17.53 22.63 19.69
CA ARG B 220 16.33 22.01 19.16
C ARG B 220 16.60 20.87 18.17
N ASP B 221 15.49 20.25 17.78
CA ASP B 221 15.44 19.21 16.74
C ASP B 221 16.13 17.92 17.17
N PRO B 222 15.68 17.33 18.29
CA PRO B 222 16.31 16.12 18.80
C PRO B 222 16.14 14.95 17.82
N TYR B 223 17.26 14.30 17.52
CA TYR B 223 17.29 13.19 16.61
C TYR B 223 17.70 11.98 17.39
N VAL B 224 16.75 11.06 17.59
CA VAL B 224 16.99 9.86 18.38
C VAL B 224 17.37 8.72 17.43
N PHE B 225 18.39 7.96 17.80
CA PHE B 225 18.85 6.86 16.95
C PHE B 225 19.58 5.80 17.77
N GLN B 226 19.52 4.57 17.28
CA GLN B 226 20.32 3.47 17.82
C GLN B 226 21.59 3.39 17.01
N SER B 227 22.66 2.93 17.63
CA SER B 227 23.96 2.88 16.98
C SER B 227 24.88 1.87 17.67
N PRO B 228 24.88 0.60 17.19
CA PRO B 228 25.91 -0.36 17.58
C PRO B 228 27.34 0.19 17.43
N ARG B 229 27.57 0.99 16.38
CA ARG B 229 28.84 1.68 16.17
C ARG B 229 29.24 2.53 17.37
N LEU B 230 28.39 3.49 17.75
CA LEU B 230 28.69 4.35 18.88
C LEU B 230 28.74 3.58 20.20
N GLU B 231 27.89 2.57 20.37
CA GLU B 231 27.95 1.72 21.57
C GLU B 231 29.29 1.00 21.71
N ALA B 232 29.80 0.46 20.61
CA ALA B 232 31.12 -0.21 20.61
C ALA B 232 32.23 0.76 20.96
N LEU B 233 32.19 1.96 20.38
CA LEU B 233 33.20 2.99 20.65
C LEU B 233 33.21 3.51 22.08
N LEU B 234 32.04 3.55 22.73
CA LEU B 234 31.93 4.07 24.08
C LEU B 234 31.97 2.99 25.17
N ALA B 235 31.96 1.72 24.77
CA ALA B 235 31.84 0.61 25.73
C ALA B 235 32.90 0.60 26.83
N ASN B 236 34.14 1.00 26.53
CA ASN B 236 35.20 1.05 27.54
C ASN B 236 35.19 2.30 28.42
N THR B 237 34.26 3.24 28.16
CA THR B 237 34.17 4.50 28.91
C THR B 237 32.89 4.66 29.73
N THR B 238 32.02 3.65 29.78
CA THR B 238 30.72 3.83 30.44
C THR B 238 30.82 4.02 31.96
N SER B 239 31.92 3.60 32.58
CA SER B 239 32.23 3.95 33.98
C SER B 239 32.35 5.43 34.22
N ILE B 240 32.86 6.18 33.24
CA ILE B 240 33.06 7.61 33.40
C ILE B 240 31.72 8.37 33.45
N THR B 241 30.78 8.01 32.58
CA THR B 241 29.52 8.72 32.41
C THR B 241 28.29 8.03 33.02
N ASN B 242 28.39 6.72 33.25
CA ASN B 242 27.27 5.85 33.63
C ASN B 242 26.11 5.72 32.62
N ALA B 243 26.28 6.26 31.41
CA ALA B 243 25.25 6.21 30.38
C ALA B 243 25.45 4.94 29.56
N THR B 244 24.48 4.02 29.66
CA THR B 244 24.58 2.71 29.02
C THR B 244 23.36 2.34 28.16
N GLY B 245 22.47 3.30 27.90
CA GLY B 245 21.29 3.03 27.08
C GLY B 245 21.60 2.74 25.64
N ASP B 246 20.65 2.10 24.97
CA ASP B 246 20.77 1.76 23.56
C ASP B 246 20.29 2.85 22.58
N HIS B 247 19.82 3.99 23.07
CA HIS B 247 19.46 5.14 22.23
C HIS B 247 20.39 6.31 22.47
N PHE B 248 20.74 6.99 21.39
CA PHE B 248 21.44 8.26 21.43
C PHE B 248 20.50 9.35 20.91
N ALA B 249 20.80 10.60 21.24
CA ALA B 249 20.07 11.73 20.68
C ALA B 249 21.02 12.88 20.43
N THR B 250 20.95 13.47 19.25
CA THR B 250 21.62 14.74 19.02
C THR B 250 20.63 15.87 19.16
N ILE B 251 21.12 17.03 19.60
CA ILE B 251 20.37 18.28 19.61
C ILE B 251 21.18 19.32 18.87
N SER B 252 20.51 20.03 17.96
CA SER B 252 21.13 20.96 17.02
C SER B 252 21.18 22.38 17.57
N GLY B 253 22.32 23.03 17.40
CA GLY B 253 22.47 24.38 17.88
C GLY B 253 23.78 25.05 17.46
N GLY B 254 24.36 25.78 18.41
CA GLY B 254 25.59 26.52 18.19
C GLY B 254 25.87 27.42 19.37
N VAL B 255 26.96 28.17 19.29
CA VAL B 255 27.37 29.08 20.37
C VAL B 255 27.59 30.44 19.74
N HIS B 256 27.03 31.48 20.38
CA HIS B 256 27.06 32.84 19.82
C HIS B 256 28.50 33.25 19.52
N GLY B 257 28.72 33.73 18.30
CA GLY B 257 30.02 34.18 17.85
C GLY B 257 31.02 33.09 17.49
N ASP B 258 30.73 31.82 17.80
CA ASP B 258 31.72 30.75 17.72
C ASP B 258 31.29 29.50 16.93
N GLY B 259 30.27 29.64 16.10
CA GLY B 259 29.86 28.59 15.18
C GLY B 259 28.85 27.58 15.72
N ALA B 260 28.46 26.67 14.82
CA ALA B 260 27.45 25.66 15.08
C ALA B 260 27.97 24.50 15.91
N ARG B 261 27.04 23.80 16.55
CA ARG B 261 27.33 22.64 17.39
C ARG B 261 26.22 21.62 17.22
N LEU B 262 26.60 20.34 17.16
CA LEU B 262 25.66 19.26 17.32
C LEU B 262 26.02 18.57 18.62
N PHE B 263 25.10 18.59 19.59
CA PHE B 263 25.35 18.04 20.92
C PHE B 263 24.88 16.60 21.00
N LEU B 264 25.70 15.71 21.58
CA LEU B 264 25.36 14.30 21.69
C LEU B 264 24.95 13.94 23.10
N TYR B 265 23.80 13.28 23.21
CA TYR B 265 23.28 12.74 24.45
C TYR B 265 23.16 11.26 24.29
N ARG B 266 23.25 10.55 25.41
CA ARG B 266 22.97 9.13 25.42
C ARG B 266 21.93 8.84 26.49
N GLN B 267 20.94 8.05 26.12
CA GLN B 267 19.97 7.51 27.06
C GLN B 267 20.74 6.89 28.21
N HIS B 268 20.38 7.27 29.43
CA HIS B 268 21.15 6.83 30.59
C HIS B 268 21.01 5.34 30.84
N THR B 269 19.78 4.82 30.76
CA THR B 269 19.49 3.42 31.05
C THR B 269 18.50 2.86 30.03
N THR B 270 18.84 1.70 29.47
CA THR B 270 17.97 1.00 28.52
C THR B 270 16.58 0.82 29.11
N GLY B 271 15.57 1.04 28.27
CA GLY B 271 14.17 0.90 28.69
C GLY B 271 13.62 2.02 29.55
N GLU B 272 14.40 3.07 29.78
CA GLU B 272 13.96 4.23 30.58
C GLU B 272 14.22 5.50 29.77
N PHE B 273 13.23 6.38 29.71
CA PHE B 273 13.23 7.47 28.71
C PHE B 273 13.23 8.89 29.25
N ILE B 274 13.32 9.03 30.56
CA ILE B 274 13.34 10.33 31.21
C ILE B 274 14.76 10.92 31.25
N LYS B 275 15.74 10.10 31.62
CA LYS B 275 17.11 10.59 31.83
C LYS B 275 18.00 10.41 30.58
N TRP B 276 18.50 11.52 30.06
CA TRP B 276 19.42 11.57 28.91
C TRP B 276 20.67 12.28 29.39
N THR B 277 21.83 11.65 29.19
CA THR B 277 23.10 12.17 29.69
C THR B 277 23.85 12.85 28.56
N TYR B 278 24.18 14.13 28.76
CA TYR B 278 25.00 14.87 27.81
C TYR B 278 26.43 14.31 27.81
N LEU B 279 26.91 13.88 26.65
CA LEU B 279 28.29 13.38 26.53
C LEU B 279 29.24 14.50 26.14
N GLY B 280 28.92 15.20 25.07
CA GLY B 280 29.76 16.28 24.57
C GLY B 280 29.36 16.68 23.16
N PRO B 281 30.01 17.71 22.59
CA PRO B 281 29.76 18.11 21.21
C PRO B 281 30.24 17.05 20.23
N LEU B 282 29.38 16.68 19.29
CA LEU B 282 29.68 15.66 18.29
C LEU B 282 30.34 16.34 17.11
N VAL B 283 29.71 17.42 16.63
CA VAL B 283 30.25 18.19 15.52
C VAL B 283 30.40 19.63 15.99
N THR B 284 31.57 20.20 15.68
CA THR B 284 31.89 21.58 16.01
C THR B 284 32.46 22.18 14.74
N THR B 285 31.82 23.24 14.26
CA THR B 285 32.31 23.99 13.11
C THR B 285 32.47 25.44 13.50
N GLY B 286 33.19 26.19 12.67
CA GLY B 286 33.55 27.58 12.95
C GLY B 286 32.49 28.55 12.46
N TYR B 287 32.50 29.76 13.02
CA TYR B 287 31.58 30.83 12.64
C TYR B 287 31.68 31.15 11.14
N LYS B 288 30.65 30.76 10.39
CA LYS B 288 30.60 30.89 8.94
C LYS B 288 31.77 30.24 8.18
N GLU B 289 32.36 29.20 8.77
CA GLU B 289 33.37 28.37 8.12
C GLU B 289 32.77 27.70 6.88
N SER B 290 33.57 27.58 5.82
CA SER B 290 33.18 26.82 4.63
C SER B 290 34.26 25.81 4.31
N TYR B 291 33.84 24.60 3.98
CA TYR B 291 34.76 23.57 3.52
C TYR B 291 35.11 23.79 2.06
N GLY B 292 34.35 24.62 1.35
CA GLY B 292 34.69 24.96 -0.03
C GLY B 292 33.49 25.02 -0.95
N GLU B 293 33.78 25.20 -2.22
CA GLU B 293 32.78 25.43 -3.28
C GLU B 293 31.77 24.28 -3.44
N TRP B 294 32.17 23.07 -3.03
CA TRP B 294 31.33 21.87 -3.14
C TRP B 294 30.54 21.57 -1.86
N SER B 295 30.63 22.43 -0.85
CA SER B 295 30.24 22.10 0.50
C SER B 295 29.38 23.14 1.23
N GLY B 296 28.86 24.14 0.51
CA GLY B 296 28.09 25.21 1.11
C GLY B 296 28.87 25.96 2.19
N ASN B 297 28.19 26.27 3.30
CA ASN B 297 28.77 27.04 4.39
C ASN B 297 28.14 26.62 5.71
N TYR B 298 28.98 26.43 6.73
CA TYR B 298 28.50 25.92 8.02
C TYR B 298 27.74 26.94 8.88
N GLY B 299 27.63 28.19 8.43
CA GLY B 299 26.79 29.19 9.10
C GLY B 299 27.12 29.39 10.57
N ILE B 300 26.10 29.71 11.34
CA ILE B 300 26.26 30.01 12.79
C ILE B 300 25.51 29.07 13.73
N ASN B 301 24.68 28.21 13.17
CA ASN B 301 23.73 27.41 13.95
C ASN B 301 23.27 26.24 13.09
N PHE B 302 23.24 25.05 13.67
CA PHE B 302 22.67 23.87 13.01
C PHE B 302 21.20 23.71 13.34
N GLU B 303 20.49 23.09 12.40
CA GLU B 303 19.10 22.71 12.57
C GLU B 303 18.87 21.35 11.93
N THR B 304 17.81 20.67 12.41
CA THR B 304 17.35 19.38 11.91
C THR B 304 18.46 18.37 11.62
N ALA B 305 19.46 18.27 12.48
CA ALA B 305 20.59 17.39 12.23
C ALA B 305 20.27 15.95 12.58
N GLY B 306 20.79 15.03 11.77
CA GLY B 306 20.66 13.59 12.00
C GLY B 306 21.99 12.88 11.83
N VAL B 307 22.05 11.66 12.34
CA VAL B 307 23.23 10.81 12.29
C VAL B 307 22.80 9.47 11.68
N THR B 308 23.55 8.99 10.70
CA THR B 308 23.30 7.69 10.11
C THR B 308 24.61 6.96 9.78
N ARG B 309 24.48 5.71 9.36
CA ARG B 309 25.63 4.90 8.95
C ARG B 309 25.17 4.10 7.73
N LEU B 310 25.91 4.23 6.64
CA LEU B 310 25.51 3.67 5.36
C LEU B 310 26.61 2.81 4.78
N ASN B 311 26.23 1.91 3.89
CA ASN B 311 27.19 1.18 3.08
C ASN B 311 26.67 1.21 1.64
N PRO B 312 27.37 0.55 0.69
CA PRO B 312 26.90 0.70 -0.69
C PRO B 312 25.45 0.26 -0.95
N ALA B 313 24.92 -0.68 -0.17
CA ALA B 313 23.54 -1.18 -0.34
C ALA B 313 22.46 -0.31 0.34
N GLY B 314 22.82 0.45 1.35
CA GLY B 314 21.84 1.27 2.08
C GLY B 314 22.28 1.55 3.49
N ALA B 315 21.40 1.28 4.45
CA ALA B 315 21.72 1.46 5.87
C ALA B 315 22.62 0.35 6.37
N ALA B 316 23.55 0.72 7.24
CA ALA B 316 24.50 -0.23 7.83
C ALA B 316 24.31 -0.21 9.33
N TRP B 317 24.09 -1.37 9.92
CA TRP B 317 23.86 -1.49 11.36
C TRP B 317 24.96 -2.28 12.08
N ASP B 318 26.14 -2.33 11.49
CA ASP B 318 27.29 -3.03 12.08
C ASP B 318 27.92 -2.18 13.19
N ASN B 319 28.74 -2.82 14.01
CA ASN B 319 29.47 -2.17 15.11
C ASN B 319 30.80 -1.51 14.73
N GLY B 320 31.07 -1.32 13.44
CA GLY B 320 32.37 -0.91 12.95
C GLY B 320 33.08 -1.97 12.12
N SER B 321 32.63 -3.22 12.21
CA SER B 321 33.25 -4.35 11.48
C SER B 321 33.09 -4.31 9.95
N ASP B 322 32.06 -3.65 9.43
CA ASP B 322 31.90 -3.51 7.98
C ASP B 322 32.81 -2.38 7.49
N THR B 323 33.87 -2.77 6.78
CA THR B 323 34.85 -1.81 6.24
C THR B 323 34.31 -1.03 5.07
N THR B 324 33.18 -1.45 4.47
CA THR B 324 32.52 -0.64 3.42
C THR B 324 31.58 0.45 3.97
N ALA B 325 31.36 0.46 5.27
CA ALA B 325 30.38 1.39 5.87
C ALA B 325 31.01 2.73 6.21
N VAL B 326 30.23 3.80 6.12
CA VAL B 326 30.67 5.15 6.35
C VAL B 326 29.67 5.83 7.30
N ASP B 327 30.19 6.56 8.28
CA ASP B 327 29.36 7.35 9.20
C ASP B 327 29.08 8.72 8.60
N PHE B 328 27.80 9.13 8.63
CA PHE B 328 27.39 10.40 8.05
C PHE B 328 26.58 11.20 9.05
N VAL B 329 26.68 12.53 8.95
CA VAL B 329 25.78 13.46 9.62
C VAL B 329 25.13 14.31 8.54
N THR B 330 23.83 14.53 8.66
CA THR B 330 23.11 15.47 7.80
C THR B 330 22.65 16.59 8.69
N PHE B 331 22.63 17.82 8.17
CA PHE B 331 22.33 18.98 8.99
C PHE B 331 22.04 20.20 8.13
N GLY B 332 21.15 21.07 8.63
CA GLY B 332 20.92 22.38 8.05
C GLY B 332 21.80 23.40 8.75
N THR B 333 22.17 24.46 8.04
CA THR B 333 22.90 25.58 8.66
C THR B 333 22.17 26.86 8.35
N GLU B 334 22.29 27.81 9.28
CA GLU B 334 21.68 29.13 9.17
C GLU B 334 22.73 30.24 9.09
N GLN B 335 22.40 31.28 8.34
CA GLN B 335 23.18 32.54 8.28
C GLN B 335 24.55 32.38 7.63
N GLY B 336 24.71 31.36 6.78
CA GLY B 336 25.92 31.20 5.98
C GLY B 336 25.64 31.30 4.49
N ARG B 337 24.55 31.95 4.13
CA ARG B 337 24.14 32.00 2.74
C ARG B 337 23.41 33.32 2.50
N ALA B 338 23.68 33.92 1.35
CA ALA B 338 23.12 35.22 0.98
C ALA B 338 21.68 35.16 0.50
N ASP B 339 21.21 33.98 0.12
CA ASP B 339 19.87 33.80 -0.41
C ASP B 339 19.35 32.43 0.04
N HIS B 340 18.28 31.91 -0.55
CA HIS B 340 17.68 30.63 -0.13
C HIS B 340 17.39 30.64 1.38
N GLN B 341 16.78 31.75 1.82
CA GLN B 341 16.38 31.94 3.22
C GLN B 341 17.52 31.69 4.20
N ASN B 342 18.74 32.07 3.79
CA ASN B 342 19.97 31.89 4.57
C ASN B 342 20.27 30.46 5.03
N HIS B 343 19.78 29.48 4.26
CA HIS B 343 19.74 28.07 4.69
C HIS B 343 20.44 27.11 3.71
N TRP B 344 21.39 26.33 4.23
CA TRP B 344 22.07 25.26 3.48
C TRP B 344 21.67 23.91 4.09
N PRO B 345 21.10 22.98 3.28
CA PRO B 345 20.98 21.61 3.75
C PRO B 345 22.21 20.81 3.33
N LEU B 346 23.02 20.40 4.31
CA LEU B 346 24.32 19.82 4.10
C LEU B 346 24.42 18.40 4.62
N TRP B 347 25.54 17.75 4.32
CA TRP B 347 25.92 16.47 4.91
C TRP B 347 27.41 16.37 5.01
N ALA B 348 27.89 15.51 5.91
CA ALA B 348 29.31 15.24 6.04
C ALA B 348 29.57 13.80 6.39
N ALA B 349 30.60 13.23 5.78
CA ALA B 349 31.14 11.95 6.19
C ALA B 349 32.07 12.24 7.37
N VAL B 350 32.02 11.42 8.41
CA VAL B 350 32.76 11.72 9.63
C VAL B 350 33.51 10.49 10.12
N ASP B 351 34.65 10.73 10.78
CA ASP B 351 35.41 9.69 11.46
C ASP B 351 35.29 9.94 12.95
N TYR B 352 34.74 8.98 13.68
CA TYR B 352 34.51 9.14 15.12
C TYR B 352 35.78 8.91 15.92
N GLU B 353 36.09 9.82 16.86
CA GLU B 353 37.15 9.64 17.86
C GLU B 353 36.53 9.67 19.25
N VAL B 354 37.00 8.80 20.13
CA VAL B 354 36.52 8.74 21.52
C VAL B 354 37.37 9.67 22.37
N ARG B 355 36.72 10.61 23.07
CA ARG B 355 37.42 11.51 24.00
C ARG B 355 37.59 10.84 25.35
N ASP B 356 38.55 11.35 26.13
CA ASP B 356 38.84 10.81 27.45
C ASP B 356 37.67 10.89 28.44
N ASN B 357 36.80 11.90 28.28
CA ASN B 357 35.62 12.01 29.14
C ASN B 357 34.42 11.12 28.75
N GLY B 358 34.61 10.18 27.82
CA GLY B 358 33.53 9.25 27.43
C GLY B 358 32.53 9.87 26.48
N SER B 359 33.02 10.71 25.56
CA SER B 359 32.21 11.36 24.53
C SER B 359 32.85 11.10 23.17
N ILE B 360 32.21 11.59 22.12
CA ILE B 360 32.61 11.31 20.73
C ILE B 360 32.83 12.61 19.98
N GLU B 361 33.96 12.71 19.29
CA GLU B 361 34.16 13.79 18.32
C GLU B 361 34.00 13.21 16.94
N ALA B 362 33.14 13.81 16.14
CA ALA B 362 32.94 13.43 14.76
C ALA B 362 33.76 14.36 13.90
N VAL B 363 34.88 13.84 13.39
CA VAL B 363 35.81 14.64 12.59
C VAL B 363 35.38 14.57 11.14
N ILE B 364 35.11 15.72 10.54
CA ILE B 364 34.62 15.77 9.18
C ILE B 364 35.71 15.30 8.18
N ALA B 365 35.41 14.26 7.41
CA ALA B 365 36.33 13.66 6.41
C ALA B 365 36.12 14.25 5.03
N TYR B 366 34.86 14.48 4.68
CA TYR B 366 34.48 15.27 3.51
C TYR B 366 33.04 15.73 3.68
N SER B 367 32.62 16.72 2.91
CA SER B 367 31.44 17.47 3.25
C SER B 367 30.74 17.93 2.00
N GLY B 368 29.44 17.65 1.89
CA GLY B 368 28.66 18.01 0.72
C GLY B 368 27.34 18.68 1.04
N VAL B 369 26.51 18.74 -0.01
CA VAL B 369 25.25 19.44 -0.03
C VAL B 369 24.19 18.40 -0.36
N GLN B 370 23.12 18.36 0.43
CA GLN B 370 22.07 17.37 0.22
C GLN B 370 21.12 17.80 -0.91
N ASP B 371 20.89 19.09 -1.04
CA ASP B 371 20.11 19.66 -2.14
C ASP B 371 20.55 21.11 -2.31
N TRP B 372 20.72 21.53 -3.57
CA TRP B 372 21.31 22.82 -3.91
C TRP B 372 20.27 23.93 -4.12
N GLY B 373 18.97 23.59 -4.07
CA GLY B 373 17.94 24.55 -4.36
C GLY B 373 17.13 24.99 -3.15
N ARG B 374 15.86 25.30 -3.41
CA ARG B 374 14.93 25.82 -2.40
C ARG B 374 14.34 24.72 -1.53
N SER B 375 15.21 23.99 -0.85
CA SER B 375 14.78 22.95 0.09
C SER B 375 15.65 22.98 1.33
N TYR B 376 15.12 22.41 2.41
CA TYR B 376 15.75 22.47 3.73
C TYR B 376 15.07 21.49 4.66
N ALA B 377 15.67 21.25 5.82
CA ALA B 377 15.06 20.52 6.91
C ALA B 377 14.88 19.06 6.54
N TYR B 378 15.96 18.46 6.00
CA TYR B 378 15.95 17.05 5.65
C TYR B 378 15.97 16.20 6.92
N ALA B 379 15.09 15.21 6.95
CA ALA B 379 15.03 14.22 8.02
C ALA B 379 15.27 12.85 7.40
N SER B 380 15.98 11.97 8.09
CA SER B 380 16.14 10.59 7.63
C SER B 380 15.69 9.60 8.69
N PHE B 381 15.24 8.44 8.24
CA PHE B 381 14.66 7.43 9.13
C PHE B 381 14.90 6.02 8.58
N PRO B 382 15.04 5.03 9.48
CA PRO B 382 15.30 3.68 9.00
C PRO B 382 14.06 3.01 8.44
N VAL B 383 14.24 2.23 7.39
CA VAL B 383 13.17 1.49 6.73
C VAL B 383 13.65 0.05 6.55
N GLU B 384 12.74 -0.91 6.73
CA GLU B 384 13.11 -2.31 6.72
C GLU B 384 13.74 -2.70 5.40
N GLY B 385 14.62 -3.70 5.44
CA GLY B 385 15.45 -4.08 4.28
C GLY B 385 16.72 -3.27 4.20
N TYR B 386 17.23 -2.82 5.36
CA TYR B 386 18.51 -2.14 5.45
C TYR B 386 18.53 -0.85 4.60
N ARG B 387 17.52 -0.02 4.82
CA ARG B 387 17.40 1.26 4.12
C ARG B 387 17.39 2.40 5.10
N GLN B 388 17.88 3.55 4.65
CA GLN B 388 17.74 4.82 5.35
C GLN B 388 17.16 5.78 4.33
N VAL B 389 16.00 6.36 4.65
CA VAL B 389 15.24 7.16 3.70
C VAL B 389 15.19 8.59 4.20
N SER B 390 15.39 9.53 3.28
CA SER B 390 15.53 10.94 3.60
C SER B 390 14.48 11.73 2.82
N VAL B 391 13.92 12.75 3.47
CA VAL B 391 12.95 13.63 2.84
C VAL B 391 13.10 15.02 3.44
N GLY B 392 12.86 16.03 2.62
CA GLY B 392 12.99 17.42 3.05
C GLY B 392 11.78 18.24 2.67
N TRP B 393 11.89 19.54 2.90
CA TRP B 393 10.82 20.51 2.66
C TRP B 393 11.24 21.45 1.54
N ILE B 394 10.36 21.62 0.56
CA ILE B 394 10.56 22.58 -0.52
C ILE B 394 9.66 23.79 -0.22
N TYR B 395 10.28 24.94 0.02
CA TYR B 395 9.54 26.16 0.24
C TYR B 395 9.14 26.77 -1.09
N GLU B 396 8.23 27.73 -1.07
CA GLU B 396 7.79 28.43 -2.28
C GLU B 396 8.89 29.45 -2.69
N ASP B 397 8.70 30.12 -3.83
CA ASP B 397 9.60 31.22 -4.22
C ASP B 397 8.78 32.51 -4.29
N ASP B 398 8.24 32.89 -3.13
CA ASP B 398 7.43 34.08 -2.98
C ASP B 398 7.80 34.70 -1.63
N ASP B 399 9.08 35.01 -1.46
CA ASP B 399 9.60 35.41 -0.15
C ASP B 399 9.04 36.73 0.41
N ASN B 400 8.50 37.57 -0.45
CA ASN B 400 7.78 38.78 0.00
C ASN B 400 6.29 38.56 0.28
N VAL B 401 5.82 37.31 0.18
CA VAL B 401 4.47 36.92 0.60
C VAL B 401 3.40 37.69 -0.21
N ILE B 402 3.62 37.77 -1.52
CA ILE B 402 2.76 38.57 -2.40
C ILE B 402 1.50 37.81 -2.82
N LEU B 403 1.63 36.52 -3.13
CA LEU B 403 0.48 35.70 -3.56
C LEU B 403 0.16 34.51 -2.62
N ALA B 404 0.74 34.51 -1.42
CA ALA B 404 0.55 33.39 -0.49
C ALA B 404 -0.91 33.20 -0.12
N LYS B 405 -1.61 34.30 0.17
CA LYS B 405 -3.03 34.22 0.51
C LYS B 405 -3.88 33.73 -0.65
N GLN B 406 -3.51 34.15 -1.86
CA GLN B 406 -4.19 33.70 -3.06
C GLN B 406 -3.98 32.19 -3.28
N PHE B 407 -2.77 31.70 -3.02
CA PHE B 407 -2.52 30.23 -3.02
C PHE B 407 -3.42 29.53 -2.01
N GLY B 408 -3.43 30.03 -0.78
CA GLY B 408 -4.14 29.36 0.32
C GLY B 408 -3.32 28.25 0.97
N TYR B 409 -2.04 28.17 0.61
CA TYR B 409 -1.11 27.17 1.16
C TYR B 409 0.32 27.63 0.88
N GLN B 410 1.26 27.07 1.63
CA GLN B 410 2.69 27.22 1.36
C GLN B 410 3.41 25.91 1.69
N GLY B 411 4.23 25.44 0.75
CA GLY B 411 5.20 24.39 1.01
C GLY B 411 4.79 23.01 0.52
N ALA B 412 5.79 22.16 0.30
CA ALA B 412 5.59 20.72 0.02
C ALA B 412 6.83 19.98 0.48
N PHE B 413 6.77 18.66 0.47
CA PHE B 413 7.96 17.85 0.67
C PHE B 413 8.72 17.70 -0.65
N THR B 414 9.97 17.28 -0.54
CA THR B 414 10.70 16.69 -1.64
C THR B 414 10.14 15.29 -1.87
N LEU B 415 10.68 14.58 -2.85
CA LEU B 415 10.46 13.14 -2.92
C LEU B 415 11.27 12.44 -1.83
N PHE B 416 10.88 11.22 -1.53
CA PHE B 416 11.58 10.41 -0.55
C PHE B 416 12.77 9.75 -1.23
N ARG B 417 13.91 9.75 -0.56
CA ARG B 417 15.17 9.36 -1.18
C ARG B 417 15.84 8.29 -0.36
N ASP B 418 16.25 7.20 -1.01
CA ASP B 418 17.14 6.22 -0.38
C ASP B 418 18.54 6.82 -0.33
N LEU B 419 19.16 6.72 0.85
CA LEU B 419 20.55 7.05 1.04
C LEU B 419 21.39 5.77 1.00
N PHE B 420 22.59 5.91 0.46
CA PHE B 420 23.55 4.81 0.36
C PHE B 420 24.93 5.39 0.10
N VAL B 421 25.97 4.57 0.21
CA VAL B 421 27.34 4.99 -0.14
C VAL B 421 27.51 4.78 -1.63
N LYS B 422 27.63 5.86 -2.38
CA LYS B 422 27.92 5.76 -3.81
C LYS B 422 29.42 5.48 -4.00
N VAL B 423 29.73 4.39 -4.71
CA VAL B 423 31.12 3.99 -5.02
C VAL B 423 31.31 3.96 -6.52
N VAL B 424 32.28 4.73 -7.02
CA VAL B 424 32.62 4.74 -8.44
C VAL B 424 34.01 4.13 -8.57
N GLU B 425 34.10 3.01 -9.29
CA GLU B 425 35.37 2.33 -9.47
C GLU B 425 36.03 2.73 -10.77
N ASN B 426 37.35 2.50 -10.83
CA ASN B 426 38.16 2.74 -12.03
C ASN B 426 38.06 4.16 -12.56
N VAL B 427 38.13 5.13 -11.64
CA VAL B 427 38.11 6.53 -12.00
C VAL B 427 39.51 6.96 -12.46
N SER B 428 39.55 7.69 -13.57
CA SER B 428 40.79 8.23 -14.13
C SER B 428 41.38 9.31 -13.21
N PRO B 429 42.69 9.20 -12.88
CA PRO B 429 43.37 10.25 -12.12
C PRO B 429 43.42 11.60 -12.80
N SER B 430 43.18 11.66 -14.10
CA SER B 430 43.14 12.94 -14.79
C SER B 430 41.76 13.61 -14.78
N THR B 431 40.79 13.04 -14.07
CA THR B 431 39.52 13.74 -13.85
C THR B 431 39.84 15.09 -13.20
N PRO B 432 39.42 16.21 -13.83
CA PRO B 432 39.75 17.52 -13.27
C PRO B 432 39.24 17.72 -11.84
N GLY B 433 40.08 18.31 -10.99
CA GLY B 433 39.73 18.63 -9.61
C GLY B 433 39.47 17.44 -8.69
N LEU B 434 39.87 16.24 -9.10
CA LEU B 434 39.52 15.04 -8.35
C LEU B 434 40.10 15.01 -6.93
N PHE B 435 41.28 15.59 -6.75
CA PHE B 435 41.96 15.51 -5.45
C PHE B 435 41.80 16.78 -4.59
N GLU B 436 40.98 17.73 -5.04
CA GLU B 436 40.53 18.87 -4.22
C GLU B 436 39.66 18.53 -3.03
N GLN B 437 39.64 19.45 -2.05
CA GLN B 437 38.83 19.29 -0.85
C GLN B 437 37.38 19.59 -1.14
N ALA B 438 36.56 18.55 -1.09
CA ALA B 438 35.22 18.63 -1.61
C ALA B 438 34.38 17.53 -0.94
N SER B 439 33.48 16.91 -1.70
CA SER B 439 32.41 16.10 -1.14
C SER B 439 32.52 14.63 -1.48
N TRP B 440 33.75 14.13 -1.59
CA TRP B 440 34.01 12.71 -1.84
C TRP B 440 35.39 12.36 -1.29
N SER B 441 35.66 11.07 -1.14
CA SER B 441 37.01 10.58 -0.82
C SER B 441 37.53 9.76 -2.01
N THR B 442 38.86 9.70 -2.10
CA THR B 442 39.57 9.00 -3.15
C THR B 442 40.49 8.00 -2.52
N LYS B 443 40.56 6.81 -3.11
CA LYS B 443 41.52 5.78 -2.73
C LYS B 443 42.25 5.34 -4.00
N ASN B 444 43.55 5.63 -4.07
CA ASN B 444 44.38 5.23 -5.22
C ASN B 444 44.56 3.72 -5.29
N SER B 445 44.58 3.18 -6.50
CA SER B 445 45.04 1.81 -6.71
C SER B 445 46.52 1.69 -6.36
N THR B 446 46.98 0.48 -6.07
CA THR B 446 48.41 0.24 -5.79
C THR B 446 49.34 0.83 -6.86
N ASP B 447 48.97 0.65 -8.13
CA ASP B 447 49.79 1.15 -9.25
C ASP B 447 49.57 2.62 -9.62
N GLY B 448 48.63 3.30 -8.96
CA GLY B 448 48.39 4.74 -9.18
C GLY B 448 47.69 5.11 -10.47
N MET B 449 47.24 4.13 -11.25
CA MET B 449 46.61 4.37 -12.55
C MET B 449 45.10 4.56 -12.46
N SER B 450 44.51 4.20 -11.31
CA SER B 450 43.08 4.41 -11.09
C SER B 450 42.75 4.75 -9.64
N VAL B 451 41.55 5.29 -9.45
CA VAL B 451 41.06 5.75 -8.16
C VAL B 451 39.65 5.18 -7.92
N THR B 452 39.37 4.81 -6.68
CA THR B 452 38.00 4.52 -6.23
C THR B 452 37.45 5.75 -5.52
N VAL B 453 36.32 6.26 -6.00
CA VAL B 453 35.66 7.44 -5.43
C VAL B 453 34.48 6.99 -4.54
N THR B 454 34.41 7.54 -3.34
CA THR B 454 33.32 7.29 -2.40
C THR B 454 32.62 8.61 -2.04
N THR B 455 31.29 8.62 -2.11
CA THR B 455 30.50 9.78 -1.67
C THR B 455 29.09 9.33 -1.20
N LEU B 456 28.28 10.31 -0.79
CA LEU B 456 26.90 10.02 -0.42
C LEU B 456 26.08 9.86 -1.68
N GLY B 457 25.38 8.73 -1.78
CA GLY B 457 24.41 8.51 -2.85
C GLY B 457 23.01 8.86 -2.38
N GLN B 458 22.20 9.42 -3.29
CA GLN B 458 20.81 9.72 -3.06
C GLN B 458 20.03 9.34 -4.30
N ARG B 459 18.97 8.55 -4.14
CA ARG B 459 18.08 8.24 -5.27
C ARG B 459 16.65 8.15 -4.81
N VAL B 460 15.73 8.48 -5.70
CA VAL B 460 14.33 8.48 -5.36
C VAL B 460 13.98 7.02 -5.03
N VAL B 461 13.22 6.83 -3.97
CA VAL B 461 12.80 5.47 -3.56
C VAL B 461 12.14 4.75 -4.73
N PRO B 462 12.48 3.47 -4.95
CA PRO B 462 11.97 2.76 -6.14
C PRO B 462 10.45 2.58 -6.19
N GLU B 463 9.81 2.58 -5.03
CA GLU B 463 8.34 2.51 -4.96
C GLU B 463 7.71 3.66 -5.71
N THR B 464 8.29 4.86 -5.58
CA THR B 464 7.78 6.06 -6.22
C THR B 464 8.06 6.03 -7.72
N LEU B 465 9.28 5.65 -8.10
CA LEU B 465 9.64 5.56 -9.53
C LEU B 465 8.76 4.55 -10.27
N ALA B 466 8.51 3.39 -9.65
CA ALA B 466 7.62 2.38 -10.23
C ALA B 466 6.18 2.86 -10.35
N ALA B 467 5.66 3.49 -9.29
CA ALA B 467 4.29 3.98 -9.32
C ALA B 467 4.12 5.11 -10.34
N TYR B 468 5.04 6.06 -10.34
CA TYR B 468 5.03 7.17 -11.32
C TYR B 468 5.00 6.66 -12.74
N LYS B 469 5.94 5.79 -13.07
CA LYS B 469 6.04 5.24 -14.42
C LYS B 469 4.78 4.44 -14.80
N GLY B 470 4.33 3.57 -13.90
CA GLY B 470 3.19 2.70 -14.18
C GLY B 470 1.85 3.40 -14.32
N ASN B 471 1.70 4.54 -13.65
CA ASN B 471 0.48 5.34 -13.77
C ASN B 471 0.55 6.41 -14.87
N SER B 472 1.73 6.63 -15.44
CA SER B 472 1.93 7.62 -16.51
C SER B 472 1.73 7.04 -17.92
N THR B 473 1.48 7.92 -18.88
CA THR B 473 1.67 7.60 -20.30
C THR B 473 3.14 7.77 -20.59
N VAL B 474 3.82 6.66 -20.83
CA VAL B 474 5.26 6.65 -21.03
C VAL B 474 5.56 6.75 -22.53
N SER B 475 6.42 7.70 -22.91
CA SER B 475 6.92 7.79 -24.28
C SER B 475 8.42 7.57 -24.21
N THR B 476 8.86 6.45 -24.79
CA THR B 476 10.29 6.16 -24.93
C THR B 476 10.75 6.87 -26.20
N LEU B 477 11.73 7.76 -26.05
CA LEU B 477 12.12 8.66 -27.14
C LEU B 477 13.42 8.18 -27.79
N ALA B 478 13.52 8.39 -29.09
CA ALA B 478 14.70 7.97 -29.85
C ALA B 478 15.90 8.78 -29.39
N PRO B 479 17.11 8.17 -29.38
CA PRO B 479 18.30 8.97 -29.04
C PRO B 479 18.50 10.16 -29.98
N VAL B 480 19.16 11.21 -29.48
CA VAL B 480 19.37 12.43 -30.24
C VAL B 480 20.85 12.79 -30.13
N MET B 481 21.51 12.94 -31.28
CA MET B 481 22.87 13.50 -31.35
C MET B 481 22.74 15.00 -31.52
N LEU B 482 23.29 15.75 -30.57
CA LEU B 482 23.29 17.21 -30.62
C LEU B 482 24.62 17.65 -31.22
N ASN B 483 24.56 18.21 -32.43
CA ASN B 483 25.75 18.61 -33.20
C ASN B 483 25.47 19.97 -33.86
N GLU B 484 26.13 20.27 -34.99
CA GLU B 484 25.94 21.55 -35.69
C GLU B 484 24.49 21.80 -36.13
N SER B 485 23.73 20.73 -36.38
CA SER B 485 22.32 20.85 -36.79
C SER B 485 21.33 21.13 -35.64
N ALA B 486 21.77 21.04 -34.39
CA ALA B 486 20.88 21.18 -33.23
C ALA B 486 20.37 22.61 -33.05
N ALA B 487 19.06 22.78 -32.92
CA ALA B 487 18.51 24.08 -32.49
C ALA B 487 18.85 24.35 -31.01
N ALA B 488 18.58 25.58 -30.55
CA ALA B 488 18.78 25.93 -29.13
C ALA B 488 17.88 25.06 -28.25
N TYR B 489 16.62 24.97 -28.65
CA TYR B 489 15.59 24.17 -28.00
C TYR B 489 14.95 23.26 -29.04
N THR B 490 14.88 21.97 -28.73
CA THR B 490 14.27 20.96 -29.59
C THR B 490 13.17 20.24 -28.79
N PRO B 491 11.89 20.57 -29.01
CA PRO B 491 10.80 19.85 -28.33
C PRO B 491 10.89 18.34 -28.50
N PHE B 492 10.53 17.59 -27.46
CA PHE B 492 10.47 16.13 -27.58
C PHE B 492 9.40 15.72 -28.56
N SER B 493 9.59 14.56 -29.19
CA SER B 493 8.61 14.03 -30.15
C SER B 493 7.23 13.75 -29.55
N SER B 494 7.19 13.46 -28.24
CA SER B 494 5.95 13.45 -27.47
C SER B 494 6.01 14.54 -26.41
N GLN B 495 4.86 15.15 -26.13
CA GLN B 495 4.78 16.28 -25.21
C GLN B 495 3.94 15.94 -23.97
N PRO B 496 4.26 16.57 -22.82
CA PRO B 496 3.35 16.46 -21.67
C PRO B 496 1.97 17.04 -21.96
N THR B 497 0.98 16.64 -21.17
CA THR B 497 -0.38 17.17 -21.28
C THR B 497 -0.77 18.07 -20.10
N ASP B 498 0.11 18.21 -19.12
CA ASP B 498 -0.16 19.02 -17.92
C ASP B 498 1.16 19.24 -17.17
N ARG B 499 1.13 19.79 -15.95
CA ARG B 499 2.34 20.13 -15.20
C ARG B 499 2.81 19.03 -14.26
N PHE B 500 2.59 17.78 -14.66
CA PHE B 500 2.90 16.62 -13.83
C PHE B 500 3.58 15.59 -14.71
N TYR B 501 4.89 15.62 -14.72
CA TYR B 501 5.67 14.71 -15.54
C TYR B 501 7.09 14.52 -15.11
N ALA B 502 7.71 13.44 -15.61
CA ALA B 502 9.12 13.15 -15.36
C ALA B 502 9.87 12.99 -16.68
N LEU B 503 11.15 13.36 -16.66
CA LEU B 503 12.05 13.20 -17.79
C LEU B 503 13.27 12.45 -17.32
N THR B 504 13.80 11.56 -18.17
CA THR B 504 15.11 10.93 -17.94
C THR B 504 15.94 11.12 -19.21
N GLY B 505 17.25 11.23 -19.03
CA GLY B 505 18.18 11.31 -20.16
C GLY B 505 19.60 11.10 -19.69
N SER B 506 20.42 10.49 -20.55
CA SER B 506 21.85 10.35 -20.36
C SER B 506 22.55 11.18 -21.42
N PHE B 507 23.35 12.15 -20.96
CA PHE B 507 24.06 13.09 -21.82
C PHE B 507 25.52 12.69 -21.84
N GLU B 508 26.00 12.26 -23.01
CA GLU B 508 27.39 11.84 -23.18
C GLU B 508 28.20 12.98 -23.80
N PHE B 509 29.21 13.43 -23.07
CA PHE B 509 30.04 14.58 -23.46
C PHE B 509 31.46 14.13 -23.76
N GLY B 510 32.11 14.80 -24.71
CA GLY B 510 33.56 14.66 -24.89
C GLY B 510 34.32 15.13 -23.66
N LEU B 511 35.47 14.54 -23.38
CA LEU B 511 36.28 14.91 -22.22
C LEU B 511 36.77 16.38 -22.19
N ASN B 512 36.85 17.04 -23.34
CA ASN B 512 37.27 18.45 -23.37
C ASN B 512 36.19 19.30 -24.01
N THR B 513 34.93 18.91 -23.82
CA THR B 513 33.83 19.66 -24.40
C THR B 513 33.75 21.06 -23.81
N THR B 514 33.20 21.98 -24.59
CA THR B 514 32.76 23.27 -24.09
C THR B 514 31.29 23.45 -24.47
N ALA B 515 30.62 22.37 -24.87
CA ALA B 515 29.20 22.44 -25.21
C ALA B 515 28.39 22.37 -23.91
N LYS B 516 27.17 22.87 -23.97
CA LYS B 516 26.19 22.73 -22.88
C LYS B 516 24.96 22.01 -23.42
N ALA B 517 24.31 21.25 -22.55
CA ALA B 517 23.02 20.65 -22.89
C ALA B 517 22.17 20.40 -21.64
N GLY B 518 20.88 20.18 -21.86
CA GLY B 518 19.98 19.83 -20.78
C GLY B 518 18.55 19.76 -21.24
N PHE B 519 17.64 20.14 -20.34
CA PHE B 519 16.20 20.06 -20.57
C PHE B 519 15.55 21.41 -20.35
N ARG B 520 14.62 21.76 -21.24
CA ARG B 520 13.69 22.85 -21.01
C ARG B 520 12.35 22.23 -20.58
N VAL B 521 11.70 22.83 -19.59
CA VAL B 521 10.44 22.32 -19.02
C VAL B 521 9.46 23.46 -18.77
N LEU B 522 8.18 23.10 -18.60
CA LEU B 522 7.11 24.05 -18.35
C LEU B 522 7.15 25.19 -19.39
N ALA B 523 7.19 24.76 -20.64
CA ALA B 523 7.56 25.62 -21.76
C ALA B 523 6.40 25.87 -22.70
N SER B 524 6.15 27.15 -22.95
CA SER B 524 5.46 27.61 -24.14
C SER B 524 6.43 28.59 -24.81
N GLU B 525 5.96 29.34 -25.80
CA GLU B 525 6.81 30.33 -26.47
C GLU B 525 7.21 31.45 -25.53
N GLU B 526 6.31 31.85 -24.64
CA GLU B 526 6.56 32.97 -23.73
C GLU B 526 7.09 32.65 -22.33
N GLU B 527 6.87 31.42 -21.85
CA GLU B 527 7.37 31.01 -20.52
C GLU B 527 8.08 29.69 -20.64
N TYR B 528 9.21 29.56 -19.94
CA TYR B 528 9.95 28.31 -19.94
C TYR B 528 11.02 28.36 -18.87
N THR B 529 11.47 27.18 -18.47
CA THR B 529 12.51 27.02 -17.47
C THR B 529 13.57 26.12 -18.04
N ASP B 530 14.83 26.55 -17.97
CA ASP B 530 15.92 25.87 -18.67
C ASP B 530 16.86 25.27 -17.67
N ILE B 531 17.10 23.97 -17.81
CA ILE B 531 17.99 23.22 -16.95
C ILE B 531 19.20 22.87 -17.80
N TRP B 532 20.35 23.44 -17.48
CA TRP B 532 21.57 23.30 -18.26
C TRP B 532 22.61 22.58 -17.46
N PHE B 533 23.42 21.74 -18.12
CA PHE B 533 24.69 21.34 -17.54
C PHE B 533 25.82 21.79 -18.46
N ASP B 534 26.90 22.26 -17.84
CA ASP B 534 28.02 22.90 -18.52
C ASP B 534 29.27 22.22 -17.98
N PRO B 535 29.68 21.11 -18.62
CA PRO B 535 30.79 20.31 -18.09
C PRO B 535 32.09 21.09 -17.88
N ALA B 536 32.36 22.11 -18.70
CA ALA B 536 33.59 22.91 -18.58
C ALA B 536 33.68 23.64 -17.24
N SER B 537 32.55 24.19 -16.77
CA SER B 537 32.48 24.84 -15.45
C SER B 537 32.04 23.90 -14.30
N GLU B 538 31.57 22.71 -14.64
CA GLU B 538 31.00 21.74 -13.69
C GLU B 538 29.71 22.23 -13.00
N ASN B 539 28.97 23.11 -13.67
CA ASN B 539 27.80 23.73 -13.09
C ASN B 539 26.53 23.22 -13.74
N LEU B 540 25.61 22.73 -12.89
CA LEU B 540 24.23 22.46 -13.28
C LEU B 540 23.41 23.66 -12.86
N THR B 541 22.74 24.29 -13.80
CA THR B 541 21.98 25.50 -13.51
C THR B 541 20.52 25.35 -13.88
N VAL B 542 19.68 26.11 -13.20
CA VAL B 542 18.30 26.29 -13.61
C VAL B 542 18.07 27.78 -13.81
N VAL B 543 17.84 28.16 -15.06
CA VAL B 543 17.68 29.54 -15.45
C VAL B 543 16.20 29.83 -15.50
N ARG B 544 15.79 30.85 -14.76
CA ARG B 544 14.38 31.11 -14.52
C ARG B 544 13.94 32.52 -14.90
N THR B 545 14.75 33.21 -15.72
CA THR B 545 14.44 34.57 -16.20
C THR B 545 13.14 34.63 -17.01
N ALA B 546 12.79 33.53 -17.67
CA ALA B 546 11.52 33.44 -18.39
C ALA B 546 10.50 32.44 -17.79
N SER B 547 10.75 31.94 -16.57
CA SER B 547 9.89 30.89 -15.95
C SER B 547 8.42 31.32 -15.84
N SER B 548 8.19 32.61 -15.58
CA SER B 548 6.82 33.10 -15.47
C SER B 548 6.63 34.56 -15.91
N LEU B 549 5.47 34.84 -16.49
CA LEU B 549 5.02 36.22 -16.74
C LEU B 549 4.63 36.96 -15.44
N ILE B 550 4.40 36.22 -14.35
CA ILE B 550 4.10 36.81 -13.04
C ILE B 550 5.42 37.24 -12.42
N LYS B 551 5.62 38.54 -12.25
CA LYS B 551 6.94 39.07 -11.91
C LYS B 551 7.31 39.00 -10.43
N SER B 552 6.33 38.75 -9.55
CA SER B 552 6.59 38.73 -8.11
C SER B 552 7.32 37.48 -7.62
N PHE B 553 7.34 36.40 -8.39
CA PHE B 553 8.03 35.17 -7.99
C PHE B 553 9.54 35.28 -8.21
N GLY B 554 10.31 34.49 -7.47
CA GLY B 554 11.76 34.49 -7.63
C GLY B 554 12.16 34.07 -9.04
N ASN B 555 13.23 34.68 -9.54
CA ASN B 555 13.74 34.36 -10.88
C ASN B 555 15.24 34.16 -10.94
N ASP B 556 15.88 34.03 -9.79
CA ASP B 556 17.32 33.84 -9.71
C ASP B 556 17.71 32.46 -10.23
N THR B 557 18.95 32.35 -10.68
CA THR B 557 19.46 31.14 -11.30
C THR B 557 19.93 30.18 -10.23
N GLU B 558 19.41 28.95 -10.25
CA GLU B 558 19.83 27.94 -9.28
C GLU B 558 21.12 27.36 -9.80
N LEU B 559 21.96 26.85 -8.91
CA LEU B 559 23.24 26.31 -9.29
C LEU B 559 23.65 25.15 -8.38
N ALA B 560 24.10 24.07 -9.00
CA ALA B 560 24.72 22.95 -8.29
C ALA B 560 26.04 22.60 -8.98
N LYS B 561 27.00 22.17 -8.19
CA LYS B 561 28.22 21.58 -8.72
C LYS B 561 27.99 20.09 -8.93
N VAL B 562 28.40 19.58 -10.09
CA VAL B 562 28.35 18.14 -10.38
C VAL B 562 29.70 17.70 -10.93
N LYS B 563 30.32 16.73 -10.24
CA LYS B 563 31.55 16.13 -10.68
C LYS B 563 31.27 14.92 -11.55
N LEU B 564 31.61 15.00 -12.83
CA LEU B 564 31.60 13.82 -13.69
C LEU B 564 32.92 13.07 -13.53
N TYR B 565 32.87 11.97 -12.77
CA TYR B 565 34.06 11.15 -12.53
C TYR B 565 34.35 10.39 -13.83
N GLU B 566 35.50 10.65 -14.44
CA GLU B 566 35.84 10.07 -15.73
C GLU B 566 36.37 8.67 -15.50
N ILE B 567 35.94 7.72 -16.31
CA ILE B 567 36.34 6.33 -16.12
C ILE B 567 37.59 6.01 -16.96
N VAL B 568 38.50 5.23 -16.38
CA VAL B 568 39.75 4.84 -17.06
C VAL B 568 39.41 4.20 -18.41
N GLY B 569 40.03 4.71 -19.47
CA GLY B 569 39.83 4.17 -20.80
C GLY B 569 38.65 4.73 -21.57
N ALA B 570 37.82 5.56 -20.93
CA ALA B 570 36.66 6.13 -21.62
C ALA B 570 37.10 7.36 -22.37
N GLU B 571 36.46 7.62 -23.50
CA GLU B 571 36.73 8.83 -24.27
C GLU B 571 35.56 9.80 -24.18
N SER B 572 34.72 9.63 -23.16
CA SER B 572 33.60 10.52 -22.91
C SER B 572 33.26 10.51 -21.42
N LYS B 573 32.36 11.41 -21.03
CA LYS B 573 31.86 11.47 -19.66
C LYS B 573 30.36 11.71 -19.71
N THR B 574 29.63 11.09 -18.77
CA THR B 574 28.17 11.03 -18.85
C THR B 574 27.43 11.62 -17.63
N LEU B 575 26.42 12.44 -17.93
CA LEU B 575 25.49 12.97 -16.94
C LEU B 575 24.14 12.26 -17.11
N ASN B 576 23.74 11.51 -16.10
CA ASN B 576 22.37 10.94 -16.04
C ASN B 576 21.46 11.87 -15.25
N LEU B 577 20.50 12.47 -15.95
CA LEU B 577 19.63 13.47 -15.39
C LEU B 577 18.20 12.92 -15.32
N THR B 578 17.58 13.05 -14.15
CA THR B 578 16.16 12.80 -13.98
C THR B 578 15.51 14.07 -13.44
N VAL B 579 14.40 14.48 -14.04
CA VAL B 579 13.69 15.69 -13.66
C VAL B 579 12.21 15.38 -13.42
N PHE B 580 11.70 15.82 -12.27
CA PHE B 580 10.28 15.75 -11.93
C PHE B 580 9.69 17.16 -11.93
N VAL B 581 8.58 17.31 -12.66
CA VAL B 581 7.83 18.52 -12.77
C VAL B 581 6.49 18.21 -12.14
N ASP B 582 6.13 18.95 -11.09
CA ASP B 582 4.97 18.63 -10.28
C ASP B 582 4.33 19.92 -9.78
N GLY B 583 3.41 20.45 -10.58
CA GLY B 583 2.79 21.73 -10.29
C GLY B 583 3.83 22.81 -10.55
N SER B 584 4.33 23.38 -9.46
CA SER B 584 5.39 24.38 -9.48
C SER B 584 6.74 23.81 -9.11
N VAL B 585 6.78 22.57 -8.59
CA VAL B 585 8.05 21.97 -8.19
C VAL B 585 8.79 21.46 -9.42
N ILE B 586 10.07 21.77 -9.48
CA ILE B 586 10.99 21.15 -10.42
C ILE B 586 12.08 20.53 -9.55
N GLU B 587 12.18 19.20 -9.59
CA GLU B 587 13.12 18.48 -8.72
C GLU B 587 14.06 17.65 -9.60
N ILE B 588 15.36 17.96 -9.50
CA ILE B 588 16.35 17.43 -10.42
C ILE B 588 17.31 16.53 -9.68
N TYR B 589 17.59 15.36 -10.27
CA TYR B 589 18.55 14.39 -9.74
C TYR B 589 19.60 14.10 -10.80
N ALA B 590 20.87 14.14 -10.41
CA ALA B 590 21.98 13.81 -11.31
C ALA B 590 22.83 12.68 -10.74
N ASN B 591 22.99 11.61 -11.52
CA ASN B 591 23.90 10.51 -11.20
C ASN B 591 23.70 9.90 -9.82
N ASP B 592 22.45 9.87 -9.34
CA ASP B 592 22.12 9.34 -8.01
C ASP B 592 22.99 9.95 -6.93
N GLU B 593 23.22 11.25 -7.02
CA GLU B 593 24.21 11.94 -6.18
C GLU B 593 23.79 13.37 -5.87
N VAL B 594 23.53 14.16 -6.91
CA VAL B 594 23.23 15.57 -6.79
C VAL B 594 21.72 15.79 -6.93
N ALA B 595 21.16 16.61 -6.04
CA ALA B 595 19.74 16.97 -6.08
C ALA B 595 19.62 18.48 -6.08
N LEU B 596 18.65 18.99 -6.83
CA LEU B 596 18.34 20.41 -6.85
C LEU B 596 16.84 20.57 -7.01
N SER B 597 16.18 21.15 -6.00
CA SER B 597 14.73 21.41 -6.00
C SER B 597 14.50 22.88 -6.19
N THR B 598 13.56 23.26 -7.03
CA THR B 598 13.26 24.67 -7.21
C THR B 598 11.81 24.85 -7.62
N ARG B 599 11.43 26.09 -7.91
CA ARG B 599 10.04 26.44 -8.20
C ARG B 599 9.89 27.25 -9.48
N ALA B 600 8.82 27.01 -10.23
CA ALA B 600 8.48 27.83 -11.39
C ALA B 600 6.98 27.95 -11.46
N TYR B 601 6.49 29.17 -11.70
CA TYR B 601 5.07 29.45 -11.67
C TYR B 601 4.55 30.10 -12.96
N PRO B 602 4.75 29.45 -14.12
CA PRO B 602 4.21 30.04 -15.34
C PRO B 602 2.69 30.20 -15.28
N TRP B 603 2.19 31.31 -15.81
CA TRP B 603 0.76 31.58 -15.81
C TRP B 603 -0.01 30.83 -16.90
N LEU B 604 0.55 30.75 -18.10
CA LEU B 604 -0.21 30.31 -19.27
C LEU B 604 -0.52 28.82 -19.19
N ALA B 605 -1.75 28.45 -19.53
CA ALA B 605 -2.18 27.05 -19.49
C ALA B 605 -1.32 26.14 -20.35
N ASN B 606 -0.77 26.68 -21.45
CA ASN B 606 0.05 25.88 -22.35
C ASN B 606 1.55 25.91 -22.05
N SER B 607 1.97 26.49 -20.92
CA SER B 607 3.37 26.42 -20.53
C SER B 607 3.66 25.10 -19.80
N THR B 608 3.49 24.00 -20.54
CA THR B 608 3.71 22.64 -20.04
C THR B 608 4.71 21.83 -20.87
N GLY B 609 5.18 22.37 -22.00
CA GLY B 609 6.06 21.63 -22.91
C GLY B 609 7.46 21.37 -22.41
N ALA B 610 8.16 20.48 -23.11
CA ALA B 610 9.50 20.09 -22.73
C ALA B 610 10.32 19.58 -23.91
N GLY B 611 11.64 19.68 -23.79
CA GLY B 611 12.53 19.22 -24.83
C GLY B 611 13.98 19.41 -24.46
N LEU B 612 14.85 19.24 -25.45
CA LEU B 612 16.29 19.27 -25.25
C LEU B 612 16.86 20.65 -25.48
N LEU B 613 17.87 20.99 -24.70
CA LEU B 613 18.62 22.23 -24.82
C LEU B 613 20.03 21.90 -25.31
N ALA B 614 20.57 22.76 -26.18
CA ALA B 614 21.90 22.60 -26.76
C ALA B 614 22.54 23.97 -26.96
N ASP B 615 23.80 24.09 -26.55
CA ASP B 615 24.56 25.32 -26.75
C ASP B 615 26.00 24.96 -27.05
N GLY B 616 26.54 25.51 -28.15
CA GLY B 616 27.91 25.24 -28.57
C GLY B 616 28.14 23.81 -29.04
N THR B 617 27.08 23.13 -29.51
CA THR B 617 27.25 21.81 -30.12
C THR B 617 27.56 22.01 -31.61
N THR B 618 28.64 21.36 -32.06
CA THR B 618 29.16 21.49 -33.41
C THR B 618 29.36 20.09 -34.01
N ALA B 619 29.83 20.05 -35.25
CA ALA B 619 30.24 18.78 -35.88
C ALA B 619 31.33 18.06 -35.09
N GLY B 620 32.25 18.81 -34.50
CA GLY B 620 33.35 18.26 -33.70
C GLY B 620 33.09 18.16 -32.21
N ASP B 621 32.24 19.03 -31.67
CA ASP B 621 31.89 19.01 -30.23
C ASP B 621 30.42 18.57 -30.10
N VAL B 622 30.23 17.27 -29.93
CA VAL B 622 28.93 16.64 -30.04
C VAL B 622 28.44 16.14 -28.66
N VAL B 623 27.14 16.23 -28.42
CA VAL B 623 26.55 15.71 -27.19
C VAL B 623 25.54 14.63 -27.58
N GLY B 624 25.82 13.40 -27.17
CA GLY B 624 24.96 12.25 -27.46
C GLY B 624 23.96 12.06 -26.33
N VAL B 625 22.67 12.18 -26.65
CA VAL B 625 21.61 12.00 -25.68
C VAL B 625 20.91 10.68 -25.95
N SER B 626 20.87 9.81 -24.94
CA SER B 626 20.18 8.53 -25.02
C SER B 626 19.39 8.27 -23.72
N GLY B 627 18.71 7.11 -23.65
CA GLY B 627 17.87 6.76 -22.51
C GLY B 627 16.77 7.78 -22.23
N LEU B 628 16.27 8.42 -23.29
CA LEU B 628 15.28 9.49 -23.15
C LEU B 628 13.88 8.92 -22.94
N GLU B 629 13.21 9.40 -21.90
CA GLU B 629 11.88 8.95 -21.59
C GLU B 629 11.07 10.07 -20.95
N LEU B 630 9.83 10.22 -21.40
CA LEU B 630 8.85 11.12 -20.79
C LEU B 630 7.81 10.26 -20.10
N TRP B 631 7.54 10.56 -18.82
CA TRP B 631 6.41 9.97 -18.09
C TRP B 631 5.39 11.06 -17.86
N ASP B 632 4.29 11.04 -18.61
CA ASP B 632 3.24 12.04 -18.47
C ASP B 632 2.14 11.61 -17.49
N GLY B 633 1.97 12.39 -16.42
CA GLY B 633 0.85 12.21 -15.48
C GLY B 633 1.27 11.93 -14.04
N LEU B 634 2.30 11.11 -13.86
CA LEU B 634 2.74 10.66 -12.53
C LEU B 634 1.57 9.98 -11.77
N VAL B 635 1.47 10.20 -10.45
CA VAL B 635 0.45 9.57 -9.61
C VAL B 635 -0.30 10.69 -8.89
N ASP B 636 -1.58 10.47 -8.67
CA ASP B 636 -2.37 11.28 -7.77
C ASP B 636 -2.00 10.86 -6.32
N ALA B 637 -1.13 11.62 -5.67
CA ALA B 637 -0.60 11.23 -4.36
C ALA B 637 -1.60 11.24 -3.19
N TRP B 638 -2.74 11.96 -3.35
CA TRP B 638 -3.75 12.11 -2.31
C TRP B 638 -5.13 11.76 -2.85
N PRO B 639 -5.34 10.47 -3.19
CA PRO B 639 -6.57 10.11 -3.88
C PRO B 639 -7.87 10.44 -3.16
N ALA B 640 -7.87 10.43 -1.82
CA ALA B 640 -9.09 10.75 -1.08
C ALA B 640 -9.40 12.26 -1.03
N ARG B 641 -8.43 13.12 -1.33
CA ARG B 641 -8.64 14.55 -1.25
C ARG B 641 -9.31 15.07 -2.51
N PRO B 642 -10.32 15.94 -2.38
CA PRO B 642 -10.77 16.66 -3.57
C PRO B 642 -9.70 17.63 -4.08
N ALA B 643 -9.94 18.21 -5.26
CA ALA B 643 -8.97 19.13 -5.88
C ALA B 643 -8.70 20.36 -5.02
N ASN B 644 -9.75 20.90 -4.41
CA ASN B 644 -9.62 22.04 -3.52
C ASN B 644 -9.89 21.64 -2.06
N THR B 645 -8.82 21.52 -1.27
CA THR B 645 -8.91 21.20 0.16
C THR B 645 -8.72 22.43 1.06
N SER B 646 -8.82 23.64 0.48
CA SER B 646 -8.85 24.85 1.29
C SER B 646 -10.01 24.85 2.27
N GLN B 647 -9.79 25.37 3.47
CA GLN B 647 -10.87 25.64 4.42
C GLN B 647 -10.93 27.14 4.72
N GLY B 648 -10.38 27.96 3.84
CA GLY B 648 -10.29 29.39 4.07
C GLY B 648 -9.12 29.73 4.96
N LEU B 649 -8.85 31.04 5.07
CA LEU B 649 -7.77 31.55 5.87
C LEU B 649 -8.34 32.44 6.95
N VAL B 650 -7.65 32.49 8.09
CA VAL B 650 -8.09 33.30 9.21
C VAL B 650 -6.95 34.18 9.72
N TRP B 651 -7.35 35.23 10.44
CA TRP B 651 -6.41 36.15 11.07
C TRP B 651 -6.53 35.96 12.58
N ASP B 652 -5.38 35.93 13.25
CA ASP B 652 -5.34 35.79 14.71
C ASP B 652 -5.84 37.04 15.47
N GLY B 653 -5.91 38.16 14.78
CA GLY B 653 -6.41 39.39 15.36
C GLY B 653 -5.29 40.23 15.95
N PRO B 654 -5.64 41.34 16.64
CA PRO B 654 -4.64 42.27 17.17
C PRO B 654 -3.72 41.69 18.24
N THR B 655 -4.14 40.62 18.94
CA THR B 655 -3.27 40.02 19.95
C THR B 655 -2.02 39.35 19.37
N ALA B 656 -2.02 39.01 18.08
CA ALA B 656 -0.83 38.39 17.48
C ALA B 656 0.38 39.31 17.64
N ALA B 657 0.21 40.60 17.35
CA ALA B 657 1.28 41.58 17.53
C ALA B 657 1.60 41.84 19.00
N MET B 658 0.59 41.77 19.88
CA MET B 658 0.82 41.90 21.33
C MET B 658 1.70 40.80 21.87
N TYR B 659 1.38 39.54 21.54
CA TYR B 659 2.18 38.40 22.01
C TYR B 659 3.54 38.37 21.32
N GLY B 660 3.57 38.77 20.04
CA GLY B 660 4.83 38.90 19.29
C GLY B 660 5.47 37.59 18.87
N LEU B 661 4.72 36.50 18.87
CA LEU B 661 5.30 35.15 18.62
C LEU B 661 5.09 34.69 17.19
N PHE B 662 3.92 35.00 16.62
CA PHE B 662 3.49 34.53 15.31
C PHE B 662 3.03 35.72 14.48
N ALA B 663 3.21 35.64 13.18
CA ALA B 663 2.75 36.72 12.29
C ALA B 663 1.25 36.97 12.44
N GLY B 664 0.48 35.89 12.56
CA GLY B 664 -0.96 35.98 12.80
C GLY B 664 -1.82 35.65 11.62
N TYR B 665 -1.21 35.36 10.47
CA TYR B 665 -1.96 35.06 9.24
C TYR B 665 -1.22 33.99 8.45
C1 NAG C . -10.84 -22.81 27.37
C2 NAG C . -10.79 -22.08 28.69
C3 NAG C . -12.10 -22.35 29.42
C4 NAG C . -13.26 -21.85 28.56
C5 NAG C . -13.23 -22.52 27.18
C6 NAG C . -14.25 -21.87 26.24
C7 NAG C . -8.71 -21.70 29.98
C8 NAG C . -7.66 -22.35 30.85
N2 NAG C . -9.67 -22.50 29.53
O3 NAG C . -12.09 -21.67 30.67
O4 NAG C . -14.51 -21.99 29.24
O5 NAG C . -11.96 -22.34 26.59
O6 NAG C . -14.57 -22.78 25.19
O7 NAG C . -8.65 -20.51 29.68
C1 NAG C . -15.04 -23.32 29.35
C2 NAG C . -15.96 -23.44 30.56
C3 NAG C . -16.55 -24.85 30.66
C4 NAG C . -17.24 -25.17 29.33
C5 NAG C . -16.29 -24.95 28.14
C6 NAG C . -16.96 -25.10 26.77
C7 NAG C . -15.16 -21.97 32.39
C8 NAG C . -16.06 -20.85 32.03
N2 NAG C . -15.17 -23.11 31.71
O3 NAG C . -17.46 -24.90 31.75
O4 NAG C . -17.64 -26.53 29.30
O5 NAG C . -15.72 -23.66 28.18
O6 NAG C . -15.94 -25.04 25.75
O7 NAG C . -14.40 -21.83 33.35
C1 BMA C . -19.03 -26.73 29.60
C2 BMA C . -19.46 -27.99 28.88
C3 BMA C . -20.91 -28.26 29.24
C4 BMA C . -21.05 -28.36 30.74
C5 BMA C . -20.56 -27.11 31.45
C6 BMA C . -20.62 -27.34 32.96
O2 BMA C . -18.58 -29.04 29.24
O3 BMA C . -21.53 -29.47 28.81
O4 BMA C . -22.42 -28.56 31.04
O5 BMA C . -19.21 -26.82 31.01
O6 BMA C . -19.78 -26.35 33.55
C1 MAN C . -21.22 -30.12 27.58
C2 MAN C . -22.10 -31.33 27.26
C3 MAN C . -21.33 -32.59 27.61
C4 MAN C . -19.98 -32.63 26.87
C5 MAN C . -19.19 -31.28 26.82
C6 MAN C . -18.15 -31.25 25.70
O2 MAN C . -22.37 -31.41 25.87
O3 MAN C . -22.15 -33.71 27.29
O4 MAN C . -19.17 -33.60 27.53
O5 MAN C . -20.03 -30.09 26.77
O6 MAN C . -18.75 -31.13 24.40
C1 MAN C . -23.45 -30.63 25.36
C2 MAN C . -24.78 -31.20 25.90
C3 MAN C . -25.84 -31.42 24.81
C4 MAN C . -25.77 -30.33 23.75
C5 MAN C . -24.41 -30.37 23.04
C6 MAN C . -24.13 -29.06 22.27
O2 MAN C . -25.27 -30.31 26.93
O3 MAN C . -27.16 -31.47 25.38
O4 MAN C . -26.83 -30.50 22.80
O5 MAN C . -23.31 -30.64 23.93
O6 MAN C . -23.57 -28.07 23.14
C1 MAN C . -19.71 -26.37 35.01
C2 MAN C . -19.50 -24.91 35.47
C3 MAN C . -18.05 -24.43 35.25
C4 MAN C . -17.04 -25.45 35.76
C5 MAN C . -17.32 -26.86 35.21
C6 MAN C . -16.31 -27.95 35.68
O2 MAN C . -19.86 -24.76 36.86
O3 MAN C . -17.81 -23.18 35.93
O4 MAN C . -15.73 -25.01 35.37
O5 MAN C . -18.68 -27.25 35.52
O6 MAN C . -15.82 -27.81 37.02
C1 MAN C . -17.84 -22.02 35.05
C2 MAN C . -17.16 -20.82 35.72
C3 MAN C . -18.00 -20.32 36.89
C4 MAN C . -19.43 -20.03 36.44
C5 MAN C . -20.04 -21.22 35.69
C6 MAN C . -21.39 -20.88 35.06
O2 MAN C . -16.96 -19.74 34.77
O3 MAN C . -17.40 -19.14 37.46
O4 MAN C . -20.24 -19.68 37.57
O5 MAN C . -19.16 -21.66 34.64
O6 MAN C . -22.15 -22.09 34.95
C1 NAG D . -21.69 -9.20 21.16
C2 NAG D . -21.67 -9.62 22.66
C3 NAG D . -21.65 -8.41 23.56
C4 NAG D . -20.52 -7.50 23.15
C5 NAG D . -20.67 -7.16 21.66
C6 NAG D . -19.65 -6.16 21.16
C7 NAG D . -22.76 -11.77 23.11
C8 NAG D . -24.08 -12.44 23.33
N2 NAG D . -22.83 -10.45 22.96
O3 NAG D . -21.53 -8.82 24.94
O4 NAG D . -20.65 -6.31 23.95
O5 NAG D . -20.56 -8.36 20.89
O6 NAG D . -18.39 -6.77 21.24
O7 NAG D . -21.70 -12.40 23.08
C1 NAG D . -19.39 -5.90 24.49
C2 NAG D . -19.52 -4.50 25.07
C3 NAG D . -18.23 -4.09 25.77
C4 NAG D . -17.73 -5.17 26.72
C5 NAG D . -17.64 -6.50 26.01
C6 NAG D . -17.12 -7.62 26.92
C7 NAG D . -21.07 -3.16 23.68
C8 NAG D . -21.14 -2.05 22.64
N2 NAG D . -19.82 -3.49 24.05
O3 NAG D . -18.46 -2.89 26.51
O4 NAG D . -16.41 -4.82 27.11
O5 NAG D . -18.94 -6.80 25.54
O6 NAG D . -18.03 -7.83 28.01
O7 NAG D . -22.08 -3.71 24.11
C1 BMA D . -16.30 -4.33 28.45
C2 BMA D . -14.99 -4.82 29.04
C3 BMA D . -14.77 -4.25 30.43
C4 BMA D . -14.98 -2.74 30.46
C5 BMA D . -16.29 -2.38 29.80
C6 BMA D . -16.41 -0.87 29.71
O2 BMA D . -13.95 -4.36 28.17
O3 BMA D . -13.41 -4.32 30.79
O4 BMA D . -14.95 -2.30 31.82
O5 BMA D . -16.29 -2.92 28.47
O6 BMA D . -17.71 -0.62 29.15
C1 MAN D . -13.07 -5.29 31.78
C2 MAN D . -11.68 -5.15 32.39
C3 MAN D . -10.73 -6.08 31.65
C4 MAN D . -11.28 -7.51 31.63
C5 MAN D . -12.82 -7.67 31.45
C6 MAN D . -13.30 -8.97 32.09
O2 MAN D . -11.80 -5.50 33.78
O3 MAN D . -9.47 -5.98 32.27
O4 MAN D . -10.68 -8.19 30.53
O5 MAN D . -13.63 -6.59 31.97
O6 MAN D . -14.63 -9.22 31.63
C1 MAN D . -11.02 -4.65 34.67
C2 MAN D . -10.67 -5.51 35.88
C3 MAN D . -11.92 -5.74 36.71
C4 MAN D . -12.49 -4.41 37.18
C5 MAN D . -12.71 -3.44 36.02
C6 MAN D . -12.93 -2.03 36.59
O2 MAN D . -9.63 -4.87 36.67
O3 MAN D . -11.58 -6.58 37.81
O4 MAN D . -13.74 -4.65 37.85
O5 MAN D . -11.61 -3.41 35.09
O6 MAN D . -12.65 -1.03 35.61
C1 MAN D . -8.31 -5.17 36.13
C2 MAN D . -7.77 -6.40 36.86
C3 MAN D . -7.40 -6.05 38.29
C4 MAN D . -6.46 -4.83 38.35
C5 MAN D . -6.99 -3.66 37.53
C6 MAN D . -5.92 -2.58 37.39
O2 MAN D . -6.64 -6.89 36.12
O3 MAN D . -6.79 -7.18 38.92
O4 MAN D . -6.32 -4.42 39.72
O5 MAN D . -7.38 -4.09 36.21
O6 MAN D . -6.52 -1.34 36.99
C1 MAN D . -17.97 0.79 29.12
C2 MAN D . -19.38 0.97 28.56
C3 MAN D . -19.45 0.59 27.08
C4 MAN D . -18.34 1.30 26.30
C5 MAN D . -16.99 0.95 26.96
C6 MAN D . -15.79 1.44 26.17
O2 MAN D . -19.79 2.33 28.73
O3 MAN D . -20.72 0.94 26.52
O4 MAN D . -18.38 0.85 24.95
O5 MAN D . -17.00 1.45 28.31
O6 MAN D . -15.44 2.75 26.61
C1 MAN D . -15.24 3.75 25.57
C2 MAN D . -15.00 5.21 25.98
C3 MAN D . -16.31 5.98 25.83
C4 MAN D . -16.91 5.75 24.43
C5 MAN D . -16.92 4.28 23.94
C6 MAN D . -17.32 4.08 22.48
O2 MAN D . -14.08 5.83 25.08
O3 MAN D . -16.07 7.36 26.04
O4 MAN D . -18.28 6.16 24.54
O5 MAN D . -15.63 3.65 24.18
O6 MAN D . -16.43 4.82 21.64
C1 MAN D . -12.73 5.87 25.55
C2 MAN D . -12.04 6.99 24.78
C3 MAN D . -11.84 6.60 23.31
C4 MAN D . -11.28 5.18 23.13
C5 MAN D . -11.98 4.16 24.02
C6 MAN D . -11.30 2.78 23.94
O2 MAN D . -10.81 7.32 25.44
O3 MAN D . -10.95 7.53 22.66
O4 MAN D . -11.44 4.77 21.76
O5 MAN D . -12.00 4.65 25.37
O6 MAN D . -11.96 1.83 24.78
C1 MAN D . -21.53 -0.21 26.23
C2 MAN D . -22.69 0.25 25.37
C3 MAN D . -23.64 1.13 26.16
C4 MAN D . -24.09 0.45 27.46
C5 MAN D . -22.85 -0.03 28.25
C6 MAN D . -23.18 -0.84 29.49
O2 MAN D . -23.41 -0.90 24.91
O3 MAN D . -24.74 1.47 25.33
O4 MAN D . -24.85 1.37 28.26
O5 MAN D . -22.03 -0.86 27.41
O6 MAN D . -21.97 -1.25 30.15
C1 NAG E . -1.03 -21.95 -20.22
C2 NAG E . -2.16 -21.47 -21.13
C3 NAG E . -1.61 -20.85 -22.40
C4 NAG E . -0.48 -19.86 -22.10
C5 NAG E . 0.56 -20.45 -21.15
C6 NAG E . 1.63 -19.46 -20.68
C7 NAG E . -4.23 -22.82 -21.01
C8 NAG E . -4.92 -24.08 -21.48
N2 NAG E . -2.99 -22.62 -21.48
O3 NAG E . -2.67 -20.14 -23.06
O4 NAG E . 0.12 -19.54 -23.38
O5 NAG E . -0.11 -20.89 -19.98
O6 NAG E . 1.02 -18.43 -19.90
O7 NAG E . -4.80 -22.07 -20.24
C1 NAG E . 0.23 -18.12 -23.57
C2 NAG E . 1.35 -17.87 -24.58
C3 NAG E . 1.25 -16.39 -24.96
C4 NAG E . -0.05 -16.14 -25.74
C5 NAG E . -1.22 -17.04 -25.28
C6 NAG E . -1.44 -18.27 -26.19
C7 NAG E . 3.25 -19.45 -24.15
C8 NAG E . 2.70 -20.53 -25.05
N2 NAG E . 2.62 -18.26 -23.97
O3 NAG E . 2.36 -15.97 -25.76
O4 NAG E . -0.41 -14.76 -25.58
O5 NAG E . -1.02 -17.49 -23.92
O6 NAG E . -2.63 -18.10 -26.97
O7 NAG E . 4.30 -19.65 -23.57
C1 NAG F . -8.78 36.08 3.77
C2 NAG F . -10.12 36.26 4.48
C3 NAG F . -9.99 37.28 5.58
C4 NAG F . -8.90 36.82 6.53
C5 NAG F . -7.58 36.55 5.79
C6 NAG F . -6.57 35.90 6.71
C7 NAG F . -12.24 36.05 3.24
C8 NAG F . -13.18 36.68 2.24
N2 NAG F . -11.12 36.72 3.54
O3 NAG F . -11.21 37.38 6.32
O4 NAG F . -8.79 37.73 7.65
O5 NAG F . -7.80 35.67 4.70
O6 NAG F . -5.26 36.14 6.19
O7 NAG F . -12.52 34.99 3.76
C1 NAG F . -8.11 38.96 7.40
C2 NAG F . -8.63 40.03 8.38
C3 NAG F . -7.88 41.33 8.15
C4 NAG F . -6.37 41.10 8.14
C5 NAG F . -5.97 39.95 7.22
C6 NAG F . -4.51 39.52 7.35
C7 NAG F . -11.01 39.62 8.99
C8 NAG F . -12.44 39.88 8.58
N2 NAG F . -10.07 40.17 8.19
O3 NAG F . -8.22 42.26 9.19
O4 NAG F . -5.70 42.28 7.67
O5 NAG F . -6.72 38.80 7.54
O6 NAG F . -4.22 38.64 6.25
O7 NAG F . -10.74 38.95 9.99
C1 BMA F . -5.15 43.08 8.73
C2 BMA F . -3.97 43.85 8.13
C3 BMA F . -3.37 44.73 9.23
C4 BMA F . -4.40 45.65 9.84
C5 BMA F . -5.71 44.97 10.21
C6 BMA F . -6.81 46.05 10.24
O2 BMA F . -4.41 44.64 7.01
O3 BMA F . -2.33 45.56 8.74
O4 BMA F . -3.83 46.16 11.04
O5 BMA F . -6.14 43.95 9.28
O6 BMA F . -7.77 45.63 11.20
C1 MAN F . -9.15 45.72 10.81
C2 MAN F . -10.16 44.92 11.64
C3 MAN F . -10.96 43.97 10.73
C4 MAN F . -11.60 44.75 9.57
C5 MAN F . -10.79 45.90 8.93
C6 MAN F . -11.67 47.12 8.62
O2 MAN F . -11.06 45.80 12.33
O3 MAN F . -11.98 43.29 11.49
O4 MAN F . -11.90 43.75 8.57
O5 MAN F . -9.65 46.42 9.65
O6 MAN F . -12.54 46.88 7.51
C1 MAN F . -11.62 41.97 11.95
C2 MAN F . -12.89 41.15 12.17
C3 MAN F . -13.66 41.69 13.39
C4 MAN F . -12.75 41.74 14.62
C5 MAN F . -11.43 42.45 14.33
C6 MAN F . -10.44 42.27 15.48
O2 MAN F . -12.58 39.77 12.35
O3 MAN F . -14.80 40.88 13.67
O4 MAN F . -13.45 42.39 15.69
O5 MAN F . -10.81 41.95 13.14
O6 MAN F . -9.52 43.36 15.49
C1 MAN F . -1.10 44.87 8.47
C2 MAN F . 0.05 45.80 8.80
C3 MAN F . -0.04 47.02 7.89
C4 MAN F . -0.26 46.68 6.41
C5 MAN F . -1.23 45.52 6.16
C6 MAN F . -1.15 45.00 4.71
O2 MAN F . 1.32 45.13 8.67
O3 MAN F . 1.16 47.79 8.02
O4 MAN F . -0.81 47.83 5.76
O5 MAN F . -1.00 44.46 7.11
O6 MAN F . -0.52 43.71 4.64
C1 NAG G . -3.09 25.92 18.16
C2 NAG G . -4.15 27.05 18.33
C3 NAG G . -5.34 26.61 19.18
C4 NAG G . -5.84 25.28 18.65
C5 NAG G . -4.70 24.25 18.57
C6 NAG G . -5.14 22.87 18.08
C7 NAG G . -3.23 29.33 18.16
C8 NAG G . -2.52 30.44 18.89
N2 NAG G . -3.52 28.24 18.88
O3 NAG G . -6.40 27.59 19.15
O4 NAG G . -6.87 24.86 19.57
O5 NAG G . -3.73 24.73 17.65
O6 NAG G . -5.66 22.99 16.76
O7 NAG G . -3.52 29.45 16.98
C1 NAG G . -8.06 24.43 18.90
C2 NAG G . -8.94 23.73 19.96
C3 NAG G . -10.27 23.35 19.33
C4 NAG G . -10.89 24.49 18.54
C5 NAG G . -9.89 25.09 17.55
C6 NAG G . -10.46 26.26 16.74
C7 NAG G . -7.46 22.47 21.53
C8 NAG G . -6.92 21.08 21.83
N2 NAG G . -8.27 22.54 20.46
O3 NAG G . -11.17 22.87 20.37
O4 NAG G . -11.98 23.99 17.78
O5 NAG G . -8.74 25.51 18.27
O6 NAG G . -10.94 27.25 17.65
O7 NAG G . -7.13 23.42 22.21
C1 BMA G . -13.28 24.25 18.31
C2 BMA G . -14.21 24.49 17.14
C3 BMA G . -15.65 24.71 17.59
C4 BMA G . -16.12 23.62 18.54
C5 BMA G . -15.08 23.43 19.63
C6 BMA G . -15.48 22.26 20.49
O2 BMA G . -14.19 23.33 16.31
O3 BMA G . -16.51 24.66 16.45
O4 BMA G . -17.40 23.96 19.13
O5 BMA G . -13.78 23.17 19.08
O6 BMA G . -14.64 22.41 21.61
C1 MAN G . -17.35 25.81 16.38
C2 MAN G . -18.46 25.56 15.37
C3 MAN G . -17.84 25.43 14.00
C4 MAN G . -17.04 26.68 13.66
C5 MAN G . -16.01 27.00 14.75
C6 MAN G . -15.37 28.37 14.51
O2 MAN G . -19.35 26.67 15.43
O3 MAN G . -18.89 25.22 13.05
O4 MAN G . -16.34 26.48 12.42
O5 MAN G . -16.63 26.99 16.04
O6 MAN G . -14.65 28.82 15.67
C1 MAN G . -20.75 26.28 15.46
C2 MAN G . -21.58 27.56 15.25
C3 MAN G . -21.54 28.42 16.51
C4 MAN G . -21.87 27.64 17.78
C5 MAN G . -21.06 26.34 17.85
C6 MAN G . -21.50 25.46 19.03
O2 MAN G . -22.95 27.26 14.91
O3 MAN G . -22.47 29.50 16.38
O4 MAN G . -21.61 28.51 18.90
O5 MAN G . -21.17 25.59 16.64
O6 MAN G . -22.59 24.61 18.64
C1 MAN G . -23.17 27.24 13.48
C2 MAN G . -24.65 27.48 13.17
C3 MAN G . -25.53 26.21 13.29
C4 MAN G . -24.84 24.93 12.83
C5 MAN G . -23.38 24.87 13.29
C6 MAN G . -22.68 23.63 12.74
O2 MAN G . -24.74 28.00 11.84
O3 MAN G . -26.73 26.37 12.54
O4 MAN G . -25.54 23.79 13.35
O5 MAN G . -22.71 26.05 12.85
O6 MAN G . -23.17 22.48 13.44
C1 MAN G . -14.49 21.24 22.41
C2 MAN G . -13.51 21.23 23.61
C3 MAN G . -12.18 20.68 23.13
C4 MAN G . -12.38 19.32 22.41
C5 MAN G . -13.39 19.50 21.26
C6 MAN G . -13.59 18.29 20.37
O2 MAN G . -14.04 20.42 24.68
O3 MAN G . -11.25 20.55 24.21
O4 MAN G . -11.11 18.84 21.94
O5 MAN G . -14.65 19.92 21.84
O6 MAN G . -14.57 17.43 20.96
C1 MAN G . -14.18 16.06 21.10
C2 MAN G . -15.09 15.04 21.74
C3 MAN G . -14.61 14.81 23.17
C4 MAN G . -13.08 14.53 23.21
C5 MAN G . -12.19 15.34 22.23
C6 MAN G . -10.79 14.77 21.99
O2 MAN G . -15.03 13.77 21.09
O3 MAN G . -15.37 13.76 23.77
O4 MAN G . -12.67 14.92 24.52
O5 MAN G . -12.83 15.56 20.95
O6 MAN G . -10.86 13.47 21.43
C1 MAN G . -16.04 13.54 20.08
C2 MAN G . -16.15 12.02 19.92
C3 MAN G . -14.86 11.46 19.30
C4 MAN G . -14.40 12.25 18.06
C5 MAN G . -14.50 13.77 18.25
C6 MAN G . -14.25 14.52 16.94
O2 MAN G . -17.32 11.74 19.15
O3 MAN G . -15.02 10.09 18.97
O4 MAN G . -13.03 11.93 17.76
O5 MAN G . -15.78 14.12 18.81
O6 MAN G . -14.48 15.92 17.15
C1 MAN G . -10.25 21.59 24.17
C2 MAN G . -9.13 21.21 25.13
C3 MAN G . -9.65 21.25 26.56
C4 MAN G . -10.25 22.62 26.88
C5 MAN G . -11.33 22.96 25.84
C6 MAN G . -11.97 24.33 26.06
O2 MAN G . -8.05 22.12 24.92
O3 MAN G . -8.59 20.87 27.46
O4 MAN G . -10.83 22.68 28.20
O5 MAN G . -10.78 22.89 24.51
O6 MAN G . -12.85 24.65 24.98
C1 NAG H . 24.08 6.32 -16.23
C2 NAG H . 25.20 5.80 -15.35
C3 NAG H . 25.66 4.41 -15.79
C4 NAG H . 24.52 3.45 -16.04
C5 NAG H . 23.41 4.09 -16.88
C6 NAG H . 22.16 3.23 -16.95
C7 NAG H . 26.57 7.68 -14.50
C8 NAG H . 27.74 8.58 -14.79
N2 NAG H . 26.29 6.77 -15.43
O3 NAG H . 26.50 3.87 -14.77
O4 NAG H . 24.99 2.31 -16.77
O5 NAG H . 23.03 5.36 -16.32
O6 NAG H . 21.62 3.10 -15.63
O7 NAG H . 25.95 7.81 -13.45
C1 NAG H . 24.91 1.05 -16.08
C2 NAG H . 24.85 -0.06 -17.12
C3 NAG H . 24.76 -1.40 -16.40
C4 NAG H . 26.00 -1.60 -15.56
C5 NAG H . 26.25 -0.41 -14.60
C6 NAG H . 27.67 -0.50 -14.03
C7 NAG H . 23.79 0.64 -19.25
C8 NAG H . 22.48 0.72 -20.00
N2 NAG H . 23.71 0.10 -18.03
O3 NAG H . 24.64 -2.48 -17.34
O4 NAG H . 25.89 -2.82 -14.82
O5 NAG H . 26.04 0.87 -15.22
O6 NAG H . 28.11 0.77 -13.53
O7 NAG H . 24.83 1.06 -19.74
C1 GLC I . -24.93 -19.12 7.43
C2 GLC I . -25.43 -20.52 7.02
C3 GLC I . -26.93 -20.64 7.17
C4 GLC I . -27.37 -20.24 8.55
C5 GLC I . -26.89 -18.83 8.86
C6 GLC I . -27.23 -18.42 10.28
O2 GLC I . -25.07 -20.83 5.67
O3 GLC I . -27.32 -21.97 6.88
O4 GLC I . -28.80 -20.29 8.62
O5 GLC I . -25.47 -18.74 8.70
O6 GLC I . -26.66 -19.35 11.21
C1 FRU I . -23.53 -17.95 4.73
C2 FRU I . -24.31 -17.26 5.86
C3 FRU I . -24.99 -16.01 5.28
C4 FRU I . -25.26 -15.21 6.54
C5 FRU I . -24.00 -15.50 7.35
C6 FRU I . -24.24 -15.56 8.86
O1 FRU I . -23.00 -19.21 5.12
O2 FRU I . -25.31 -18.12 6.47
O3 FRU I . -26.14 -16.31 4.48
O4 FRU I . -25.42 -13.81 6.31
O5 FRU I . -23.45 -16.71 6.85
O6 FRU I . -22.98 -15.58 9.56
C1 GLC J . -18.82 1.56 -10.79
C2 GLC J . -19.34 1.08 -9.43
C3 GLC J . -18.73 1.92 -8.31
C4 GLC J . -17.21 1.90 -8.43
C5 GLC J . -16.71 2.31 -9.81
C6 GLC J . -15.20 2.09 -9.90
O2 GLC J . -20.77 1.12 -9.36
O3 GLC J . -19.12 1.43 -7.04
O4 GLC J . -16.68 2.80 -7.46
O5 GLC J . -17.39 1.60 -10.86
O6 GLC J . -14.87 0.70 -9.71
C1 FRU J . -21.16 2.45 -12.74
C2 FRU J . -19.79 3.10 -12.47
C3 FRU J . -19.75 4.60 -12.72
C4 FRU J . -18.33 4.83 -13.21
C5 FRU J . -18.07 3.60 -14.06
C6 FRU J . -16.57 3.27 -14.24
O1 FRU J . -22.28 3.30 -12.46
O2 FRU J . -19.35 2.86 -11.11
O3 FRU J . -20.06 5.40 -11.56
O4 FRU J . -18.21 6.03 -13.96
O5 FRU J . -18.82 2.55 -13.41
O6 FRU J . -16.06 2.41 -13.21
C1 GLC K . 12.85 27.24 11.76
C2 GLC K . 13.85 28.30 11.27
C3 GLC K . 14.55 29.01 12.43
C4 GLC K . 13.57 29.59 13.42
C5 GLC K . 12.62 28.48 13.90
C6 GLC K . 11.53 29.09 14.78
O2 GLC K . 14.86 27.70 10.46
O3 GLC K . 15.40 30.06 11.95
O4 GLC K . 14.27 30.07 14.56
O5 GLC K . 12.02 27.82 12.77
O6 GLC K . 10.70 29.97 14.01
C1 FRU K . 14.03 24.43 10.57
C2 FRU K . 13.21 24.76 11.81
C3 FRU K . 13.55 23.72 12.87
C4 FRU K . 12.41 23.88 13.85
C5 FRU K . 11.25 24.06 12.90
C6 FRU K . 10.19 24.98 13.50
O1 FRU K . 13.74 25.33 9.51
O2 FRU K . 13.52 26.08 12.31
O3 FRU K . 14.85 23.91 13.43
O4 FRU K . 12.19 22.74 14.71
O5 FRU K . 11.80 24.56 11.67
O6 FRU K . 9.07 25.11 12.61
C1 GLC L . 17.35 -0.59 13.09
C2 GLC L . 16.69 0.66 13.67
C3 GLC L . 15.21 0.41 13.93
C4 GLC L . 14.52 -0.13 12.67
C5 GLC L . 15.26 -1.31 12.04
C6 GLC L . 14.64 -1.65 10.67
O2 GLC L . 17.35 1.10 14.88
O3 GLC L . 14.58 1.62 14.35
O4 GLC L . 13.21 -0.56 13.02
O5 GLC L . 16.68 -1.07 11.91
O6 GLC L . 14.89 -0.64 9.70
C1 FRU L . 19.38 -1.31 15.31
C2 FRU L . 18.63 -2.26 14.38
C3 FRU L . 18.30 -3.61 15.00
C4 FRU L . 18.07 -4.49 13.78
C5 FRU L . 19.13 -3.99 12.80
C6 FRU L . 18.76 -4.24 11.33
O1 FRU L . 20.60 -1.85 15.85
O2 FRU L . 17.37 -1.63 14.08
O3 FRU L . 17.17 -3.55 15.87
O4 FRU L . 18.23 -5.87 14.08
O5 FRU L . 19.32 -2.60 13.15
O6 FRU L . 17.91 -3.25 10.76
C1 NAG M . -8.22 -38.55 24.42
C2 NAG M . -8.70 -39.98 24.66
C3 NAG M . -10.22 -39.93 24.88
C4 NAG M . -10.48 -39.15 26.16
C5 NAG M . -9.82 -37.78 26.03
C6 NAG M . -9.88 -36.96 27.31
C7 NAG M . -7.47 -41.90 23.70
C8 NAG M . -6.86 -42.27 25.03
N2 NAG M . -8.30 -40.86 23.58
O3 NAG M . -10.76 -41.24 24.99
O4 NAG M . -11.88 -39.01 26.34
O5 NAG M . -8.44 -37.87 25.66
O6 NAG M . -9.74 -35.58 26.91
O7 NAG M . -7.21 -42.56 22.69
C1 NAG N . -5.85 -1.63 20.61
C2 NAG N . -4.71 -2.53 21.10
C3 NAG N . -4.76 -2.80 22.62
C4 NAG N . -5.13 -1.58 23.47
C5 NAG N . -6.33 -0.85 22.84
C6 NAG N . -6.80 0.37 23.65
C7 NAG N . -3.81 -4.26 19.54
C8 NAG N . -4.04 -5.65 19.03
N2 NAG N . -4.72 -3.83 20.44
O3 NAG N . -3.49 -3.33 23.07
O4 NAG N . -5.43 -2.03 24.81
O5 NAG N . -5.97 -0.50 21.50
O6 NAG N . -6.16 1.58 23.22
O7 NAG N . -2.87 -3.60 19.16
C1 NAG O . -46.68 -20.80 5.56
C2 NAG O . -46.45 -21.21 7.03
C3 NAG O . -47.77 -21.11 7.79
C4 NAG O . -48.14 -19.64 7.87
C5 NAG O . -48.21 -18.99 6.48
C6 NAG O . -48.16 -17.46 6.65
C7 NAG O . -46.32 -23.69 6.91
C8 NAG O . -45.50 -24.90 7.29
N2 NAG O . -45.81 -22.51 7.28
O3 NAG O . -47.66 -21.66 9.11
O4 NAG O . -49.41 -19.50 8.53
O5 NAG O . -47.16 -19.42 5.57
O6 NAG O . -48.15 -16.79 5.38
O7 NAG O . -47.37 -23.81 6.30
C1 NAG P . -37.88 1.50 -24.67
C2 NAG P . -37.20 0.37 -25.44
C3 NAG P . -36.35 1.01 -26.55
C4 NAG P . -37.21 1.96 -27.39
C5 NAG P . -37.97 2.98 -26.54
C6 NAG P . -38.94 3.83 -27.36
C7 NAG P . -36.86 -1.67 -24.09
C8 NAG P . -35.96 -2.42 -23.13
N2 NAG P . -36.43 -0.47 -24.53
O3 NAG P . -35.87 -0.02 -27.41
O4 NAG P . -36.37 2.64 -28.34
O5 NAG P . -38.71 2.28 -25.55
O6 NAG P . -40.01 3.01 -27.88
O7 NAG P . -37.91 -2.17 -24.42
C1 NAG Q . -47.05 5.55 -8.98
C2 NAG Q . -48.03 4.61 -8.29
C3 NAG Q . -49.44 5.01 -8.71
C4 NAG Q . -49.74 6.47 -8.35
C5 NAG Q . -48.62 7.41 -8.79
C6 NAG Q . -48.77 8.72 -8.07
C7 NAG Q . -47.68 2.24 -7.70
C8 NAG Q . -47.49 0.84 -8.22
N2 NAG Q . -47.82 3.20 -8.62
O3 NAG Q . -50.39 4.15 -8.05
O4 NAG Q . -50.94 6.88 -9.01
O5 NAG Q . -47.31 6.89 -8.51
O6 NAG Q . -47.93 9.68 -8.71
O7 NAG Q . -47.69 2.44 -6.50
C1 NAG R . -26.65 2.99 -24.45
C2 NAG R . -27.93 3.64 -24.99
C3 NAG R . -27.70 4.38 -26.31
C4 NAG R . -26.41 5.19 -26.26
C5 NAG R . -25.26 4.24 -25.94
C6 NAG R . -23.87 4.85 -26.05
C7 NAG R . -30.05 2.42 -24.46
C8 NAG R . -30.88 1.22 -24.85
N2 NAG R . -28.92 2.57 -25.17
O3 NAG R . -28.81 5.23 -26.61
O4 NAG R . -26.19 5.87 -27.50
O5 NAG R . -25.48 3.81 -24.60
O6 NAG R . -22.92 3.91 -25.55
O7 NAG R . -30.43 3.16 -23.56
C1 NAG S . -43.99 -9.44 -11.15
C2 NAG S . -44.38 -9.63 -9.69
C3 NAG S . -43.64 -10.82 -9.10
C4 NAG S . -43.91 -12.06 -9.93
C5 NAG S . -43.53 -11.80 -11.38
C6 NAG S . -43.89 -12.98 -12.27
C7 NAG S . -44.82 -7.83 -8.04
C8 NAG S . -46.15 -8.41 -7.66
N2 NAG S . -44.06 -8.43 -8.95
O3 NAG S . -44.04 -11.04 -7.75
O4 NAG S . -43.17 -13.16 -9.42
O5 NAG S . -44.23 -10.65 -11.85
O6 NAG S . -45.32 -13.13 -12.29
O7 NAG S . -44.40 -6.80 -7.51
C1 NAG T . -21.57 -26.06 -34.81
C2 NAG T . -22.88 -26.38 -35.55
C3 NAG T . -23.18 -27.87 -35.38
C4 NAG T . -21.96 -28.70 -35.82
C5 NAG T . -20.62 -28.24 -35.21
C6 NAG T . -19.41 -28.87 -35.92
C7 NAG T . -24.52 -24.54 -35.74
C8 NAG T . -25.59 -23.76 -35.04
N2 NAG T . -23.95 -25.53 -35.03
O3 NAG T . -24.40 -28.17 -36.12
O4 NAG T . -22.15 -30.05 -35.42
O5 NAG T . -20.48 -26.83 -35.34
O6 NAG T . -19.12 -28.13 -37.12
O7 NAG T . -24.20 -24.26 -36.89
C1 NAG U . 6.51 -7.93 -0.66
C2 NAG U . 6.67 -7.17 -1.96
C3 NAG U . 6.13 -5.74 -1.84
C4 NAG U . 4.69 -5.77 -1.32
C5 NAG U . 4.66 -6.53 0.02
C6 NAG U . 3.28 -6.60 0.67
C7 NAG U . 8.55 -7.41 -3.59
C8 NAG U . 7.63 -7.68 -4.73
N2 NAG U . 8.07 -7.17 -2.35
O3 NAG U . 6.11 -5.11 -3.12
O4 NAG U . 4.21 -4.43 -1.17
O5 NAG U . 5.15 -7.84 -0.24
O6 NAG U . 2.29 -7.06 -0.27
O7 NAG U . 9.76 -7.37 -3.81
C1 NAG V . 12.04 -39.93 -20.17
C2 NAG V . 12.86 -39.19 -21.22
C3 NAG V . 14.29 -38.93 -20.77
C4 NAG V . 14.30 -38.26 -19.41
C5 NAG V . 13.43 -38.99 -18.39
C6 NAG V . 13.25 -38.15 -17.14
C7 NAG V . 12.72 -39.44 -23.64
C8 NAG V . 12.75 -40.41 -24.78
N2 NAG V . 12.88 -39.98 -22.44
O3 NAG V . 14.90 -38.08 -21.74
O4 NAG V . 15.65 -38.19 -18.92
O5 NAG V . 12.12 -39.26 -18.92
O6 NAG V . 12.55 -36.92 -17.48
O7 NAG V . 12.56 -38.23 -23.81
C1 NAG W . -8.98 -39.26 -29.30
C2 NAG W . -10.23 -40.11 -29.36
C3 NAG W . -11.22 -39.51 -30.34
C4 NAG W . -11.47 -38.04 -30.02
C5 NAG W . -10.15 -37.26 -29.89
C6 NAG W . -10.40 -35.82 -29.42
C7 NAG W . -10.03 -42.58 -29.00
C8 NAG W . -10.62 -42.51 -27.61
N2 NAG W . -9.88 -41.47 -29.74
O3 NAG W . -12.44 -40.26 -30.26
O4 NAG W . -12.28 -37.45 -31.05
O5 NAG W . -9.30 -37.91 -28.94
O6 NAG W . -9.16 -35.17 -29.13
O7 NAG W . -9.68 -43.65 -29.46
C1 NAG X . -14.95 -38.34 -12.43
C2 NAG X . -15.17 -39.81 -12.01
C3 NAG X . -16.64 -40.25 -12.10
C4 NAG X . -17.56 -39.30 -11.34
C5 NAG X . -17.36 -37.88 -11.88
C6 NAG X . -18.11 -36.83 -11.05
C7 NAG X . -13.12 -41.10 -12.45
C8 NAG X . -12.45 -42.12 -13.33
N2 NAG X . -14.37 -40.77 -12.78
O3 NAG X . -16.75 -41.57 -11.54
O4 NAG X . -18.92 -39.76 -11.42
O5 NAG X . -15.97 -37.47 -11.87
O6 NAG X . -18.41 -35.70 -11.86
O7 NAG X . -12.52 -40.59 -11.51
C1 NAG Y . -10.65 -41.38 6.71
C2 NAG Y . -9.77 -42.52 7.22
C3 NAG Y . -10.69 -43.68 7.58
C4 NAG Y . -11.68 -43.20 8.66
C5 NAG Y . -12.41 -41.93 8.21
C6 NAG Y . -13.30 -41.32 9.29
C7 NAG Y . -7.43 -43.06 6.54
C8 NAG Y . -6.96 -43.20 7.97
N2 NAG Y . -8.71 -42.79 6.25
O3 NAG Y . -9.91 -44.75 8.10
O4 NAG Y . -12.62 -44.23 8.94
O5 NAG Y . -11.49 -40.93 7.79
O6 NAG Y . -14.29 -40.51 8.64
O7 NAG Y . -6.62 -43.24 5.65
C1 NAG Z . 10.51 -36.73 8.92
C2 NAG Z . 11.74 -37.58 8.55
C3 NAG Z . 11.42 -39.05 8.80
C4 NAG Z . 11.04 -39.23 10.27
C5 NAG Z . 9.94 -38.25 10.69
C6 NAG Z . 9.76 -38.25 12.20
C7 NAG Z . 11.72 -37.41 6.02
C8 NAG Z . 10.44 -38.15 5.81
N2 NAG Z . 12.25 -37.20 7.23
O3 NAG Z . 12.55 -39.87 8.47
O4 NAG Z . 10.59 -40.57 10.51
O5 NAG Z . 10.25 -36.91 10.32
O6 NAG Z . 10.71 -37.34 12.78
O7 NAG Z . 12.29 -37.00 5.02
C1 NAG AA . -1.25 -18.30 22.54
C2 NAG AA . -0.71 -19.49 23.34
C3 NAG AA . -1.75 -20.03 24.33
C4 NAG AA . -2.26 -18.89 25.19
C5 NAG AA . -2.81 -17.79 24.26
C6 NAG AA . -3.43 -16.65 25.05
C7 NAG AA . 0.84 -20.66 21.89
C8 NAG AA . 1.03 -21.78 20.91
N2 NAG AA . -0.38 -20.53 22.41
O3 NAG AA . -1.19 -21.08 25.12
O4 NAG AA . -3.31 -19.36 26.03
O5 NAG AA . -1.77 -17.30 23.42
O6 NAG AA . -2.41 -16.03 25.82
O7 NAG AA . 1.76 -19.91 22.18
C1 NAG BA . -2.18 45.62 -7.75
C2 NAG BA . -1.22 46.82 -7.85
C3 NAG BA . -0.76 47.24 -6.47
C4 NAG BA . -1.96 47.48 -5.55
C5 NAG BA . -2.80 46.21 -5.53
C6 NAG BA . -4.03 46.25 -4.62
C7 NAG BA . 0.10 46.81 -9.95
C8 NAG BA . 1.40 46.39 -10.57
N2 NAG BA . -0.05 46.49 -8.66
O3 NAG BA . 0.07 48.41 -6.55
O4 NAG BA . -1.49 47.85 -4.24
O5 NAG BA . -3.24 45.94 -6.86
O6 NAG BA . -4.39 44.89 -4.31
O7 NAG BA . -0.76 47.40 -10.60
C1 NAG CA . -13.01 14.44 9.37
C2 NAG CA . -13.64 14.96 8.07
C3 NAG CA . -14.73 16.02 8.33
C4 NAG CA . -15.68 15.62 9.48
C5 NAG CA . -14.85 15.27 10.71
C6 NAG CA . -15.69 14.95 11.94
C7 NAG CA . -12.35 15.25 5.96
C8 NAG CA . -11.29 16.09 5.30
N2 NAG CA . -12.64 15.61 7.23
O3 NAG CA . -15.48 16.27 7.13
O4 NAG CA . -16.61 16.69 9.71
O5 NAG CA . -14.03 14.14 10.36
O6 NAG CA . -16.49 13.79 11.67
O7 NAG CA . -12.88 14.34 5.37
C1 NAG DA . 25.97 34.84 27.67
C2 NAG DA . 25.05 36.08 27.61
C3 NAG DA . 24.69 36.66 28.99
C4 NAG DA . 24.55 35.60 30.09
C5 NAG DA . 25.72 34.64 30.06
C6 NAG DA . 25.75 33.58 31.16
C7 NAG DA . 25.09 37.95 25.97
C8 NAG DA . 25.99 38.91 25.25
N2 NAG DA . 25.72 37.10 26.81
O3 NAG DA . 23.45 37.38 28.87
O4 NAG DA . 24.47 36.26 31.36
O5 NAG DA . 25.66 33.99 28.78
O6 NAG DA . 24.92 32.45 30.85
O7 NAG DA . 23.89 37.96 25.80
C1 NAG EA . 28.79 6.58 38.15
C2 NAG EA . 28.93 7.84 38.98
C3 NAG EA . 29.87 7.60 40.16
C4 NAG EA . 29.49 6.31 40.91
C5 NAG EA . 29.45 5.13 39.94
C6 NAG EA . 29.15 3.77 40.58
C7 NAG EA . 28.76 10.01 37.74
C8 NAG EA . 27.39 10.32 38.29
N2 NAG EA . 29.41 8.89 38.09
O3 NAG EA . 29.82 8.72 41.04
O4 NAG EA . 30.41 6.08 41.99
O5 NAG EA . 28.47 5.43 38.94
O6 NAG EA . 27.75 3.65 40.86
O7 NAG EA . 29.29 10.78 36.97
C1 NAG FA . 31.55 -6.46 16.56
C2 NAG FA . 31.76 -7.15 17.92
C3 NAG FA . 32.26 -8.58 17.76
C4 NAG FA . 31.34 -9.35 16.82
C5 NAG FA . 31.31 -8.66 15.46
C6 NAG FA . 30.35 -9.35 14.50
C7 NAG FA . 32.35 -5.62 19.79
C8 NAG FA . 33.49 -4.91 20.46
N2 NAG FA . 32.69 -6.37 18.72
O3 NAG FA . 32.31 -9.22 19.04
O4 NAG FA . 31.79 -10.71 16.67
O5 NAG FA . 30.87 -7.30 15.61
O6 NAG FA . 30.39 -8.66 13.25
O7 NAG FA . 31.21 -5.53 20.20
C1 NAG GA . 33.92 16.31 27.15
C2 NAG GA . 32.98 17.34 27.77
C3 NAG GA . 32.50 18.33 26.71
C4 NAG GA . 33.70 18.97 26.05
C5 NAG GA . 34.58 17.88 25.46
C6 NAG GA . 35.79 18.41 24.68
C7 NAG GA . 31.18 17.18 29.40
C8 NAG GA . 30.06 16.32 29.95
N2 NAG GA . 31.87 16.65 28.39
O3 NAG GA . 31.67 19.35 27.27
O4 NAG GA . 33.30 19.91 25.04
O5 NAG GA . 35.00 17.02 26.53
O6 NAG GA . 36.54 19.34 25.46
O7 NAG GA . 31.44 18.28 29.84
C1 NAG HA . 47.07 9.37 -5.83
C2 NAG HA . 48.41 9.98 -5.42
C3 NAG HA . 48.55 11.44 -5.81
C4 NAG HA . 48.33 11.57 -7.32
C5 NAG HA . 47.01 10.91 -7.73
C6 NAG HA . 46.93 10.76 -9.25
C7 NAG HA . 49.16 8.79 -3.43
C8 NAG HA . 49.22 8.75 -1.94
N2 NAG HA . 48.54 9.84 -3.98
O3 NAG HA . 49.88 11.90 -5.51
O4 NAG HA . 48.33 12.96 -7.69
O5 NAG HA . 46.80 9.59 -7.21
O6 NAG HA . 47.43 9.45 -9.66
O7 NAG HA . 49.68 7.91 -4.10
C1 NAG IA . -0.02 3.57 -9.56
C2 NAG IA . 0.69 2.21 -9.60
C3 NAG IA . 0.40 1.36 -8.36
C4 NAG IA . 0.64 2.17 -7.08
C5 NAG IA . -0.19 3.46 -7.15
C6 NAG IA . -0.06 4.34 -5.91
C7 NAG IA . 1.28 0.87 -11.59
C8 NAG IA . 0.73 0.16 -12.80
N2 NAG IA . 0.36 1.48 -10.81
O3 NAG IA . 1.29 0.24 -8.36
O4 NAG IA . 0.30 1.40 -5.92
O5 NAG IA . 0.22 4.20 -8.30
O6 NAG IA . 1.31 4.63 -5.61
O7 NAG IA . 2.48 0.86 -11.34
C1 NAG JA . 23.90 15.34 -36.41
C2 NAG JA . 24.20 13.95 -36.96
C3 NAG JA . 23.07 13.47 -37.86
C4 NAG JA . 21.68 13.70 -37.27
C5 NAG JA . 21.54 15.09 -36.66
C6 NAG JA . 20.23 15.26 -35.90
C7 NAG JA . 26.37 13.03 -37.71
C8 NAG JA . 27.53 13.19 -38.65
N2 NAG JA . 25.40 13.95 -37.78
O3 NAG JA . 23.26 12.08 -38.10
O4 NAG JA . 20.73 13.57 -38.33
O5 NAG JA . 22.63 15.32 -35.76
O6 NAG JA . 20.29 14.51 -34.69
O7 NAG JA . 26.36 12.10 -36.91
C1 NAG KA . 30.09 28.17 -12.04
C2 NAG KA . 30.52 29.51 -12.67
C3 NAG KA . 31.57 30.24 -11.83
C4 NAG KA . 31.18 30.20 -10.35
C5 NAG KA . 31.12 28.75 -9.84
C6 NAG KA . 30.08 28.59 -8.72
C7 NAG KA . 30.36 29.66 -15.15
C8 NAG KA . 31.03 29.36 -16.45
N2 NAG KA . 31.02 29.29 -14.04
O3 NAG KA . 31.66 31.60 -12.29
O4 NAG KA . 32.10 30.99 -9.57
O5 NAG KA . 30.86 27.76 -10.87
O6 NAG KA . 30.62 27.81 -7.65
O7 NAG KA . 29.26 30.20 -15.14
C1 NAG LA . 14.08 39.14 -12.21
C2 NAG LA . 14.08 40.10 -13.41
C3 NAG LA . 14.55 41.50 -13.05
C4 NAG LA . 13.95 42.03 -11.74
C5 NAG LA . 14.04 40.95 -10.64
C6 NAG LA . 13.39 41.35 -9.31
C7 NAG LA . 14.44 39.12 -15.62
C8 NAG LA . 15.43 38.70 -16.66
N2 NAG LA . 14.94 39.63 -14.50
O3 NAG LA . 14.14 42.33 -14.14
O4 NAG LA . 14.65 43.21 -11.32
O5 NAG LA . 13.39 39.77 -11.12
O6 NAG LA . 11.99 41.55 -9.53
O7 NAG LA . 13.26 39.00 -15.80
C1 NAG MA . -11.18 26.69 -2.69
C2 NAG MA . -11.67 27.85 -3.58
C3 NAG MA . -11.83 29.15 -2.79
C4 NAG MA . -12.64 28.91 -1.54
C5 NAG MA . -11.98 27.78 -0.73
C6 NAG MA . -12.66 27.51 0.59
C7 NAG MA . -10.94 27.53 -5.88
C8 NAG MA . -9.88 27.73 -6.93
N2 NAG MA . -10.71 28.02 -4.66
O3 NAG MA . -12.48 30.12 -3.61
O4 NAG MA . -12.70 30.12 -0.77
O5 NAG MA . -12.00 26.59 -1.53
O6 NAG MA . -13.98 27.03 0.33
O7 NAG MA . -11.97 26.93 -6.14
#